data_1QRF
# 
_entry.id   1QRF 
# 
_audit_conform.dict_name       mmcif_pdbx.dic 
_audit_conform.dict_version    5.386 
_audit_conform.dict_location   http://mmcif.pdb.org/dictionaries/ascii/mmcif_pdbx.dic 
# 
loop_
_database_2.database_id 
_database_2.database_code 
_database_2.pdbx_database_accession 
_database_2.pdbx_DOI 
PDB   1QRF         pdb_00001qrf 10.2210/pdb1qrf/pdb 
RCSB  RCSB009177   ?            ?                   
WWPDB D_1000009177 ?            ?                   
# 
loop_
_pdbx_audit_revision_history.ordinal 
_pdbx_audit_revision_history.data_content_type 
_pdbx_audit_revision_history.major_revision 
_pdbx_audit_revision_history.minor_revision 
_pdbx_audit_revision_history.revision_date 
1 'Structure model' 1 0 1999-06-25 
2 'Structure model' 1 1 2008-04-27 
3 'Structure model' 1 2 2011-07-13 
4 'Structure model' 1 3 2024-02-14 
# 
_pdbx_audit_revision_details.ordinal             1 
_pdbx_audit_revision_details.revision_ordinal    1 
_pdbx_audit_revision_details.data_content_type   'Structure model' 
_pdbx_audit_revision_details.provider            repository 
_pdbx_audit_revision_details.type                'Initial release' 
_pdbx_audit_revision_details.description         ? 
_pdbx_audit_revision_details.details             ? 
# 
loop_
_pdbx_audit_revision_group.ordinal 
_pdbx_audit_revision_group.revision_ordinal 
_pdbx_audit_revision_group.data_content_type 
_pdbx_audit_revision_group.group 
1 2 'Structure model' 'Version format compliance' 
2 3 'Structure model' 'Derived calculations'      
3 3 'Structure model' 'Version format compliance' 
4 4 'Structure model' 'Data collection'           
5 4 'Structure model' 'Database references'       
6 4 'Structure model' 'Derived calculations'      
# 
loop_
_pdbx_audit_revision_category.ordinal 
_pdbx_audit_revision_category.revision_ordinal 
_pdbx_audit_revision_category.data_content_type 
_pdbx_audit_revision_category.category 
1 4 'Structure model' chem_comp_atom         
2 4 'Structure model' chem_comp_bond         
3 4 'Structure model' database_2             
4 4 'Structure model' pdbx_struct_conn_angle 
5 4 'Structure model' struct_conn            
6 4 'Structure model' struct_site            
# 
loop_
_pdbx_audit_revision_item.ordinal 
_pdbx_audit_revision_item.revision_ordinal 
_pdbx_audit_revision_item.data_content_type 
_pdbx_audit_revision_item.item 
1  4 'Structure model' '_database_2.pdbx_DOI'                        
2  4 'Structure model' '_database_2.pdbx_database_accession'         
3  4 'Structure model' '_pdbx_struct_conn_angle.ptnr1_auth_comp_id'  
4  4 'Structure model' '_pdbx_struct_conn_angle.ptnr1_auth_seq_id'   
5  4 'Structure model' '_pdbx_struct_conn_angle.ptnr1_label_asym_id' 
6  4 'Structure model' '_pdbx_struct_conn_angle.ptnr1_label_atom_id' 
7  4 'Structure model' '_pdbx_struct_conn_angle.ptnr1_label_comp_id' 
8  4 'Structure model' '_pdbx_struct_conn_angle.ptnr1_label_seq_id'  
9  4 'Structure model' '_pdbx_struct_conn_angle.ptnr1_symmetry'      
10 4 'Structure model' '_pdbx_struct_conn_angle.ptnr3_auth_comp_id'  
11 4 'Structure model' '_pdbx_struct_conn_angle.ptnr3_auth_seq_id'   
12 4 'Structure model' '_pdbx_struct_conn_angle.ptnr3_label_asym_id' 
13 4 'Structure model' '_pdbx_struct_conn_angle.ptnr3_label_atom_id' 
14 4 'Structure model' '_pdbx_struct_conn_angle.ptnr3_label_comp_id' 
15 4 'Structure model' '_pdbx_struct_conn_angle.ptnr3_label_seq_id'  
16 4 'Structure model' '_pdbx_struct_conn_angle.ptnr3_symmetry'      
17 4 'Structure model' '_pdbx_struct_conn_angle.value'               
18 4 'Structure model' '_struct_conn.pdbx_dist_value'                
19 4 'Structure model' '_struct_conn.ptnr1_auth_comp_id'             
20 4 'Structure model' '_struct_conn.ptnr1_auth_seq_id'              
21 4 'Structure model' '_struct_conn.ptnr1_label_asym_id'            
22 4 'Structure model' '_struct_conn.ptnr1_label_atom_id'            
23 4 'Structure model' '_struct_conn.ptnr1_label_comp_id'            
24 4 'Structure model' '_struct_conn.ptnr1_label_seq_id'             
25 4 'Structure model' '_struct_conn.ptnr1_symmetry'                 
26 4 'Structure model' '_struct_conn.ptnr2_auth_comp_id'             
27 4 'Structure model' '_struct_conn.ptnr2_auth_seq_id'              
28 4 'Structure model' '_struct_conn.ptnr2_label_asym_id'            
29 4 'Structure model' '_struct_conn.ptnr2_label_atom_id'            
30 4 'Structure model' '_struct_conn.ptnr2_label_comp_id'            
31 4 'Structure model' '_struct_conn.ptnr2_label_seq_id'             
32 4 'Structure model' '_struct_conn.ptnr2_symmetry'                 
33 4 'Structure model' '_struct_site.pdbx_auth_asym_id'              
34 4 'Structure model' '_struct_site.pdbx_auth_comp_id'              
35 4 'Structure model' '_struct_site.pdbx_auth_seq_id'               
# 
_pdbx_database_status.status_code                     REL 
_pdbx_database_status.entry_id                        1QRF 
_pdbx_database_status.recvd_initial_deposition_date   1999-06-13 
_pdbx_database_status.deposit_site                    RCSB 
_pdbx_database_status.process_site                    RCSB 
_pdbx_database_status.SG_entry                        . 
_pdbx_database_status.pdb_format_compatible           Y 
_pdbx_database_status.status_code_mr                  ? 
_pdbx_database_status.status_code_sf                  ? 
_pdbx_database_status.status_code_cs                  ? 
_pdbx_database_status.status_code_nmr_data            ? 
_pdbx_database_status.methods_development_category    ? 
# 
loop_
_pdbx_database_related.db_name 
_pdbx_database_related.db_id 
_pdbx_database_related.details 
_pdbx_database_related.content_type 
PDB 1THJ 'CARBONIC ANHYDRASE'                                  unspecified 
PDB 1QQ0 'COBALT SUBSTITUTED CARBONIC ANHYDRASE'               unspecified 
PDB 1QQE 'COBALT SUBSTITUTED CARBONIC ANHYDRASE + BICARBONATE' unspecified 
PDB 1QRG 'CARBONIC ANHYDRASE'                                  unspecified 
PDB 1QRL 'CARBONIC ANHYDRASE + BICARBONATE'                    unspecified 
PDB 1QRM 'CARBONIC ANHYDRASE + SULFATE'                        unspecified 
# 
loop_
_audit_author.name 
_audit_author.pdbx_ordinal 
'Iverson, T.M.' 1 
'Alber, B.E.'   2 
'Kisker, C.'    3 
'Ferry, J.G.'   4 
'Rees, D.C.'    5 
# 
loop_
_citation.id 
_citation.title 
_citation.journal_abbrev 
_citation.journal_volume 
_citation.page_first 
_citation.page_last 
_citation.year 
_citation.journal_id_ASTM 
_citation.country 
_citation.journal_id_ISSN 
_citation.journal_id_CSD 
_citation.book_publisher 
_citation.pdbx_database_id_PubMed 
_citation.pdbx_database_id_DOI 
primary 
;A closer look at the active site of gamma-class carbonic anhydrases: high-resolution crystallographic studies of the carbonic anhydrase from Methanosarcina thermophila.
;
Biochemistry 39 9222 9231 2000 BICHAW US 0006-2960 0033 ? 10924115 10.1021/bi000204s 
1       
'A Left-Handed Beta-Helix Revealed by the Crystal Structure of a Carbonic Anhydrase from the Archaeon Methanosarcina thermophila' 
'Embo J.'    15 2323 2330 1996 EMJODG UK 0261-4189 0897 ? ?        ?                 
# 
loop_
_citation_author.citation_id 
_citation_author.name 
_citation_author.ordinal 
_citation_author.identifier_ORCID 
primary 'Iverson, T.M.'  1  ? 
primary 'Alber, B.E.'    2  ? 
primary 'Kisker, C.'     3  ? 
primary 'Ferry, J.G.'    4  ? 
primary 'Rees, D.C.'     5  ? 
1       'Kisker, C.'     6  ? 
1       'Schindelin, H.' 7  ? 
1       'Alber, B.'      8  ? 
1       'Ferry, J.'      9  ? 
1       'Rees, D.'       10 ? 
# 
loop_
_entity.id 
_entity.type 
_entity.src_method 
_entity.pdbx_description 
_entity.formula_weight 
_entity.pdbx_number_of_molecules 
_entity.pdbx_ec 
_entity.pdbx_mutation 
_entity.pdbx_fragment 
_entity.details 
1 polymer     man 'CARBONIC ANHYDRASE' 22888.258 1  ? ? ? ? 
2 non-polymer syn 'SULFATE ION'        96.063    1  ? ? ? ? 
3 non-polymer syn 'COBALT (II) ION'    58.933    1  ? ? ? ? 
4 water       nat water                18.015    85 ? ? ? ? 
# 
_entity_poly.entity_id                      1 
_entity_poly.type                           'polypeptide(L)' 
_entity_poly.nstd_linkage                   no 
_entity_poly.nstd_monomer                   no 
_entity_poly.pdbx_seq_one_letter_code       
;QEITVDEFSNIRENPVTPWNPEPSAPVIDPTAYIDPQASVIGEVTIGANVMVSPMASIRSDEGMPIFVGDRSNVQDGVVL
HALETINEEGEPIEDNIVEVDGKEYAVYIGNNVSLAHQSQVHGPAAVGDDTFIGMQAFVFKSKVGNNCVLEPRSAAIGVT
IPDGRYIPAGMVVTSQAEADKLPEVTDDYAYSHTNEAVVYVNVHLAEGYKETS
;
_entity_poly.pdbx_seq_one_letter_code_can   
;QEITVDEFSNIRENPVTPWNPEPSAPVIDPTAYIDPQASVIGEVTIGANVMVSPMASIRSDEGMPIFVGDRSNVQDGVVL
HALETINEEGEPIEDNIVEVDGKEYAVYIGNNVSLAHQSQVHGPAAVGDDTFIGMQAFVFKSKVGNNCVLEPRSAAIGVT
IPDGRYIPAGMVVTSQAEADKLPEVTDDYAYSHTNEAVVYVNVHLAEGYKETS
;
_entity_poly.pdbx_strand_id                 A 
_entity_poly.pdbx_target_identifier         ? 
# 
loop_
_pdbx_entity_nonpoly.entity_id 
_pdbx_entity_nonpoly.name 
_pdbx_entity_nonpoly.comp_id 
2 'SULFATE ION'     SO4 
3 'COBALT (II) ION' CO  
4 water             HOH 
# 
loop_
_entity_poly_seq.entity_id 
_entity_poly_seq.num 
_entity_poly_seq.mon_id 
_entity_poly_seq.hetero 
1 1   GLN n 
1 2   GLU n 
1 3   ILE n 
1 4   THR n 
1 5   VAL n 
1 6   ASP n 
1 7   GLU n 
1 8   PHE n 
1 9   SER n 
1 10  ASN n 
1 11  ILE n 
1 12  ARG n 
1 13  GLU n 
1 14  ASN n 
1 15  PRO n 
1 16  VAL n 
1 17  THR n 
1 18  PRO n 
1 19  TRP n 
1 20  ASN n 
1 21  PRO n 
1 22  GLU n 
1 23  PRO n 
1 24  SER n 
1 25  ALA n 
1 26  PRO n 
1 27  VAL n 
1 28  ILE n 
1 29  ASP n 
1 30  PRO n 
1 31  THR n 
1 32  ALA n 
1 33  TYR n 
1 34  ILE n 
1 35  ASP n 
1 36  PRO n 
1 37  GLN n 
1 38  ALA n 
1 39  SER n 
1 40  VAL n 
1 41  ILE n 
1 42  GLY n 
1 43  GLU n 
1 44  VAL n 
1 45  THR n 
1 46  ILE n 
1 47  GLY n 
1 48  ALA n 
1 49  ASN n 
1 50  VAL n 
1 51  MET n 
1 52  VAL n 
1 53  SER n 
1 54  PRO n 
1 55  MET n 
1 56  ALA n 
1 57  SER n 
1 58  ILE n 
1 59  ARG n 
1 60  SER n 
1 61  ASP n 
1 62  GLU n 
1 63  GLY n 
1 64  MET n 
1 65  PRO n 
1 66  ILE n 
1 67  PHE n 
1 68  VAL n 
1 69  GLY n 
1 70  ASP n 
1 71  ARG n 
1 72  SER n 
1 73  ASN n 
1 74  VAL n 
1 75  GLN n 
1 76  ASP n 
1 77  GLY n 
1 78  VAL n 
1 79  VAL n 
1 80  LEU n 
1 81  HIS n 
1 82  ALA n 
1 83  LEU n 
1 84  GLU n 
1 85  THR n 
1 86  ILE n 
1 87  ASN n 
1 88  GLU n 
1 89  GLU n 
1 90  GLY n 
1 91  GLU n 
1 92  PRO n 
1 93  ILE n 
1 94  GLU n 
1 95  ASP n 
1 96  ASN n 
1 97  ILE n 
1 98  VAL n 
1 99  GLU n 
1 100 VAL n 
1 101 ASP n 
1 102 GLY n 
1 103 LYS n 
1 104 GLU n 
1 105 TYR n 
1 106 ALA n 
1 107 VAL n 
1 108 TYR n 
1 109 ILE n 
1 110 GLY n 
1 111 ASN n 
1 112 ASN n 
1 113 VAL n 
1 114 SER n 
1 115 LEU n 
1 116 ALA n 
1 117 HIS n 
1 118 GLN n 
1 119 SER n 
1 120 GLN n 
1 121 VAL n 
1 122 HIS n 
1 123 GLY n 
1 124 PRO n 
1 125 ALA n 
1 126 ALA n 
1 127 VAL n 
1 128 GLY n 
1 129 ASP n 
1 130 ASP n 
1 131 THR n 
1 132 PHE n 
1 133 ILE n 
1 134 GLY n 
1 135 MET n 
1 136 GLN n 
1 137 ALA n 
1 138 PHE n 
1 139 VAL n 
1 140 PHE n 
1 141 LYS n 
1 142 SER n 
1 143 LYS n 
1 144 VAL n 
1 145 GLY n 
1 146 ASN n 
1 147 ASN n 
1 148 CYS n 
1 149 VAL n 
1 150 LEU n 
1 151 GLU n 
1 152 PRO n 
1 153 ARG n 
1 154 SER n 
1 155 ALA n 
1 156 ALA n 
1 157 ILE n 
1 158 GLY n 
1 159 VAL n 
1 160 THR n 
1 161 ILE n 
1 162 PRO n 
1 163 ASP n 
1 164 GLY n 
1 165 ARG n 
1 166 TYR n 
1 167 ILE n 
1 168 PRO n 
1 169 ALA n 
1 170 GLY n 
1 171 MET n 
1 172 VAL n 
1 173 VAL n 
1 174 THR n 
1 175 SER n 
1 176 GLN n 
1 177 ALA n 
1 178 GLU n 
1 179 ALA n 
1 180 ASP n 
1 181 LYS n 
1 182 LEU n 
1 183 PRO n 
1 184 GLU n 
1 185 VAL n 
1 186 THR n 
1 187 ASP n 
1 188 ASP n 
1 189 TYR n 
1 190 ALA n 
1 191 TYR n 
1 192 SER n 
1 193 HIS n 
1 194 THR n 
1 195 ASN n 
1 196 GLU n 
1 197 ALA n 
1 198 VAL n 
1 199 VAL n 
1 200 TYR n 
1 201 VAL n 
1 202 ASN n 
1 203 VAL n 
1 204 HIS n 
1 205 LEU n 
1 206 ALA n 
1 207 GLU n 
1 208 GLY n 
1 209 TYR n 
1 210 LYS n 
1 211 GLU n 
1 212 THR n 
1 213 SER n 
# 
_entity_src_gen.entity_id                          1 
_entity_src_gen.pdbx_src_id                        1 
_entity_src_gen.pdbx_alt_source_flag               sample 
_entity_src_gen.pdbx_seq_type                      ? 
_entity_src_gen.pdbx_beg_seq_num                   ? 
_entity_src_gen.pdbx_end_seq_num                   ? 
_entity_src_gen.gene_src_common_name               ? 
_entity_src_gen.gene_src_genus                     Methanosarcina 
_entity_src_gen.pdbx_gene_src_gene                 ? 
_entity_src_gen.gene_src_species                   ? 
_entity_src_gen.gene_src_strain                    ? 
_entity_src_gen.gene_src_tissue                    ? 
_entity_src_gen.gene_src_tissue_fraction           ? 
_entity_src_gen.gene_src_details                   ? 
_entity_src_gen.pdbx_gene_src_fragment             ? 
_entity_src_gen.pdbx_gene_src_scientific_name      'Methanosarcina thermophila' 
_entity_src_gen.pdbx_gene_src_ncbi_taxonomy_id     2210 
_entity_src_gen.pdbx_gene_src_variant              ? 
_entity_src_gen.pdbx_gene_src_cell_line            ? 
_entity_src_gen.pdbx_gene_src_atcc                 ? 
_entity_src_gen.pdbx_gene_src_organ                ? 
_entity_src_gen.pdbx_gene_src_organelle            ? 
_entity_src_gen.pdbx_gene_src_cell                 ? 
_entity_src_gen.pdbx_gene_src_cellular_location    ? 
_entity_src_gen.host_org_common_name               ? 
_entity_src_gen.pdbx_host_org_scientific_name      'Escherichia coli' 
_entity_src_gen.pdbx_host_org_ncbi_taxonomy_id     562 
_entity_src_gen.host_org_genus                     Escherichia 
_entity_src_gen.pdbx_host_org_gene                 ? 
_entity_src_gen.pdbx_host_org_organ                ? 
_entity_src_gen.host_org_species                   ? 
_entity_src_gen.pdbx_host_org_tissue               ? 
_entity_src_gen.pdbx_host_org_tissue_fraction      ? 
_entity_src_gen.pdbx_host_org_strain               ? 
_entity_src_gen.pdbx_host_org_variant              ? 
_entity_src_gen.pdbx_host_org_cell_line            ? 
_entity_src_gen.pdbx_host_org_atcc                 ? 
_entity_src_gen.pdbx_host_org_culture_collection   ? 
_entity_src_gen.pdbx_host_org_cell                 ? 
_entity_src_gen.pdbx_host_org_organelle            ? 
_entity_src_gen.pdbx_host_org_cellular_location    ? 
_entity_src_gen.pdbx_host_org_vector_type          ? 
_entity_src_gen.pdbx_host_org_vector               ? 
_entity_src_gen.host_org_details                   ? 
_entity_src_gen.expression_system_id               ? 
_entity_src_gen.plasmid_name                       ? 
_entity_src_gen.plasmid_details                    ? 
_entity_src_gen.pdbx_description                   ? 
# 
loop_
_chem_comp.id 
_chem_comp.type 
_chem_comp.mon_nstd_flag 
_chem_comp.name 
_chem_comp.pdbx_synonyms 
_chem_comp.formula 
_chem_comp.formula_weight 
ALA 'L-peptide linking' y ALANINE           ? 'C3 H7 N O2'     89.093  
ARG 'L-peptide linking' y ARGININE          ? 'C6 H15 N4 O2 1' 175.209 
ASN 'L-peptide linking' y ASPARAGINE        ? 'C4 H8 N2 O3'    132.118 
ASP 'L-peptide linking' y 'ASPARTIC ACID'   ? 'C4 H7 N O4'     133.103 
CO  non-polymer         . 'COBALT (II) ION' ? 'Co 2'           58.933  
CYS 'L-peptide linking' y CYSTEINE          ? 'C3 H7 N O2 S'   121.158 
GLN 'L-peptide linking' y GLUTAMINE         ? 'C5 H10 N2 O3'   146.144 
GLU 'L-peptide linking' y 'GLUTAMIC ACID'   ? 'C5 H9 N O4'     147.129 
GLY 'peptide linking'   y GLYCINE           ? 'C2 H5 N O2'     75.067  
HIS 'L-peptide linking' y HISTIDINE         ? 'C6 H10 N3 O2 1' 156.162 
HOH non-polymer         . WATER             ? 'H2 O'           18.015  
ILE 'L-peptide linking' y ISOLEUCINE        ? 'C6 H13 N O2'    131.173 
LEU 'L-peptide linking' y LEUCINE           ? 'C6 H13 N O2'    131.173 
LYS 'L-peptide linking' y LYSINE            ? 'C6 H15 N2 O2 1' 147.195 
MET 'L-peptide linking' y METHIONINE        ? 'C5 H11 N O2 S'  149.211 
PHE 'L-peptide linking' y PHENYLALANINE     ? 'C9 H11 N O2'    165.189 
PRO 'L-peptide linking' y PROLINE           ? 'C5 H9 N O2'     115.130 
SER 'L-peptide linking' y SERINE            ? 'C3 H7 N O3'     105.093 
SO4 non-polymer         . 'SULFATE ION'     ? 'O4 S -2'        96.063  
THR 'L-peptide linking' y THREONINE         ? 'C4 H9 N O3'     119.119 
TRP 'L-peptide linking' y TRYPTOPHAN        ? 'C11 H12 N2 O2'  204.225 
TYR 'L-peptide linking' y TYROSINE          ? 'C9 H11 N O3'    181.189 
VAL 'L-peptide linking' y VALINE            ? 'C5 H11 N O2'    117.146 
# 
loop_
_pdbx_poly_seq_scheme.asym_id 
_pdbx_poly_seq_scheme.entity_id 
_pdbx_poly_seq_scheme.seq_id 
_pdbx_poly_seq_scheme.mon_id 
_pdbx_poly_seq_scheme.ndb_seq_num 
_pdbx_poly_seq_scheme.pdb_seq_num 
_pdbx_poly_seq_scheme.auth_seq_num 
_pdbx_poly_seq_scheme.pdb_mon_id 
_pdbx_poly_seq_scheme.auth_mon_id 
_pdbx_poly_seq_scheme.pdb_strand_id 
_pdbx_poly_seq_scheme.pdb_ins_code 
_pdbx_poly_seq_scheme.hetero 
A 1 1   GLN 1   1   ?   ?   ?   A . n 
A 1 2   GLU 2   2   ?   ?   ?   A . n 
A 1 3   ILE 3   3   ?   ?   ?   A . n 
A 1 4   THR 4   4   ?   ?   ?   A . n 
A 1 5   VAL 5   5   ?   ?   ?   A . n 
A 1 6   ASP 6   6   ?   ?   ?   A . n 
A 1 7   GLU 7   7   ?   ?   ?   A . n 
A 1 8   PHE 8   8   8   PHE PHE A . n 
A 1 9   SER 9   9   9   SER SER A . n 
A 1 10  ASN 10  10  10  ASN ASN A . n 
A 1 11  ILE 11  11  11  ILE ILE A . n 
A 1 12  ARG 12  12  12  ARG ARG A . n 
A 1 13  GLU 13  13  13  GLU ALA A . n 
A 1 14  ASN 14  14  14  ASN ASN A . n 
A 1 15  PRO 15  15  15  PRO PRO A . n 
A 1 16  VAL 16  16  16  VAL VAL A . n 
A 1 17  THR 17  17  17  THR THR A . n 
A 1 18  PRO 18  18  18  PRO PRO A . n 
A 1 19  TRP 19  19  19  TRP TRP A . n 
A 1 20  ASN 20  20  20  ASN ASN A . n 
A 1 21  PRO 21  21  21  PRO PRO A . n 
A 1 22  GLU 22  22  22  GLU ALA A . n 
A 1 23  PRO 23  23  23  PRO PRO A . n 
A 1 24  SER 24  24  24  SER SER A . n 
A 1 25  ALA 25  25  25  ALA ALA A . n 
A 1 26  PRO 26  26  26  PRO PRO A . n 
A 1 27  VAL 27  27  27  VAL VAL A . n 
A 1 28  ILE 28  28  28  ILE ILE A . n 
A 1 29  ASP 29  29  29  ASP ASP A . n 
A 1 30  PRO 30  30  30  PRO PRO A . n 
A 1 31  THR 31  31  31  THR THR A . n 
A 1 32  ALA 32  32  32  ALA ALA A . n 
A 1 33  TYR 33  33  33  TYR TYR A . n 
A 1 34  ILE 34  34  34  ILE ILE A . n 
A 1 35  ASP 35  35  35  ASP ASP A . n 
A 1 36  PRO 36  36  36  PRO PRO A . n 
A 1 37  GLN 37  37  37  GLN GLU A . n 
A 1 38  ALA 38  38  38  ALA ALA A . n 
A 1 39  SER 39  39  39  SER SER A . n 
A 1 40  VAL 40  40  40  VAL VAL A . n 
A 1 41  ILE 41  41  41  ILE ILE A . n 
A 1 42  GLY 42  42  42  GLY GLY A . n 
A 1 43  GLU 43  43  43  GLU GLU A . n 
A 1 44  VAL 44  44  44  VAL VAL A . n 
A 1 45  THR 45  45  45  THR THR A . n 
A 1 46  ILE 46  46  46  ILE ILE A . n 
A 1 47  GLY 47  47  47  GLY GLY A . n 
A 1 48  ALA 48  48  48  ALA ALA A . n 
A 1 49  ASN 49  49  49  ASN ASN A . n 
A 1 50  VAL 50  50  50  VAL VAL A . n 
A 1 51  MET 51  51  51  MET MET A . n 
A 1 52  VAL 52  52  52  VAL VAL A . n 
A 1 53  SER 53  53  53  SER SER A . n 
A 1 54  PRO 54  54  54  PRO PRO A . n 
A 1 55  MET 55  55  55  MET MET A . n 
A 1 56  ALA 56  56  56  ALA ALA A . n 
A 1 57  SER 57  57  57  SER SER A . n 
A 1 58  ILE 58  58  58  ILE ILE A . n 
A 1 59  ARG 59  59  59  ARG ARG A . n 
A 1 60  SER 60  60  60  SER SER A . n 
A 1 61  ASP 61  61  61  ASP ASP A . n 
A 1 62  GLU 62  62  62  GLU GLU A . n 
A 1 63  GLY 63  63  63  GLY GLY A . n 
A 1 64  MET 64  64  64  MET MET A . n 
A 1 65  PRO 65  65  65  PRO PRO A . n 
A 1 66  ILE 66  66  66  ILE ILE A . n 
A 1 67  PHE 67  67  67  PHE PHE A . n 
A 1 68  VAL 68  68  68  VAL VAL A . n 
A 1 69  GLY 69  69  69  GLY GLY A . n 
A 1 70  ASP 70  70  70  ASP ASP A . n 
A 1 71  ARG 71  71  71  ARG ARG A . n 
A 1 72  SER 72  72  72  SER SER A . n 
A 1 73  ASN 73  73  73  ASN ASN A . n 
A 1 74  VAL 74  74  74  VAL VAL A . n 
A 1 75  GLN 75  75  75  GLN GLN A . n 
A 1 76  ASP 76  76  76  ASP ASP A . n 
A 1 77  GLY 77  77  77  GLY GLY A . n 
A 1 78  VAL 78  78  78  VAL VAL A . n 
A 1 79  VAL 79  79  79  VAL VAL A . n 
A 1 80  LEU 80  80  80  LEU LEU A . n 
A 1 81  HIS 81  81  81  HIS HIS A . n 
A 1 82  ALA 82  82  82  ALA ALA A . n 
A 1 83  LEU 83  83  83  LEU LEU A . n 
A 1 84  GLU 84  84  84  GLU GLU A . n 
A 1 85  THR 85  85  85  THR THR A . n 
A 1 86  ILE 86  86  86  ILE ILE A . n 
A 1 87  ASN 87  87  87  ASN ALA A . n 
A 1 88  GLU 88  88  88  GLU GLU A . n 
A 1 89  GLU 89  89  89  GLU GLU A . n 
A 1 90  GLY 90  90  90  GLY GLY A . n 
A 1 91  GLU 91  91  91  GLU ALA A . n 
A 1 92  PRO 92  92  92  PRO PRO A . n 
A 1 93  ILE 93  93  93  ILE ILE A . n 
A 1 94  GLU 94  94  94  GLU GLU A . n 
A 1 95  ASP 95  95  95  ASP ASP A . n 
A 1 96  ASN 96  96  96  ASN ASN A . n 
A 1 97  ILE 97  97  97  ILE ILE A . n 
A 1 98  VAL 98  98  98  VAL VAL A . n 
A 1 99  GLU 99  99  99  GLU GLU A . n 
A 1 100 VAL 100 100 100 VAL VAL A . n 
A 1 101 ASP 101 101 101 ASP ASP A . n 
A 1 102 GLY 102 102 102 GLY GLY A . n 
A 1 103 LYS 103 103 103 LYS LYS A . n 
A 1 104 GLU 104 104 104 GLU GLU A . n 
A 1 105 TYR 105 105 105 TYR TYR A . n 
A 1 106 ALA 106 106 106 ALA ALA A . n 
A 1 107 VAL 107 107 107 VAL VAL A . n 
A 1 108 TYR 108 108 108 TYR TYR A . n 
A 1 109 ILE 109 109 109 ILE ILE A . n 
A 1 110 GLY 110 110 110 GLY GLY A . n 
A 1 111 ASN 111 111 111 ASN ASN A . n 
A 1 112 ASN 112 112 112 ASN ASN A . n 
A 1 113 VAL 113 113 113 VAL VAL A . n 
A 1 114 SER 114 114 114 SER SER A . n 
A 1 115 LEU 115 115 115 LEU LEU A . n 
A 1 116 ALA 116 116 116 ALA ALA A . n 
A 1 117 HIS 117 117 117 HIS HIS A . n 
A 1 118 GLN 118 118 118 GLN GLN A . n 
A 1 119 SER 119 119 119 SER SER A . n 
A 1 120 GLN 120 120 120 GLN GLN A . n 
A 1 121 VAL 121 121 121 VAL VAL A . n 
A 1 122 HIS 122 122 122 HIS HIS A . n 
A 1 123 GLY 123 123 123 GLY GLY A . n 
A 1 124 PRO 124 124 124 PRO PRO A . n 
A 1 125 ALA 125 125 125 ALA ALA A . n 
A 1 126 ALA 126 126 126 ALA ALA A . n 
A 1 127 VAL 127 127 127 VAL VAL A . n 
A 1 128 GLY 128 128 128 GLY GLY A . n 
A 1 129 ASP 129 129 129 ASP ASP A . n 
A 1 130 ASP 130 130 130 ASP ASP A . n 
A 1 131 THR 131 131 131 THR THR A . n 
A 1 132 PHE 132 132 132 PHE PHE A . n 
A 1 133 ILE 133 133 133 ILE ILE A . n 
A 1 134 GLY 134 134 134 GLY GLY A . n 
A 1 135 MET 135 135 135 MET MET A . n 
A 1 136 GLN 136 136 136 GLN GLN A . n 
A 1 137 ALA 137 137 137 ALA ALA A . n 
A 1 138 PHE 138 138 138 PHE PHE A . n 
A 1 139 VAL 139 139 139 VAL VAL A . n 
A 1 140 PHE 140 140 140 PHE PHE A . n 
A 1 141 LYS 141 141 141 LYS LYS A . n 
A 1 142 SER 142 142 142 SER SER A . n 
A 1 143 LYS 143 143 143 LYS LYS A . n 
A 1 144 VAL 144 144 144 VAL VAL A . n 
A 1 145 GLY 145 145 145 GLY GLY A . n 
A 1 146 ASN 146 146 146 ASN ASN A . n 
A 1 147 ASN 147 147 147 ASN ASN A . n 
A 1 148 CYS 148 148 148 CYS CYS A . n 
A 1 149 VAL 149 149 149 VAL VAL A . n 
A 1 150 LEU 150 150 150 LEU LEU A . n 
A 1 151 GLU 151 151 151 GLU GLU A . n 
A 1 152 PRO 152 152 152 PRO PRO A . n 
A 1 153 ARG 153 153 153 ARG ARG A . n 
A 1 154 SER 154 154 154 SER SER A . n 
A 1 155 ALA 155 155 155 ALA ALA A . n 
A 1 156 ALA 156 156 156 ALA ALA A . n 
A 1 157 ILE 157 157 157 ILE ILE A . n 
A 1 158 GLY 158 158 158 GLY GLY A . n 
A 1 159 VAL 159 159 159 VAL VAL A . n 
A 1 160 THR 160 160 160 THR THR A . n 
A 1 161 ILE 161 161 161 ILE ILE A . n 
A 1 162 PRO 162 162 162 PRO PRO A . n 
A 1 163 ASP 163 163 163 ASP ASP A . n 
A 1 164 GLY 164 164 164 GLY GLY A . n 
A 1 165 ARG 165 165 165 ARG ARG A . n 
A 1 166 TYR 166 166 166 TYR TYR A . n 
A 1 167 ILE 167 167 167 ILE ILE A . n 
A 1 168 PRO 168 168 168 PRO PRO A . n 
A 1 169 ALA 169 169 169 ALA ALA A . n 
A 1 170 GLY 170 170 170 GLY GLY A . n 
A 1 171 MET 171 171 171 MET MET A . n 
A 1 172 VAL 172 172 172 VAL VAL A . n 
A 1 173 VAL 173 173 173 VAL VAL A . n 
A 1 174 THR 174 174 174 THR THR A . n 
A 1 175 SER 175 175 175 SER SER A . n 
A 1 176 GLN 176 176 176 GLN GLN A . n 
A 1 177 ALA 177 177 177 ALA ALA A . n 
A 1 178 GLU 178 178 178 GLU GLU A . n 
A 1 179 ALA 179 179 179 ALA ALA A . n 
A 1 180 ASP 180 180 180 ASP ASP A . n 
A 1 181 LYS 181 181 181 LYS LYS A . n 
A 1 182 LEU 182 182 182 LEU LEU A . n 
A 1 183 PRO 183 183 183 PRO PRO A . n 
A 1 184 GLU 184 184 184 GLU GLU A . n 
A 1 185 VAL 185 185 185 VAL VAL A . n 
A 1 186 THR 186 186 186 THR THR A . n 
A 1 187 ASP 187 187 187 ASP ASP A . n 
A 1 188 ASP 188 188 188 ASP ASP A . n 
A 1 189 TYR 189 189 189 TYR TYR A . n 
A 1 190 ALA 190 190 190 ALA ALA A . n 
A 1 191 TYR 191 191 191 TYR TYR A . n 
A 1 192 SER 192 192 192 SER SER A . n 
A 1 193 HIS 193 193 193 HIS HIS A . n 
A 1 194 THR 194 194 194 THR THR A . n 
A 1 195 ASN 195 195 195 ASN ASN A . n 
A 1 196 GLU 196 196 196 GLU GLU A . n 
A 1 197 ALA 197 197 197 ALA ALA A . n 
A 1 198 VAL 198 198 198 VAL VAL A . n 
A 1 199 VAL 199 199 199 VAL VAL A . n 
A 1 200 TYR 200 200 200 TYR TYR A . n 
A 1 201 VAL 201 201 201 VAL VAL A . n 
A 1 202 ASN 202 202 202 ASN ASN A . n 
A 1 203 VAL 203 203 203 VAL VAL A . n 
A 1 204 HIS 204 204 204 HIS HIS A . n 
A 1 205 LEU 205 205 205 LEU LEU A . n 
A 1 206 ALA 206 206 206 ALA ALA A . n 
A 1 207 GLU 207 207 207 GLU GLU A . n 
A 1 208 GLY 208 208 208 GLY GLY A . n 
A 1 209 TYR 209 209 209 TYR TYR A . n 
A 1 210 LYS 210 210 210 LYS LYS A . n 
A 1 211 GLU 211 211 211 GLU GLU A . n 
A 1 212 THR 212 212 212 THR THR A . n 
A 1 213 SER 213 213 213 SER SER A . n 
# 
loop_
_pdbx_nonpoly_scheme.asym_id 
_pdbx_nonpoly_scheme.entity_id 
_pdbx_nonpoly_scheme.mon_id 
_pdbx_nonpoly_scheme.ndb_seq_num 
_pdbx_nonpoly_scheme.pdb_seq_num 
_pdbx_nonpoly_scheme.auth_seq_num 
_pdbx_nonpoly_scheme.pdb_mon_id 
_pdbx_nonpoly_scheme.auth_mon_id 
_pdbx_nonpoly_scheme.pdb_strand_id 
_pdbx_nonpoly_scheme.pdb_ins_code 
B 2 SO4 1  215 215 SO4 SUL A . 
C 3 CO  1  214 214 CO  COB A . 
D 4 HOH 1  216 1   HOH WAT A . 
D 4 HOH 2  217 3   HOH WAT A . 
D 4 HOH 3  218 4   HOH WAT A . 
D 4 HOH 4  219 5   HOH WAT A . 
D 4 HOH 5  220 6   HOH WAT A . 
D 4 HOH 6  221 7   HOH WAT A . 
D 4 HOH 7  222 8   HOH WAT A . 
D 4 HOH 8  223 9   HOH WAT A . 
D 4 HOH 9  224 10  HOH WAT A . 
D 4 HOH 10 225 11  HOH WAT A . 
D 4 HOH 11 226 12  HOH WAT A . 
D 4 HOH 12 227 13  HOH WAT A . 
D 4 HOH 13 228 14  HOH WAT A . 
D 4 HOH 14 229 15  HOH WAT A . 
D 4 HOH 15 230 16  HOH WAT A . 
D 4 HOH 16 231 17  HOH WAT A . 
D 4 HOH 17 232 18  HOH WAT A . 
D 4 HOH 18 233 19  HOH WAT A . 
D 4 HOH 19 234 20  HOH WAT A . 
D 4 HOH 20 235 21  HOH WAT A . 
D 4 HOH 21 236 22  HOH WAT A . 
D 4 HOH 22 237 23  HOH WAT A . 
D 4 HOH 23 238 24  HOH WAT A . 
D 4 HOH 24 239 25  HOH WAT A . 
D 4 HOH 25 240 26  HOH WAT A . 
D 4 HOH 26 241 27  HOH WAT A . 
D 4 HOH 27 242 28  HOH WAT A . 
D 4 HOH 28 243 29  HOH WAT A . 
D 4 HOH 29 244 30  HOH WAT A . 
D 4 HOH 30 245 31  HOH WAT A . 
D 4 HOH 31 246 32  HOH WAT A . 
D 4 HOH 32 247 33  HOH WAT A . 
D 4 HOH 33 248 34  HOH WAT A . 
D 4 HOH 34 249 35  HOH WAT A . 
D 4 HOH 35 250 37  HOH WAT A . 
D 4 HOH 36 251 38  HOH WAT A . 
D 4 HOH 37 252 39  HOH WAT A . 
D 4 HOH 38 253 40  HOH WAT A . 
D 4 HOH 39 254 41  HOH WAT A . 
D 4 HOH 40 255 42  HOH WAT A . 
D 4 HOH 41 256 43  HOH WAT A . 
D 4 HOH 42 257 44  HOH WAT A . 
D 4 HOH 43 258 45  HOH WAT A . 
D 4 HOH 44 259 46  HOH WAT A . 
D 4 HOH 45 260 47  HOH WAT A . 
D 4 HOH 46 261 48  HOH WAT A . 
D 4 HOH 47 262 49  HOH WAT A . 
D 4 HOH 48 263 50  HOH WAT A . 
D 4 HOH 49 264 51  HOH WAT A . 
D 4 HOH 50 265 52  HOH WAT A . 
D 4 HOH 51 266 53  HOH WAT A . 
D 4 HOH 52 267 54  HOH WAT A . 
D 4 HOH 53 268 55  HOH WAT A . 
D 4 HOH 54 269 56  HOH WAT A . 
D 4 HOH 55 270 57  HOH WAT A . 
D 4 HOH 56 271 59  HOH WAT A . 
D 4 HOH 57 272 60  HOH WAT A . 
D 4 HOH 58 273 61  HOH WAT A . 
D 4 HOH 59 274 62  HOH WAT A . 
D 4 HOH 60 275 63  HOH WAT A . 
D 4 HOH 61 276 64  HOH WAT A . 
D 4 HOH 62 277 65  HOH WAT A . 
D 4 HOH 63 278 66  HOH WAT A . 
D 4 HOH 64 279 67  HOH WAT A . 
D 4 HOH 65 280 68  HOH WAT A . 
D 4 HOH 66 281 69  HOH WAT A . 
D 4 HOH 67 282 70  HOH WAT A . 
D 4 HOH 68 283 71  HOH WAT A . 
D 4 HOH 69 284 72  HOH WAT A . 
D 4 HOH 70 285 73  HOH WAT A . 
D 4 HOH 71 286 74  HOH WAT A . 
D 4 HOH 72 287 75  HOH WAT A . 
D 4 HOH 73 288 76  HOH WAT A . 
D 4 HOH 74 289 77  HOH WAT A . 
D 4 HOH 75 290 78  HOH WAT A . 
D 4 HOH 76 291 80  HOH WAT A . 
D 4 HOH 77 292 81  HOH WAT A . 
D 4 HOH 78 293 82  HOH WAT A . 
D 4 HOH 79 294 83  HOH WAT A . 
D 4 HOH 80 295 84  HOH WAT A . 
D 4 HOH 81 296 85  HOH WAT A . 
D 4 HOH 82 297 86  HOH WAT A . 
D 4 HOH 83 298 87  HOH WAT A . 
D 4 HOH 84 299 88  HOH WAT A . 
D 4 HOH 85 300 214 HOH COB A . 
# 
loop_
_pdbx_unobs_or_zero_occ_atoms.id 
_pdbx_unobs_or_zero_occ_atoms.PDB_model_num 
_pdbx_unobs_or_zero_occ_atoms.polymer_flag 
_pdbx_unobs_or_zero_occ_atoms.occupancy_flag 
_pdbx_unobs_or_zero_occ_atoms.auth_asym_id 
_pdbx_unobs_or_zero_occ_atoms.auth_comp_id 
_pdbx_unobs_or_zero_occ_atoms.auth_seq_id 
_pdbx_unobs_or_zero_occ_atoms.PDB_ins_code 
_pdbx_unobs_or_zero_occ_atoms.auth_atom_id 
_pdbx_unobs_or_zero_occ_atoms.label_alt_id 
_pdbx_unobs_or_zero_occ_atoms.label_asym_id 
_pdbx_unobs_or_zero_occ_atoms.label_comp_id 
_pdbx_unobs_or_zero_occ_atoms.label_seq_id 
_pdbx_unobs_or_zero_occ_atoms.label_atom_id 
1  1 Y 1 A GLU 13 ? CG  ? A GLU 13 CG  
2  1 Y 1 A GLU 13 ? CD  ? A GLU 13 CD  
3  1 Y 1 A GLU 13 ? OE1 ? A GLU 13 OE1 
4  1 Y 1 A GLU 13 ? OE2 ? A GLU 13 OE2 
5  1 Y 1 A GLU 22 ? CG  ? A GLU 22 CG  
6  1 Y 1 A GLU 22 ? CD  ? A GLU 22 CD  
7  1 Y 1 A GLU 22 ? OE1 ? A GLU 22 OE1 
8  1 Y 1 A GLU 22 ? OE2 ? A GLU 22 OE2 
9  1 Y 1 A ASN 87 ? CG  ? A ASN 87 CG  
10 1 Y 1 A ASN 87 ? OD1 ? A ASN 87 OD1 
11 1 Y 1 A ASN 87 ? ND2 ? A ASN 87 ND2 
12 1 Y 1 A GLU 91 ? CG  ? A GLU 91 CG  
13 1 Y 1 A GLU 91 ? CD  ? A GLU 91 CD  
14 1 Y 1 A GLU 91 ? OE1 ? A GLU 91 OE1 
15 1 Y 1 A GLU 91 ? OE2 ? A GLU 91 OE2 
# 
loop_
_software.name 
_software.classification 
_software.version 
_software.citation_id 
_software.pdbx_ordinal 
REFMAC    refinement       . ? 1 
DENZO     'data reduction' . ? 2 
SCALEPACK 'data scaling'   . ? 3 
# 
_cell.entry_id           1QRF 
_cell.length_a           82.608 
_cell.length_b           82.608 
_cell.length_c           82.608 
_cell.angle_alpha        90.00 
_cell.angle_beta         90.00 
_cell.angle_gamma        90.00 
_cell.Z_PDB              12 
_cell.pdbx_unique_axis   ? 
# 
_symmetry.entry_id                         1QRF 
_symmetry.space_group_name_H-M             'P 21 3' 
_symmetry.pdbx_full_space_group_name_H-M   ? 
_symmetry.cell_setting                     ? 
_symmetry.Int_Tables_number                198 
# 
_exptl.entry_id          1QRF 
_exptl.method            'X-RAY DIFFRACTION' 
_exptl.crystals_number   1 
# 
_exptl_crystal.id                    1 
_exptl_crystal.density_meas          ? 
_exptl_crystal.density_Matthews      2.05 
_exptl_crystal.density_percent_sol   40.03 
_exptl_crystal.description           ? 
# 
_exptl_crystal_grow.crystal_id      1 
_exptl_crystal_grow.method          'VAPOR DIFFUSION, HANGING DROP' 
_exptl_crystal_grow.temp            298 
_exptl_crystal_grow.temp_details    ? 
_exptl_crystal_grow.pH              5.8 
_exptl_crystal_grow.pdbx_details    'PEG 8000, ammonium sulfate, pH 5.8, VAPOR DIFFUSION, HANGING DROP, temperature 298K' 
_exptl_crystal_grow.pdbx_pH_range   . 
# 
_diffrn.id                     1 
_diffrn.ambient_temp           100 
_diffrn.ambient_temp_details   ? 
_diffrn.crystal_id             1 
# 
_diffrn_detector.diffrn_id              1 
_diffrn_detector.detector               'IMAGE PLATE' 
_diffrn_detector.type                   MARRESEARCH 
_diffrn_detector.pdbx_collection_date   1997-07-19 
_diffrn_detector.details                ? 
# 
_diffrn_radiation.diffrn_id                        1 
_diffrn_radiation.wavelength_id                    1 
_diffrn_radiation.pdbx_monochromatic_or_laue_m_l   M 
_diffrn_radiation.monochromator                    ? 
_diffrn_radiation.pdbx_diffrn_protocol             'SINGLE WAVELENGTH' 
_diffrn_radiation.pdbx_scattering_type             x-ray 
# 
_diffrn_radiation_wavelength.id           1 
_diffrn_radiation_wavelength.wavelength   1.08 
_diffrn_radiation_wavelength.wt           1.0 
# 
_diffrn_source.diffrn_id                   1 
_diffrn_source.source                      SYNCHROTRON 
_diffrn_source.type                        'SSRL BEAMLINE BL7-1' 
_diffrn_source.pdbx_synchrotron_site       SSRL 
_diffrn_source.pdbx_synchrotron_beamline   BL7-1 
_diffrn_source.pdbx_wavelength             1.08 
_diffrn_source.pdbx_wavelength_list        ? 
# 
_reflns.entry_id                     1QRF 
_reflns.observed_criterion_sigma_I   3 
_reflns.observed_criterion_sigma_F   3 
_reflns.d_resolution_low             20 
_reflns.d_resolution_high            1.55 
_reflns.number_obs                   25247 
_reflns.number_all                   27562 
_reflns.percent_possible_obs         91.6 
_reflns.pdbx_Rmerge_I_obs            0.0710000 
_reflns.pdbx_Rsym_value              ? 
_reflns.pdbx_netI_over_sigmaI        15 
_reflns.B_iso_Wilson_estimate        20 
_reflns.pdbx_redundancy              3.6 
_reflns.R_free_details               ? 
_reflns.limit_h_max                  ? 
_reflns.limit_h_min                  ? 
_reflns.limit_k_max                  ? 
_reflns.limit_k_min                  ? 
_reflns.limit_l_max                  ? 
_reflns.limit_l_min                  ? 
_reflns.observed_criterion_F_max     ? 
_reflns.observed_criterion_F_min     ? 
_reflns.pdbx_ordinal                 1 
_reflns.pdbx_diffrn_id               1 
# 
_reflns_shell.d_res_high             1.55 
_reflns_shell.d_res_low              1.61 
_reflns_shell.percent_possible_all   90.3 
_reflns_shell.Rmerge_I_obs           0.2760000 
_reflns_shell.pdbx_Rsym_value        ? 
_reflns_shell.meanI_over_sigI_obs    ? 
_reflns_shell.pdbx_redundancy        3 
_reflns_shell.percent_possible_obs   ? 
_reflns_shell.number_unique_all      ? 
_reflns_shell.pdbx_ordinal           1 
_reflns_shell.pdbx_diffrn_id         1 
# 
_refine.entry_id                                 1QRF 
_refine.ls_number_reflns_obs                     25247 
_refine.ls_number_reflns_all                     27562 
_refine.pdbx_ls_sigma_I                          0 
_refine.pdbx_ls_sigma_F                          0 
_refine.pdbx_data_cutoff_high_absF               ? 
_refine.pdbx_data_cutoff_low_absF                ? 
_refine.ls_d_res_low                             20.0 
_refine.ls_d_res_high                            1.55 
_refine.ls_percent_reflns_obs                    ? 
_refine.ls_R_factor_obs                          0.2100000 
_refine.ls_R_factor_all                          0.2100000 
_refine.ls_R_factor_R_work                       0.2050000 
_refine.ls_R_factor_R_free                       0.2290000 
_refine.ls_R_factor_R_free_error                 ? 
_refine.ls_R_factor_R_free_error_details         ? 
_refine.ls_percent_reflns_R_free                 ? 
_refine.ls_number_reflns_R_free                  1028 
_refine.ls_number_parameters                     ? 
_refine.ls_number_restraints                     ? 
_refine.occupancy_min                            ? 
_refine.occupancy_max                            ? 
_refine.B_iso_mean                               ? 
_refine.aniso_B[1][1]                            ? 
_refine.aniso_B[2][2]                            ? 
_refine.aniso_B[3][3]                            ? 
_refine.aniso_B[1][2]                            ? 
_refine.aniso_B[1][3]                            ? 
_refine.aniso_B[2][3]                            ? 
_refine.solvent_model_details                    ? 
_refine.solvent_model_param_ksol                 ? 
_refine.solvent_model_param_bsol                 ? 
_refine.pdbx_ls_cross_valid_method               ? 
_refine.details                                  ? 
_refine.pdbx_starting_model                      ? 
_refine.pdbx_method_to_determine_struct          'ISOMORPHOUS REPLACEMENT' 
_refine.pdbx_isotropic_thermal_model             ? 
_refine.pdbx_stereochemistry_target_values       refmac 
_refine.pdbx_stereochem_target_val_spec_case     ? 
_refine.pdbx_overall_ESU_R                       ? 
_refine.overall_SU_ML                            ? 
_refine.ls_redundancy_reflns_obs                 ? 
_refine.pdbx_R_Free_selection_details            random 
_refine.overall_SU_B                             ? 
_refine.pdbx_overall_ESU_R_Free                  ? 
_refine.pdbx_data_cutoff_high_rms_absF           ? 
_refine.B_iso_min                                ? 
_refine.B_iso_max                                ? 
_refine.pdbx_refine_id                           'X-RAY DIFFRACTION' 
_refine.pdbx_diffrn_id                           1 
_refine.pdbx_TLS_residual_ADP_flag               ? 
_refine.correlation_coeff_Fo_to_Fc               ? 
_refine.correlation_coeff_Fo_to_Fc_free          ? 
_refine.pdbx_solvent_vdw_probe_radii             ? 
_refine.pdbx_solvent_ion_probe_radii             ? 
_refine.pdbx_solvent_shrinkage_radii             ? 
_refine.pdbx_overall_phase_error                 ? 
_refine.overall_SU_R_Cruickshank_DPI             ? 
_refine.pdbx_overall_SU_R_free_Cruickshank_DPI   ? 
_refine.pdbx_overall_SU_R_Blow_DPI               ? 
_refine.pdbx_overall_SU_R_free_Blow_DPI          ? 
# 
_refine_hist.pdbx_refine_id                   'X-RAY DIFFRACTION' 
_refine_hist.cycle_id                         LAST 
_refine_hist.pdbx_number_atoms_protein        1537 
_refine_hist.pdbx_number_atoms_nucleic_acid   0 
_refine_hist.pdbx_number_atoms_ligand         6 
_refine_hist.number_atoms_solvent             85 
_refine_hist.number_atoms_total               1628 
_refine_hist.d_res_high                       1.55 
_refine_hist.d_res_low                        20.0 
# 
loop_
_refine_ls_restr.type 
_refine_ls_restr.dev_ideal 
_refine_ls_restr.dev_ideal_target 
_refine_ls_restr.weight 
_refine_ls_restr.number 
_refine_ls_restr.pdbx_refine_id 
_refine_ls_restr.pdbx_restraint_function 
p_angle_deg 1.7   ? ? ? 'X-RAY DIFFRACTION' ? 
p_bond_d    0.014 ? ? ? 'X-RAY DIFFRACTION' ? 
# 
_struct.entry_id                  1QRF 
_struct.title                     
;A CLOSER LOOK AT THE ACTIVE SITE OF GAMMA-CARBONIC ANHYDRASES: HIGH RESOLUTION CRYSTALLOGRAPHIC STUDIES OF THE CARBONIC ANHYDRASE FROM METHANOSARCINA THERMOPHILA
;
_struct.pdbx_model_details        ? 
_struct.pdbx_CASP_flag            ? 
_struct.pdbx_model_type_details   ? 
# 
_struct_keywords.entry_id        1QRF 
_struct_keywords.pdbx_keywords   LYASE 
_struct_keywords.text            'BETA-HELIX, LYASE' 
# 
loop_
_struct_asym.id 
_struct_asym.pdbx_blank_PDB_chainid_flag 
_struct_asym.pdbx_modified 
_struct_asym.entity_id 
_struct_asym.details 
A N N 1 ? 
B N N 2 ? 
C N N 3 ? 
D N N 4 ? 
# 
_struct_ref.id                         1 
_struct_ref.db_name                    UNP 
_struct_ref.db_code                    CAH_METTE 
_struct_ref.entity_id                  1 
_struct_ref.pdbx_db_accession          P40881 
_struct_ref.pdbx_align_begin           ? 
_struct_ref.pdbx_seq_one_letter_code   ? 
_struct_ref.pdbx_db_isoform            ? 
# 
_struct_ref_seq.align_id                      1 
_struct_ref_seq.ref_id                        1 
_struct_ref_seq.pdbx_PDB_id_code              1QRF 
_struct_ref_seq.pdbx_strand_id                A 
_struct_ref_seq.seq_align_beg                 1 
_struct_ref_seq.pdbx_seq_align_beg_ins_code   ? 
_struct_ref_seq.seq_align_end                 213 
_struct_ref_seq.pdbx_seq_align_end_ins_code   ? 
_struct_ref_seq.pdbx_db_accession             P40881 
_struct_ref_seq.db_align_beg                  35 
_struct_ref_seq.pdbx_db_align_beg_ins_code    ? 
_struct_ref_seq.db_align_end                  247 
_struct_ref_seq.pdbx_db_align_end_ins_code    ? 
_struct_ref_seq.pdbx_auth_seq_align_beg       1 
_struct_ref_seq.pdbx_auth_seq_align_end       213 
# 
_pdbx_struct_assembly.id                   1 
_pdbx_struct_assembly.details              author_and_software_defined_assembly 
_pdbx_struct_assembly.method_details       PISA,PQS 
_pdbx_struct_assembly.oligomeric_details   trimeric 
_pdbx_struct_assembly.oligomeric_count     3 
# 
loop_
_pdbx_struct_assembly_prop.biol_id 
_pdbx_struct_assembly_prop.type 
_pdbx_struct_assembly_prop.value 
_pdbx_struct_assembly_prop.details 
1 'ABSA (A^2)' 8670  ? 
1 MORE         -129  ? 
1 'SSA (A^2)'  20700 ? 
# 
_pdbx_struct_assembly_gen.assembly_id       1 
_pdbx_struct_assembly_gen.oper_expression   1,2,3 
_pdbx_struct_assembly_gen.asym_id_list      A,B,C,D 
# 
loop_
_pdbx_struct_oper_list.id 
_pdbx_struct_oper_list.type 
_pdbx_struct_oper_list.name 
_pdbx_struct_oper_list.symmetry_operation 
_pdbx_struct_oper_list.matrix[1][1] 
_pdbx_struct_oper_list.matrix[1][2] 
_pdbx_struct_oper_list.matrix[1][3] 
_pdbx_struct_oper_list.vector[1] 
_pdbx_struct_oper_list.matrix[2][1] 
_pdbx_struct_oper_list.matrix[2][2] 
_pdbx_struct_oper_list.matrix[2][3] 
_pdbx_struct_oper_list.vector[2] 
_pdbx_struct_oper_list.matrix[3][1] 
_pdbx_struct_oper_list.matrix[3][2] 
_pdbx_struct_oper_list.matrix[3][3] 
_pdbx_struct_oper_list.vector[3] 
1 'identity operation'         1_555  x,y,z             1.0000000000  0.0000000000 0.0000000000  0.0000000000   0.0000000000 1.0000000000 0.0000000000  0.0000000000 0.0000000000  0.0000000000  1.0000000000  0.0000000000   
2 'crystal symmetry operation' 8_656  -z+1,x+1/2,-y+3/2 -0.4411250726 0.3019863839 -0.8451111727 -25.7141124883 0.2805343012 0.9408949767 0.1897818451  5.1932669093 0.8524723903  -0.1533651421 -0.4997699041 0.3596705845   
3 'crystal symmetry operation' 11_466 y-1/2,-z+3/2,-x+1 -0.4411250726 0.2805343012 0.8524723903  -13.1066384847 0.3019863839 0.9408949767 -0.1533651421 2.9341540273 -0.8451111727 0.1897818451  -0.4997699041 -22.5371190031  
# 
_struct_biol.id   1 
# 
loop_
_struct_conf.conf_type_id 
_struct_conf.id 
_struct_conf.pdbx_PDB_helix_id 
_struct_conf.beg_label_comp_id 
_struct_conf.beg_label_asym_id 
_struct_conf.beg_label_seq_id 
_struct_conf.pdbx_beg_PDB_ins_code 
_struct_conf.end_label_comp_id 
_struct_conf.end_label_asym_id 
_struct_conf.end_label_seq_id 
_struct_conf.pdbx_end_PDB_ins_code 
_struct_conf.beg_auth_comp_id 
_struct_conf.beg_auth_asym_id 
_struct_conf.beg_auth_seq_id 
_struct_conf.end_auth_comp_id 
_struct_conf.end_auth_asym_id 
_struct_conf.end_auth_seq_id 
_struct_conf.pdbx_PDB_helix_class 
_struct_conf.details 
_struct_conf.pdbx_PDB_helix_length 
HELX_P HELX_P1 1 ILE A 93  ? ILE A 97  ? ILE A 93  ILE A 97  5 ? 5  
HELX_P HELX_P2 2 SER A 175 ? LYS A 181 ? SER A 175 LYS A 181 1 ? 7  
HELX_P HELX_P3 3 HIS A 193 ? GLU A 211 ? HIS A 193 GLU A 211 1 ? 19 
# 
_struct_conf_type.id          HELX_P 
_struct_conf_type.criteria    ? 
_struct_conf_type.reference   ? 
# 
loop_
_struct_conn.id 
_struct_conn.conn_type_id 
_struct_conn.pdbx_leaving_atom_flag 
_struct_conn.pdbx_PDB_id 
_struct_conn.ptnr1_label_asym_id 
_struct_conn.ptnr1_label_comp_id 
_struct_conn.ptnr1_label_seq_id 
_struct_conn.ptnr1_label_atom_id 
_struct_conn.pdbx_ptnr1_label_alt_id 
_struct_conn.pdbx_ptnr1_PDB_ins_code 
_struct_conn.pdbx_ptnr1_standard_comp_id 
_struct_conn.ptnr1_symmetry 
_struct_conn.ptnr2_label_asym_id 
_struct_conn.ptnr2_label_comp_id 
_struct_conn.ptnr2_label_seq_id 
_struct_conn.ptnr2_label_atom_id 
_struct_conn.pdbx_ptnr2_label_alt_id 
_struct_conn.pdbx_ptnr2_PDB_ins_code 
_struct_conn.ptnr1_auth_asym_id 
_struct_conn.ptnr1_auth_comp_id 
_struct_conn.ptnr1_auth_seq_id 
_struct_conn.ptnr2_auth_asym_id 
_struct_conn.ptnr2_auth_comp_id 
_struct_conn.ptnr2_auth_seq_id 
_struct_conn.ptnr2_symmetry 
_struct_conn.pdbx_ptnr3_label_atom_id 
_struct_conn.pdbx_ptnr3_label_seq_id 
_struct_conn.pdbx_ptnr3_label_comp_id 
_struct_conn.pdbx_ptnr3_label_asym_id 
_struct_conn.pdbx_ptnr3_label_alt_id 
_struct_conn.pdbx_ptnr3_PDB_ins_code 
_struct_conn.details 
_struct_conn.pdbx_dist_value 
_struct_conn.pdbx_value_order 
_struct_conn.pdbx_role 
metalc1 metalc ? ? A HIS 81  ND1 ? ? ? 1_555 C CO  . CO ? ? A HIS 81  A CO  214 1_555 ? ? ? ? ? ? ? 2.118 ? ? 
metalc2 metalc ? ? A HIS 117 NE2 ? ? ? 8_656 C CO  . CO ? ? A HIS 117 A CO  214 1_555 ? ? ? ? ? ? ? 2.128 ? ? 
metalc3 metalc ? ? A HIS 122 NE2 ? ? ? 1_555 C CO  . CO ? ? A HIS 122 A CO  214 1_555 ? ? ? ? ? ? ? 2.126 ? ? 
metalc4 metalc ? ? C CO  .   CO  ? ? ? 1_555 B SO4 . O4 ? ? A CO  214 A SO4 215 1_555 ? ? ? ? ? ? ? 2.429 ? ? 
metalc5 metalc ? ? C CO  .   CO  ? ? ? 1_555 B SO4 . O3 ? ? A CO  214 A SO4 215 1_555 ? ? ? ? ? ? ? 2.670 ? ? 
metalc6 metalc ? ? C CO  .   CO  ? ? ? 1_555 D HOH . O  ? ? A CO  214 A HOH 300 1_555 ? ? ? ? ? ? ? 2.281 ? ? 
# 
_struct_conn_type.id          metalc 
_struct_conn_type.criteria    ? 
_struct_conn_type.reference   ? 
# 
loop_
_pdbx_struct_conn_angle.id 
_pdbx_struct_conn_angle.ptnr1_label_atom_id 
_pdbx_struct_conn_angle.ptnr1_label_alt_id 
_pdbx_struct_conn_angle.ptnr1_label_asym_id 
_pdbx_struct_conn_angle.ptnr1_label_comp_id 
_pdbx_struct_conn_angle.ptnr1_label_seq_id 
_pdbx_struct_conn_angle.ptnr1_auth_atom_id 
_pdbx_struct_conn_angle.ptnr1_auth_asym_id 
_pdbx_struct_conn_angle.ptnr1_auth_comp_id 
_pdbx_struct_conn_angle.ptnr1_auth_seq_id 
_pdbx_struct_conn_angle.ptnr1_PDB_ins_code 
_pdbx_struct_conn_angle.ptnr1_symmetry 
_pdbx_struct_conn_angle.ptnr2_label_atom_id 
_pdbx_struct_conn_angle.ptnr2_label_alt_id 
_pdbx_struct_conn_angle.ptnr2_label_asym_id 
_pdbx_struct_conn_angle.ptnr2_label_comp_id 
_pdbx_struct_conn_angle.ptnr2_label_seq_id 
_pdbx_struct_conn_angle.ptnr2_auth_atom_id 
_pdbx_struct_conn_angle.ptnr2_auth_asym_id 
_pdbx_struct_conn_angle.ptnr2_auth_comp_id 
_pdbx_struct_conn_angle.ptnr2_auth_seq_id 
_pdbx_struct_conn_angle.ptnr2_PDB_ins_code 
_pdbx_struct_conn_angle.ptnr2_symmetry 
_pdbx_struct_conn_angle.ptnr3_label_atom_id 
_pdbx_struct_conn_angle.ptnr3_label_alt_id 
_pdbx_struct_conn_angle.ptnr3_label_asym_id 
_pdbx_struct_conn_angle.ptnr3_label_comp_id 
_pdbx_struct_conn_angle.ptnr3_label_seq_id 
_pdbx_struct_conn_angle.ptnr3_auth_atom_id 
_pdbx_struct_conn_angle.ptnr3_auth_asym_id 
_pdbx_struct_conn_angle.ptnr3_auth_comp_id 
_pdbx_struct_conn_angle.ptnr3_auth_seq_id 
_pdbx_struct_conn_angle.ptnr3_PDB_ins_code 
_pdbx_struct_conn_angle.ptnr3_symmetry 
_pdbx_struct_conn_angle.value 
_pdbx_struct_conn_angle.value_esd 
1  ND1 ? A HIS 81  ? A HIS 81  ? 1_555 CO ? C CO . ? A CO 214 ? 1_555 NE2 ? A HIS 117 ? A HIS 117 ? 8_656 91.7  ? 
2  ND1 ? A HIS 81  ? A HIS 81  ? 1_555 CO ? C CO . ? A CO 214 ? 1_555 NE2 ? A HIS 122 ? A HIS 122 ? 1_555 112.9 ? 
3  NE2 ? A HIS 117 ? A HIS 117 ? 8_656 CO ? C CO . ? A CO 214 ? 1_555 NE2 ? A HIS 122 ? A HIS 122 ? 1_555 99.1  ? 
4  ND1 ? A HIS 81  ? A HIS 81  ? 1_555 CO ? C CO . ? A CO 214 ? 1_555 O4  ? B SO4 .   ? A SO4 215 ? 1_555 94.3  ? 
5  NE2 ? A HIS 117 ? A HIS 117 ? 8_656 CO ? C CO . ? A CO 214 ? 1_555 O4  ? B SO4 .   ? A SO4 215 ? 1_555 158.5 ? 
6  NE2 ? A HIS 122 ? A HIS 122 ? 1_555 CO ? C CO . ? A CO 214 ? 1_555 O4  ? B SO4 .   ? A SO4 215 ? 1_555 97.5  ? 
7  ND1 ? A HIS 81  ? A HIS 81  ? 1_555 CO ? C CO . ? A CO 214 ? 1_555 O3  ? B SO4 .   ? A SO4 215 ? 1_555 89.5  ? 
8  NE2 ? A HIS 117 ? A HIS 117 ? 8_656 CO ? C CO . ? A CO 214 ? 1_555 O3  ? B SO4 .   ? A SO4 215 ? 1_555 100.5 ? 
9  NE2 ? A HIS 122 ? A HIS 122 ? 1_555 CO ? C CO . ? A CO 214 ? 1_555 O3  ? B SO4 .   ? A SO4 215 ? 1_555 149.7 ? 
10 O4  ? B SO4 .   ? A SO4 215 ? 1_555 CO ? C CO . ? A CO 214 ? 1_555 O3  ? B SO4 .   ? A SO4 215 ? 1_555 59.0  ? 
11 ND1 ? A HIS 81  ? A HIS 81  ? 1_555 CO ? C CO . ? A CO 214 ? 1_555 O   ? D HOH .   ? A HOH 300 ? 1_555 154.9 ? 
12 NE2 ? A HIS 117 ? A HIS 117 ? 8_656 CO ? C CO . ? A CO 214 ? 1_555 O   ? D HOH .   ? A HOH 300 ? 1_555 75.7  ? 
13 NE2 ? A HIS 122 ? A HIS 122 ? 1_555 CO ? C CO . ? A CO 214 ? 1_555 O   ? D HOH .   ? A HOH 300 ? 1_555 90.8  ? 
14 O4  ? B SO4 .   ? A SO4 215 ? 1_555 CO ? C CO . ? A CO 214 ? 1_555 O   ? D HOH .   ? A HOH 300 ? 1_555 90.5  ? 
15 O3  ? B SO4 .   ? A SO4 215 ? 1_555 CO ? C CO . ? A CO 214 ? 1_555 O   ? D HOH .   ? A HOH 300 ? 1_555 72.0  ? 
# 
loop_
_struct_mon_prot_cis.pdbx_id 
_struct_mon_prot_cis.label_comp_id 
_struct_mon_prot_cis.label_seq_id 
_struct_mon_prot_cis.label_asym_id 
_struct_mon_prot_cis.label_alt_id 
_struct_mon_prot_cis.pdbx_PDB_ins_code 
_struct_mon_prot_cis.auth_comp_id 
_struct_mon_prot_cis.auth_seq_id 
_struct_mon_prot_cis.auth_asym_id 
_struct_mon_prot_cis.pdbx_label_comp_id_2 
_struct_mon_prot_cis.pdbx_label_seq_id_2 
_struct_mon_prot_cis.pdbx_label_asym_id_2 
_struct_mon_prot_cis.pdbx_PDB_ins_code_2 
_struct_mon_prot_cis.pdbx_auth_comp_id_2 
_struct_mon_prot_cis.pdbx_auth_seq_id_2 
_struct_mon_prot_cis.pdbx_auth_asym_id_2 
_struct_mon_prot_cis.pdbx_PDB_model_num 
_struct_mon_prot_cis.pdbx_omega_angle 
1 MET 64  A . ? MET 64  A PRO 65  A ? PRO 65  A 1 -2.84 
2 GLY 123 A . ? GLY 123 A PRO 124 A ? PRO 124 A 1 -0.40 
# 
loop_
_struct_sheet.id 
_struct_sheet.type 
_struct_sheet.number_strands 
_struct_sheet.details 
A ? 8 ? 
B ? 7 ? 
C ? 7 ? 
D ? 2 ? 
# 
loop_
_struct_sheet_order.sheet_id 
_struct_sheet_order.range_id_1 
_struct_sheet_order.range_id_2 
_struct_sheet_order.offset 
_struct_sheet_order.sense 
A 1 2 ? parallel      
A 2 3 ? parallel      
A 3 4 ? parallel      
A 4 5 ? parallel      
A 5 6 ? parallel      
A 6 7 ? parallel      
A 7 8 ? parallel      
B 1 2 ? parallel      
B 2 3 ? parallel      
B 3 4 ? parallel      
B 4 5 ? parallel      
B 5 6 ? parallel      
B 6 7 ? parallel      
C 1 2 ? parallel      
C 2 3 ? parallel      
C 3 4 ? parallel      
C 4 5 ? parallel      
C 5 6 ? parallel      
C 6 7 ? parallel      
D 1 2 ? anti-parallel 
# 
loop_
_struct_sheet_range.sheet_id 
_struct_sheet_range.id 
_struct_sheet_range.beg_label_comp_id 
_struct_sheet_range.beg_label_asym_id 
_struct_sheet_range.beg_label_seq_id 
_struct_sheet_range.pdbx_beg_PDB_ins_code 
_struct_sheet_range.end_label_comp_id 
_struct_sheet_range.end_label_asym_id 
_struct_sheet_range.end_label_seq_id 
_struct_sheet_range.pdbx_end_PDB_ins_code 
_struct_sheet_range.beg_auth_comp_id 
_struct_sheet_range.beg_auth_asym_id 
_struct_sheet_range.beg_auth_seq_id 
_struct_sheet_range.end_auth_comp_id 
_struct_sheet_range.end_auth_asym_id 
_struct_sheet_range.end_auth_seq_id 
A 1 ASN A 10  ? ARG A 12  ? ASN A 10  ARG A 12  
A 2 SER A 39  ? GLY A 42  ? SER A 39  GLY A 42  
A 3 ALA A 56  ? SER A 60  ? ALA A 56  SER A 60  
A 4 VAL A 78  ? HIS A 81  ? VAL A 78  HIS A 81  
A 5 SER A 119 ? GLY A 123 ? SER A 119 GLY A 123 
A 6 ALA A 137 ? LYS A 141 ? ALA A 137 LYS A 141 
A 7 SER A 154 ? GLY A 158 ? SER A 154 GLY A 158 
A 8 MET A 171 ? VAL A 173 ? MET A 171 VAL A 173 
B 1 VAL A 27  ? ASP A 29  ? VAL A 27  ASP A 29  
B 2 GLU A 43  ? GLY A 47  ? GLU A 43  GLY A 47  
B 3 PRO A 65  ? GLY A 69  ? PRO A 65  GLY A 69  
B 4 ALA A 106 ? GLY A 110 ? ALA A 106 GLY A 110 
B 5 PRO A 124 ? GLY A 128 ? PRO A 124 GLY A 128 
B 6 SER A 142 ? GLY A 145 ? SER A 142 GLY A 145 
B 7 VAL A 159 ? ILE A 161 ? VAL A 159 ILE A 161 
C 1 TYR A 33  ? ASP A 35  ? TYR A 33  ASP A 35  
C 2 VAL A 50  ? SER A 53  ? VAL A 50  SER A 53  
C 3 SER A 72  ? GLN A 75  ? SER A 72  GLN A 75  
C 4 VAL A 113 ? ALA A 116 ? VAL A 113 ALA A 116 
C 5 THR A 131 ? GLY A 134 ? THR A 131 GLY A 134 
C 6 CYS A 148 ? GLU A 151 ? CYS A 148 GLU A 151 
C 7 ARG A 165 ? ILE A 167 ? ARG A 165 ILE A 167 
D 1 VAL A 98  ? VAL A 100 ? VAL A 98  VAL A 100 
D 2 LYS A 103 ? TYR A 105 ? LYS A 103 TYR A 105 
# 
loop_
_pdbx_struct_sheet_hbond.sheet_id 
_pdbx_struct_sheet_hbond.range_id_1 
_pdbx_struct_sheet_hbond.range_id_2 
_pdbx_struct_sheet_hbond.range_1_label_atom_id 
_pdbx_struct_sheet_hbond.range_1_label_comp_id 
_pdbx_struct_sheet_hbond.range_1_label_asym_id 
_pdbx_struct_sheet_hbond.range_1_label_seq_id 
_pdbx_struct_sheet_hbond.range_1_PDB_ins_code 
_pdbx_struct_sheet_hbond.range_1_auth_atom_id 
_pdbx_struct_sheet_hbond.range_1_auth_comp_id 
_pdbx_struct_sheet_hbond.range_1_auth_asym_id 
_pdbx_struct_sheet_hbond.range_1_auth_seq_id 
_pdbx_struct_sheet_hbond.range_2_label_atom_id 
_pdbx_struct_sheet_hbond.range_2_label_comp_id 
_pdbx_struct_sheet_hbond.range_2_label_asym_id 
_pdbx_struct_sheet_hbond.range_2_label_seq_id 
_pdbx_struct_sheet_hbond.range_2_PDB_ins_code 
_pdbx_struct_sheet_hbond.range_2_auth_atom_id 
_pdbx_struct_sheet_hbond.range_2_auth_comp_id 
_pdbx_struct_sheet_hbond.range_2_auth_asym_id 
_pdbx_struct_sheet_hbond.range_2_auth_seq_id 
A 1 2 O ASN A 10  ? O ASN A 10  N VAL A 40  ? N VAL A 40  
A 2 3 N SER A 39  ? N SER A 39  O ALA A 56  ? O ALA A 56  
A 3 4 N SER A 57  ? N SER A 57  O VAL A 78  ? O VAL A 78  
A 4 5 N VAL A 79  ? N VAL A 79  O SER A 119 ? O SER A 119 
A 5 6 N GLN A 120 ? N GLN A 120 O ALA A 137 ? O ALA A 137 
A 6 7 N PHE A 138 ? N PHE A 138 O SER A 154 ? O SER A 154 
A 7 8 N ALA A 155 ? N ALA A 155 O MET A 171 ? O MET A 171 
B 1 2 N VAL A 27  ? N VAL A 27  O VAL A 44  ? O VAL A 44  
B 2 3 O GLU A 43  ? O GLU A 43  N ILE A 66  ? N ILE A 66  
B 3 4 O PRO A 65  ? O PRO A 65  N VAL A 107 ? N VAL A 107 
B 4 5 O ALA A 106 ? O ALA A 106 N ALA A 125 ? N ALA A 125 
B 5 6 O PRO A 124 ? O PRO A 124 N SER A 142 ? N SER A 142 
B 6 7 N LYS A 143 ? N LYS A 143 O VAL A 159 ? O VAL A 159 
C 1 2 N TYR A 33  ? N TYR A 33  O VAL A 50  ? O VAL A 50  
C 2 3 N MET A 51  ? N MET A 51  O SER A 72  ? O SER A 72  
C 3 4 N ASN A 73  ? N ASN A 73  O VAL A 113 ? O VAL A 113 
C 4 5 N SER A 114 ? N SER A 114 O THR A 131 ? O THR A 131 
C 5 6 N PHE A 132 ? N PHE A 132 O CYS A 148 ? O CYS A 148 
C 6 7 N VAL A 149 ? N VAL A 149 O ARG A 165 ? O ARG A 165 
D 1 2 N VAL A 100 ? N VAL A 100 O LYS A 103 ? O LYS A 103 
# 
loop_
_struct_site.id 
_struct_site.pdbx_evidence_code 
_struct_site.pdbx_auth_asym_id 
_struct_site.pdbx_auth_comp_id 
_struct_site.pdbx_auth_seq_id 
_struct_site.pdbx_auth_ins_code 
_struct_site.pdbx_num_residues 
_struct_site.details 
AC1 Software A SO4 215 ? 9 'BINDING SITE FOR RESIDUE SO4 A 215' 
AC2 Software A CO  214 ? 5 'BINDING SITE FOR RESIDUE CO A 214'  
# 
loop_
_struct_site_gen.id 
_struct_site_gen.site_id 
_struct_site_gen.pdbx_num_res 
_struct_site_gen.label_comp_id 
_struct_site_gen.label_asym_id 
_struct_site_gen.label_seq_id 
_struct_site_gen.pdbx_auth_ins_code 
_struct_site_gen.auth_comp_id 
_struct_site_gen.auth_asym_id 
_struct_site_gen.auth_seq_id 
_struct_site_gen.label_atom_id 
_struct_site_gen.label_alt_id 
_struct_site_gen.symmetry 
_struct_site_gen.details 
1  AC1 9 GLU A 62  ? GLU A 62  . ? 1_555 ? 
2  AC1 9 GLN A 75  ? GLN A 75  . ? 8_656 ? 
3  AC1 9 HIS A 81  ? HIS A 81  . ? 1_555 ? 
4  AC1 9 HIS A 122 ? HIS A 122 . ? 1_555 ? 
5  AC1 9 VAL A 198 ? VAL A 198 . ? 8_656 ? 
6  AC1 9 ASN A 202 ? ASN A 202 . ? 8_656 ? 
7  AC1 9 CO  C .   ? CO  A 214 . ? 1_555 ? 
8  AC1 9 HOH D .   ? HOH A 262 . ? 1_555 ? 
9  AC1 9 HOH D .   ? HOH A 300 . ? 1_555 ? 
10 AC2 5 HIS A 81  ? HIS A 81  . ? 1_555 ? 
11 AC2 5 HIS A 117 ? HIS A 117 . ? 8_656 ? 
12 AC2 5 HIS A 122 ? HIS A 122 . ? 1_555 ? 
13 AC2 5 SO4 B .   ? SO4 A 215 . ? 1_555 ? 
14 AC2 5 HOH D .   ? HOH A 300 . ? 1_555 ? 
# 
_pdbx_validate_symm_contact.id                1 
_pdbx_validate_symm_contact.PDB_model_num     1 
_pdbx_validate_symm_contact.auth_atom_id_1    NE2 
_pdbx_validate_symm_contact.auth_asym_id_1    A 
_pdbx_validate_symm_contact.auth_comp_id_1    GLN 
_pdbx_validate_symm_contact.auth_seq_id_1     37 
_pdbx_validate_symm_contact.PDB_ins_code_1    ? 
_pdbx_validate_symm_contact.label_alt_id_1    ? 
_pdbx_validate_symm_contact.site_symmetry_1   1_555 
_pdbx_validate_symm_contact.auth_atom_id_2    O 
_pdbx_validate_symm_contact.auth_asym_id_2    A 
_pdbx_validate_symm_contact.auth_comp_id_2    HOH 
_pdbx_validate_symm_contact.auth_seq_id_2     277 
_pdbx_validate_symm_contact.PDB_ins_code_2    ? 
_pdbx_validate_symm_contact.label_alt_id_2    ? 
_pdbx_validate_symm_contact.site_symmetry_2   11_466 
_pdbx_validate_symm_contact.dist              2.05 
# 
loop_
_pdbx_validate_rmsd_angle.id 
_pdbx_validate_rmsd_angle.PDB_model_num 
_pdbx_validate_rmsd_angle.auth_atom_id_1 
_pdbx_validate_rmsd_angle.auth_asym_id_1 
_pdbx_validate_rmsd_angle.auth_comp_id_1 
_pdbx_validate_rmsd_angle.auth_seq_id_1 
_pdbx_validate_rmsd_angle.PDB_ins_code_1 
_pdbx_validate_rmsd_angle.label_alt_id_1 
_pdbx_validate_rmsd_angle.auth_atom_id_2 
_pdbx_validate_rmsd_angle.auth_asym_id_2 
_pdbx_validate_rmsd_angle.auth_comp_id_2 
_pdbx_validate_rmsd_angle.auth_seq_id_2 
_pdbx_validate_rmsd_angle.PDB_ins_code_2 
_pdbx_validate_rmsd_angle.label_alt_id_2 
_pdbx_validate_rmsd_angle.auth_atom_id_3 
_pdbx_validate_rmsd_angle.auth_asym_id_3 
_pdbx_validate_rmsd_angle.auth_comp_id_3 
_pdbx_validate_rmsd_angle.auth_seq_id_3 
_pdbx_validate_rmsd_angle.PDB_ins_code_3 
_pdbx_validate_rmsd_angle.label_alt_id_3 
_pdbx_validate_rmsd_angle.angle_value 
_pdbx_validate_rmsd_angle.angle_target_value 
_pdbx_validate_rmsd_angle.angle_deviation 
_pdbx_validate_rmsd_angle.angle_standard_deviation 
_pdbx_validate_rmsd_angle.linker_flag 
1 1 CB A TYR 33  ? ? CG A TYR 33  ? ? CD2 A TYR 33  ? ? 125.17 121.00 4.17   0.60 N 
2 1 CB A TYR 33  ? ? CG A TYR 33  ? ? CD1 A TYR 33  ? ? 116.41 121.00 -4.59  0.60 N 
3 1 CG A MET 51  ? ? SD A MET 51  ? ? CE  A MET 51  ? ? 88.82  100.20 -11.38 1.60 N 
4 1 CA A MET 64  ? ? CB A MET 64  ? ? CG  A MET 64  ? ? 125.86 113.30 12.56  1.70 N 
5 1 CB A ASP 129 ? ? CG A ASP 129 ? ? OD2 A ASP 129 ? ? 123.91 118.30 5.61   0.90 N 
6 1 NE A ARG 153 ? A CZ A ARG 153 ? A NH2 A ARG 153 ? A 112.46 120.30 -7.84  0.50 N 
7 1 NE A ARG 165 ? ? CZ A ARG 165 ? ? NH2 A ARG 165 ? ? 116.17 120.30 -4.13  0.50 N 
8 1 CB A TYR 191 ? ? CG A TYR 191 ? ? CD1 A TYR 191 ? ? 124.73 121.00 3.73   0.60 N 
# 
loop_
_pdbx_validate_torsion.id 
_pdbx_validate_torsion.PDB_model_num 
_pdbx_validate_torsion.auth_comp_id 
_pdbx_validate_torsion.auth_asym_id 
_pdbx_validate_torsion.auth_seq_id 
_pdbx_validate_torsion.PDB_ins_code 
_pdbx_validate_torsion.label_alt_id 
_pdbx_validate_torsion.phi 
_pdbx_validate_torsion.psi 
1 1 SER A 60 ? ? -112.40 79.01  
2 1 GLU A 62 ? ? -114.03 -91.39 
3 1 GLU A 89 ? ? 142.54  1.97   
# 
loop_
_pdbx_unobs_or_zero_occ_residues.id 
_pdbx_unobs_or_zero_occ_residues.PDB_model_num 
_pdbx_unobs_or_zero_occ_residues.polymer_flag 
_pdbx_unobs_or_zero_occ_residues.occupancy_flag 
_pdbx_unobs_or_zero_occ_residues.auth_asym_id 
_pdbx_unobs_or_zero_occ_residues.auth_comp_id 
_pdbx_unobs_or_zero_occ_residues.auth_seq_id 
_pdbx_unobs_or_zero_occ_residues.PDB_ins_code 
_pdbx_unobs_or_zero_occ_residues.label_asym_id 
_pdbx_unobs_or_zero_occ_residues.label_comp_id 
_pdbx_unobs_or_zero_occ_residues.label_seq_id 
1 1 Y 1 A GLN 1 ? A GLN 1 
2 1 Y 1 A GLU 2 ? A GLU 2 
3 1 Y 1 A ILE 3 ? A ILE 3 
4 1 Y 1 A THR 4 ? A THR 4 
5 1 Y 1 A VAL 5 ? A VAL 5 
6 1 Y 1 A ASP 6 ? A ASP 6 
7 1 Y 1 A GLU 7 ? A GLU 7 
# 
loop_
_chem_comp_atom.comp_id 
_chem_comp_atom.atom_id 
_chem_comp_atom.type_symbol 
_chem_comp_atom.pdbx_aromatic_flag 
_chem_comp_atom.pdbx_stereo_config 
_chem_comp_atom.pdbx_ordinal 
ALA N    N  N N 1   
ALA CA   C  N S 2   
ALA C    C  N N 3   
ALA O    O  N N 4   
ALA CB   C  N N 5   
ALA OXT  O  N N 6   
ALA H    H  N N 7   
ALA H2   H  N N 8   
ALA HA   H  N N 9   
ALA HB1  H  N N 10  
ALA HB2  H  N N 11  
ALA HB3  H  N N 12  
ALA HXT  H  N N 13  
ARG N    N  N N 14  
ARG CA   C  N S 15  
ARG C    C  N N 16  
ARG O    O  N N 17  
ARG CB   C  N N 18  
ARG CG   C  N N 19  
ARG CD   C  N N 20  
ARG NE   N  N N 21  
ARG CZ   C  N N 22  
ARG NH1  N  N N 23  
ARG NH2  N  N N 24  
ARG OXT  O  N N 25  
ARG H    H  N N 26  
ARG H2   H  N N 27  
ARG HA   H  N N 28  
ARG HB2  H  N N 29  
ARG HB3  H  N N 30  
ARG HG2  H  N N 31  
ARG HG3  H  N N 32  
ARG HD2  H  N N 33  
ARG HD3  H  N N 34  
ARG HE   H  N N 35  
ARG HH11 H  N N 36  
ARG HH12 H  N N 37  
ARG HH21 H  N N 38  
ARG HH22 H  N N 39  
ARG HXT  H  N N 40  
ASN N    N  N N 41  
ASN CA   C  N S 42  
ASN C    C  N N 43  
ASN O    O  N N 44  
ASN CB   C  N N 45  
ASN CG   C  N N 46  
ASN OD1  O  N N 47  
ASN ND2  N  N N 48  
ASN OXT  O  N N 49  
ASN H    H  N N 50  
ASN H2   H  N N 51  
ASN HA   H  N N 52  
ASN HB2  H  N N 53  
ASN HB3  H  N N 54  
ASN HD21 H  N N 55  
ASN HD22 H  N N 56  
ASN HXT  H  N N 57  
ASP N    N  N N 58  
ASP CA   C  N S 59  
ASP C    C  N N 60  
ASP O    O  N N 61  
ASP CB   C  N N 62  
ASP CG   C  N N 63  
ASP OD1  O  N N 64  
ASP OD2  O  N N 65  
ASP OXT  O  N N 66  
ASP H    H  N N 67  
ASP H2   H  N N 68  
ASP HA   H  N N 69  
ASP HB2  H  N N 70  
ASP HB3  H  N N 71  
ASP HD2  H  N N 72  
ASP HXT  H  N N 73  
CO  CO   CO N N 74  
CYS N    N  N N 75  
CYS CA   C  N R 76  
CYS C    C  N N 77  
CYS O    O  N N 78  
CYS CB   C  N N 79  
CYS SG   S  N N 80  
CYS OXT  O  N N 81  
CYS H    H  N N 82  
CYS H2   H  N N 83  
CYS HA   H  N N 84  
CYS HB2  H  N N 85  
CYS HB3  H  N N 86  
CYS HG   H  N N 87  
CYS HXT  H  N N 88  
GLN N    N  N N 89  
GLN CA   C  N S 90  
GLN C    C  N N 91  
GLN O    O  N N 92  
GLN CB   C  N N 93  
GLN CG   C  N N 94  
GLN CD   C  N N 95  
GLN OE1  O  N N 96  
GLN NE2  N  N N 97  
GLN OXT  O  N N 98  
GLN H    H  N N 99  
GLN H2   H  N N 100 
GLN HA   H  N N 101 
GLN HB2  H  N N 102 
GLN HB3  H  N N 103 
GLN HG2  H  N N 104 
GLN HG3  H  N N 105 
GLN HE21 H  N N 106 
GLN HE22 H  N N 107 
GLN HXT  H  N N 108 
GLU N    N  N N 109 
GLU CA   C  N S 110 
GLU C    C  N N 111 
GLU O    O  N N 112 
GLU CB   C  N N 113 
GLU CG   C  N N 114 
GLU CD   C  N N 115 
GLU OE1  O  N N 116 
GLU OE2  O  N N 117 
GLU OXT  O  N N 118 
GLU H    H  N N 119 
GLU H2   H  N N 120 
GLU HA   H  N N 121 
GLU HB2  H  N N 122 
GLU HB3  H  N N 123 
GLU HG2  H  N N 124 
GLU HG3  H  N N 125 
GLU HE2  H  N N 126 
GLU HXT  H  N N 127 
GLY N    N  N N 128 
GLY CA   C  N N 129 
GLY C    C  N N 130 
GLY O    O  N N 131 
GLY OXT  O  N N 132 
GLY H    H  N N 133 
GLY H2   H  N N 134 
GLY HA2  H  N N 135 
GLY HA3  H  N N 136 
GLY HXT  H  N N 137 
HIS N    N  N N 138 
HIS CA   C  N S 139 
HIS C    C  N N 140 
HIS O    O  N N 141 
HIS CB   C  N N 142 
HIS CG   C  Y N 143 
HIS ND1  N  Y N 144 
HIS CD2  C  Y N 145 
HIS CE1  C  Y N 146 
HIS NE2  N  Y N 147 
HIS OXT  O  N N 148 
HIS H    H  N N 149 
HIS H2   H  N N 150 
HIS HA   H  N N 151 
HIS HB2  H  N N 152 
HIS HB3  H  N N 153 
HIS HD1  H  N N 154 
HIS HD2  H  N N 155 
HIS HE1  H  N N 156 
HIS HE2  H  N N 157 
HIS HXT  H  N N 158 
HOH O    O  N N 159 
HOH H1   H  N N 160 
HOH H2   H  N N 161 
ILE N    N  N N 162 
ILE CA   C  N S 163 
ILE C    C  N N 164 
ILE O    O  N N 165 
ILE CB   C  N S 166 
ILE CG1  C  N N 167 
ILE CG2  C  N N 168 
ILE CD1  C  N N 169 
ILE OXT  O  N N 170 
ILE H    H  N N 171 
ILE H2   H  N N 172 
ILE HA   H  N N 173 
ILE HB   H  N N 174 
ILE HG12 H  N N 175 
ILE HG13 H  N N 176 
ILE HG21 H  N N 177 
ILE HG22 H  N N 178 
ILE HG23 H  N N 179 
ILE HD11 H  N N 180 
ILE HD12 H  N N 181 
ILE HD13 H  N N 182 
ILE HXT  H  N N 183 
LEU N    N  N N 184 
LEU CA   C  N S 185 
LEU C    C  N N 186 
LEU O    O  N N 187 
LEU CB   C  N N 188 
LEU CG   C  N N 189 
LEU CD1  C  N N 190 
LEU CD2  C  N N 191 
LEU OXT  O  N N 192 
LEU H    H  N N 193 
LEU H2   H  N N 194 
LEU HA   H  N N 195 
LEU HB2  H  N N 196 
LEU HB3  H  N N 197 
LEU HG   H  N N 198 
LEU HD11 H  N N 199 
LEU HD12 H  N N 200 
LEU HD13 H  N N 201 
LEU HD21 H  N N 202 
LEU HD22 H  N N 203 
LEU HD23 H  N N 204 
LEU HXT  H  N N 205 
LYS N    N  N N 206 
LYS CA   C  N S 207 
LYS C    C  N N 208 
LYS O    O  N N 209 
LYS CB   C  N N 210 
LYS CG   C  N N 211 
LYS CD   C  N N 212 
LYS CE   C  N N 213 
LYS NZ   N  N N 214 
LYS OXT  O  N N 215 
LYS H    H  N N 216 
LYS H2   H  N N 217 
LYS HA   H  N N 218 
LYS HB2  H  N N 219 
LYS HB3  H  N N 220 
LYS HG2  H  N N 221 
LYS HG3  H  N N 222 
LYS HD2  H  N N 223 
LYS HD3  H  N N 224 
LYS HE2  H  N N 225 
LYS HE3  H  N N 226 
LYS HZ1  H  N N 227 
LYS HZ2  H  N N 228 
LYS HZ3  H  N N 229 
LYS HXT  H  N N 230 
MET N    N  N N 231 
MET CA   C  N S 232 
MET C    C  N N 233 
MET O    O  N N 234 
MET CB   C  N N 235 
MET CG   C  N N 236 
MET SD   S  N N 237 
MET CE   C  N N 238 
MET OXT  O  N N 239 
MET H    H  N N 240 
MET H2   H  N N 241 
MET HA   H  N N 242 
MET HB2  H  N N 243 
MET HB3  H  N N 244 
MET HG2  H  N N 245 
MET HG3  H  N N 246 
MET HE1  H  N N 247 
MET HE2  H  N N 248 
MET HE3  H  N N 249 
MET HXT  H  N N 250 
PHE N    N  N N 251 
PHE CA   C  N S 252 
PHE C    C  N N 253 
PHE O    O  N N 254 
PHE CB   C  N N 255 
PHE CG   C  Y N 256 
PHE CD1  C  Y N 257 
PHE CD2  C  Y N 258 
PHE CE1  C  Y N 259 
PHE CE2  C  Y N 260 
PHE CZ   C  Y N 261 
PHE OXT  O  N N 262 
PHE H    H  N N 263 
PHE H2   H  N N 264 
PHE HA   H  N N 265 
PHE HB2  H  N N 266 
PHE HB3  H  N N 267 
PHE HD1  H  N N 268 
PHE HD2  H  N N 269 
PHE HE1  H  N N 270 
PHE HE2  H  N N 271 
PHE HZ   H  N N 272 
PHE HXT  H  N N 273 
PRO N    N  N N 274 
PRO CA   C  N S 275 
PRO C    C  N N 276 
PRO O    O  N N 277 
PRO CB   C  N N 278 
PRO CG   C  N N 279 
PRO CD   C  N N 280 
PRO OXT  O  N N 281 
PRO H    H  N N 282 
PRO HA   H  N N 283 
PRO HB2  H  N N 284 
PRO HB3  H  N N 285 
PRO HG2  H  N N 286 
PRO HG3  H  N N 287 
PRO HD2  H  N N 288 
PRO HD3  H  N N 289 
PRO HXT  H  N N 290 
SER N    N  N N 291 
SER CA   C  N S 292 
SER C    C  N N 293 
SER O    O  N N 294 
SER CB   C  N N 295 
SER OG   O  N N 296 
SER OXT  O  N N 297 
SER H    H  N N 298 
SER H2   H  N N 299 
SER HA   H  N N 300 
SER HB2  H  N N 301 
SER HB3  H  N N 302 
SER HG   H  N N 303 
SER HXT  H  N N 304 
SO4 S    S  N N 305 
SO4 O1   O  N N 306 
SO4 O2   O  N N 307 
SO4 O3   O  N N 308 
SO4 O4   O  N N 309 
THR N    N  N N 310 
THR CA   C  N S 311 
THR C    C  N N 312 
THR O    O  N N 313 
THR CB   C  N R 314 
THR OG1  O  N N 315 
THR CG2  C  N N 316 
THR OXT  O  N N 317 
THR H    H  N N 318 
THR H2   H  N N 319 
THR HA   H  N N 320 
THR HB   H  N N 321 
THR HG1  H  N N 322 
THR HG21 H  N N 323 
THR HG22 H  N N 324 
THR HG23 H  N N 325 
THR HXT  H  N N 326 
TRP N    N  N N 327 
TRP CA   C  N S 328 
TRP C    C  N N 329 
TRP O    O  N N 330 
TRP CB   C  N N 331 
TRP CG   C  Y N 332 
TRP CD1  C  Y N 333 
TRP CD2  C  Y N 334 
TRP NE1  N  Y N 335 
TRP CE2  C  Y N 336 
TRP CE3  C  Y N 337 
TRP CZ2  C  Y N 338 
TRP CZ3  C  Y N 339 
TRP CH2  C  Y N 340 
TRP OXT  O  N N 341 
TRP H    H  N N 342 
TRP H2   H  N N 343 
TRP HA   H  N N 344 
TRP HB2  H  N N 345 
TRP HB3  H  N N 346 
TRP HD1  H  N N 347 
TRP HE1  H  N N 348 
TRP HE3  H  N N 349 
TRP HZ2  H  N N 350 
TRP HZ3  H  N N 351 
TRP HH2  H  N N 352 
TRP HXT  H  N N 353 
TYR N    N  N N 354 
TYR CA   C  N S 355 
TYR C    C  N N 356 
TYR O    O  N N 357 
TYR CB   C  N N 358 
TYR CG   C  Y N 359 
TYR CD1  C  Y N 360 
TYR CD2  C  Y N 361 
TYR CE1  C  Y N 362 
TYR CE2  C  Y N 363 
TYR CZ   C  Y N 364 
TYR OH   O  N N 365 
TYR OXT  O  N N 366 
TYR H    H  N N 367 
TYR H2   H  N N 368 
TYR HA   H  N N 369 
TYR HB2  H  N N 370 
TYR HB3  H  N N 371 
TYR HD1  H  N N 372 
TYR HD2  H  N N 373 
TYR HE1  H  N N 374 
TYR HE2  H  N N 375 
TYR HH   H  N N 376 
TYR HXT  H  N N 377 
VAL N    N  N N 378 
VAL CA   C  N S 379 
VAL C    C  N N 380 
VAL O    O  N N 381 
VAL CB   C  N N 382 
VAL CG1  C  N N 383 
VAL CG2  C  N N 384 
VAL OXT  O  N N 385 
VAL H    H  N N 386 
VAL H2   H  N N 387 
VAL HA   H  N N 388 
VAL HB   H  N N 389 
VAL HG11 H  N N 390 
VAL HG12 H  N N 391 
VAL HG13 H  N N 392 
VAL HG21 H  N N 393 
VAL HG22 H  N N 394 
VAL HG23 H  N N 395 
VAL HXT  H  N N 396 
# 
loop_
_chem_comp_bond.comp_id 
_chem_comp_bond.atom_id_1 
_chem_comp_bond.atom_id_2 
_chem_comp_bond.value_order 
_chem_comp_bond.pdbx_aromatic_flag 
_chem_comp_bond.pdbx_stereo_config 
_chem_comp_bond.pdbx_ordinal 
ALA N   CA   sing N N 1   
ALA N   H    sing N N 2   
ALA N   H2   sing N N 3   
ALA CA  C    sing N N 4   
ALA CA  CB   sing N N 5   
ALA CA  HA   sing N N 6   
ALA C   O    doub N N 7   
ALA C   OXT  sing N N 8   
ALA CB  HB1  sing N N 9   
ALA CB  HB2  sing N N 10  
ALA CB  HB3  sing N N 11  
ALA OXT HXT  sing N N 12  
ARG N   CA   sing N N 13  
ARG N   H    sing N N 14  
ARG N   H2   sing N N 15  
ARG CA  C    sing N N 16  
ARG CA  CB   sing N N 17  
ARG CA  HA   sing N N 18  
ARG C   O    doub N N 19  
ARG C   OXT  sing N N 20  
ARG CB  CG   sing N N 21  
ARG CB  HB2  sing N N 22  
ARG CB  HB3  sing N N 23  
ARG CG  CD   sing N N 24  
ARG CG  HG2  sing N N 25  
ARG CG  HG3  sing N N 26  
ARG CD  NE   sing N N 27  
ARG CD  HD2  sing N N 28  
ARG CD  HD3  sing N N 29  
ARG NE  CZ   sing N N 30  
ARG NE  HE   sing N N 31  
ARG CZ  NH1  sing N N 32  
ARG CZ  NH2  doub N N 33  
ARG NH1 HH11 sing N N 34  
ARG NH1 HH12 sing N N 35  
ARG NH2 HH21 sing N N 36  
ARG NH2 HH22 sing N N 37  
ARG OXT HXT  sing N N 38  
ASN N   CA   sing N N 39  
ASN N   H    sing N N 40  
ASN N   H2   sing N N 41  
ASN CA  C    sing N N 42  
ASN CA  CB   sing N N 43  
ASN CA  HA   sing N N 44  
ASN C   O    doub N N 45  
ASN C   OXT  sing N N 46  
ASN CB  CG   sing N N 47  
ASN CB  HB2  sing N N 48  
ASN CB  HB3  sing N N 49  
ASN CG  OD1  doub N N 50  
ASN CG  ND2  sing N N 51  
ASN ND2 HD21 sing N N 52  
ASN ND2 HD22 sing N N 53  
ASN OXT HXT  sing N N 54  
ASP N   CA   sing N N 55  
ASP N   H    sing N N 56  
ASP N   H2   sing N N 57  
ASP CA  C    sing N N 58  
ASP CA  CB   sing N N 59  
ASP CA  HA   sing N N 60  
ASP C   O    doub N N 61  
ASP C   OXT  sing N N 62  
ASP CB  CG   sing N N 63  
ASP CB  HB2  sing N N 64  
ASP CB  HB3  sing N N 65  
ASP CG  OD1  doub N N 66  
ASP CG  OD2  sing N N 67  
ASP OD2 HD2  sing N N 68  
ASP OXT HXT  sing N N 69  
CYS N   CA   sing N N 70  
CYS N   H    sing N N 71  
CYS N   H2   sing N N 72  
CYS CA  C    sing N N 73  
CYS CA  CB   sing N N 74  
CYS CA  HA   sing N N 75  
CYS C   O    doub N N 76  
CYS C   OXT  sing N N 77  
CYS CB  SG   sing N N 78  
CYS CB  HB2  sing N N 79  
CYS CB  HB3  sing N N 80  
CYS SG  HG   sing N N 81  
CYS OXT HXT  sing N N 82  
GLN N   CA   sing N N 83  
GLN N   H    sing N N 84  
GLN N   H2   sing N N 85  
GLN CA  C    sing N N 86  
GLN CA  CB   sing N N 87  
GLN CA  HA   sing N N 88  
GLN C   O    doub N N 89  
GLN C   OXT  sing N N 90  
GLN CB  CG   sing N N 91  
GLN CB  HB2  sing N N 92  
GLN CB  HB3  sing N N 93  
GLN CG  CD   sing N N 94  
GLN CG  HG2  sing N N 95  
GLN CG  HG3  sing N N 96  
GLN CD  OE1  doub N N 97  
GLN CD  NE2  sing N N 98  
GLN NE2 HE21 sing N N 99  
GLN NE2 HE22 sing N N 100 
GLN OXT HXT  sing N N 101 
GLU N   CA   sing N N 102 
GLU N   H    sing N N 103 
GLU N   H2   sing N N 104 
GLU CA  C    sing N N 105 
GLU CA  CB   sing N N 106 
GLU CA  HA   sing N N 107 
GLU C   O    doub N N 108 
GLU C   OXT  sing N N 109 
GLU CB  CG   sing N N 110 
GLU CB  HB2  sing N N 111 
GLU CB  HB3  sing N N 112 
GLU CG  CD   sing N N 113 
GLU CG  HG2  sing N N 114 
GLU CG  HG3  sing N N 115 
GLU CD  OE1  doub N N 116 
GLU CD  OE2  sing N N 117 
GLU OE2 HE2  sing N N 118 
GLU OXT HXT  sing N N 119 
GLY N   CA   sing N N 120 
GLY N   H    sing N N 121 
GLY N   H2   sing N N 122 
GLY CA  C    sing N N 123 
GLY CA  HA2  sing N N 124 
GLY CA  HA3  sing N N 125 
GLY C   O    doub N N 126 
GLY C   OXT  sing N N 127 
GLY OXT HXT  sing N N 128 
HIS N   CA   sing N N 129 
HIS N   H    sing N N 130 
HIS N   H2   sing N N 131 
HIS CA  C    sing N N 132 
HIS CA  CB   sing N N 133 
HIS CA  HA   sing N N 134 
HIS C   O    doub N N 135 
HIS C   OXT  sing N N 136 
HIS CB  CG   sing N N 137 
HIS CB  HB2  sing N N 138 
HIS CB  HB3  sing N N 139 
HIS CG  ND1  sing Y N 140 
HIS CG  CD2  doub Y N 141 
HIS ND1 CE1  doub Y N 142 
HIS ND1 HD1  sing N N 143 
HIS CD2 NE2  sing Y N 144 
HIS CD2 HD2  sing N N 145 
HIS CE1 NE2  sing Y N 146 
HIS CE1 HE1  sing N N 147 
HIS NE2 HE2  sing N N 148 
HIS OXT HXT  sing N N 149 
HOH O   H1   sing N N 150 
HOH O   H2   sing N N 151 
ILE N   CA   sing N N 152 
ILE N   H    sing N N 153 
ILE N   H2   sing N N 154 
ILE CA  C    sing N N 155 
ILE CA  CB   sing N N 156 
ILE CA  HA   sing N N 157 
ILE C   O    doub N N 158 
ILE C   OXT  sing N N 159 
ILE CB  CG1  sing N N 160 
ILE CB  CG2  sing N N 161 
ILE CB  HB   sing N N 162 
ILE CG1 CD1  sing N N 163 
ILE CG1 HG12 sing N N 164 
ILE CG1 HG13 sing N N 165 
ILE CG2 HG21 sing N N 166 
ILE CG2 HG22 sing N N 167 
ILE CG2 HG23 sing N N 168 
ILE CD1 HD11 sing N N 169 
ILE CD1 HD12 sing N N 170 
ILE CD1 HD13 sing N N 171 
ILE OXT HXT  sing N N 172 
LEU N   CA   sing N N 173 
LEU N   H    sing N N 174 
LEU N   H2   sing N N 175 
LEU CA  C    sing N N 176 
LEU CA  CB   sing N N 177 
LEU CA  HA   sing N N 178 
LEU C   O    doub N N 179 
LEU C   OXT  sing N N 180 
LEU CB  CG   sing N N 181 
LEU CB  HB2  sing N N 182 
LEU CB  HB3  sing N N 183 
LEU CG  CD1  sing N N 184 
LEU CG  CD2  sing N N 185 
LEU CG  HG   sing N N 186 
LEU CD1 HD11 sing N N 187 
LEU CD1 HD12 sing N N 188 
LEU CD1 HD13 sing N N 189 
LEU CD2 HD21 sing N N 190 
LEU CD2 HD22 sing N N 191 
LEU CD2 HD23 sing N N 192 
LEU OXT HXT  sing N N 193 
LYS N   CA   sing N N 194 
LYS N   H    sing N N 195 
LYS N   H2   sing N N 196 
LYS CA  C    sing N N 197 
LYS CA  CB   sing N N 198 
LYS CA  HA   sing N N 199 
LYS C   O    doub N N 200 
LYS C   OXT  sing N N 201 
LYS CB  CG   sing N N 202 
LYS CB  HB2  sing N N 203 
LYS CB  HB3  sing N N 204 
LYS CG  CD   sing N N 205 
LYS CG  HG2  sing N N 206 
LYS CG  HG3  sing N N 207 
LYS CD  CE   sing N N 208 
LYS CD  HD2  sing N N 209 
LYS CD  HD3  sing N N 210 
LYS CE  NZ   sing N N 211 
LYS CE  HE2  sing N N 212 
LYS CE  HE3  sing N N 213 
LYS NZ  HZ1  sing N N 214 
LYS NZ  HZ2  sing N N 215 
LYS NZ  HZ3  sing N N 216 
LYS OXT HXT  sing N N 217 
MET N   CA   sing N N 218 
MET N   H    sing N N 219 
MET N   H2   sing N N 220 
MET CA  C    sing N N 221 
MET CA  CB   sing N N 222 
MET CA  HA   sing N N 223 
MET C   O    doub N N 224 
MET C   OXT  sing N N 225 
MET CB  CG   sing N N 226 
MET CB  HB2  sing N N 227 
MET CB  HB3  sing N N 228 
MET CG  SD   sing N N 229 
MET CG  HG2  sing N N 230 
MET CG  HG3  sing N N 231 
MET SD  CE   sing N N 232 
MET CE  HE1  sing N N 233 
MET CE  HE2  sing N N 234 
MET CE  HE3  sing N N 235 
MET OXT HXT  sing N N 236 
PHE N   CA   sing N N 237 
PHE N   H    sing N N 238 
PHE N   H2   sing N N 239 
PHE CA  C    sing N N 240 
PHE CA  CB   sing N N 241 
PHE CA  HA   sing N N 242 
PHE C   O    doub N N 243 
PHE C   OXT  sing N N 244 
PHE CB  CG   sing N N 245 
PHE CB  HB2  sing N N 246 
PHE CB  HB3  sing N N 247 
PHE CG  CD1  doub Y N 248 
PHE CG  CD2  sing Y N 249 
PHE CD1 CE1  sing Y N 250 
PHE CD1 HD1  sing N N 251 
PHE CD2 CE2  doub Y N 252 
PHE CD2 HD2  sing N N 253 
PHE CE1 CZ   doub Y N 254 
PHE CE1 HE1  sing N N 255 
PHE CE2 CZ   sing Y N 256 
PHE CE2 HE2  sing N N 257 
PHE CZ  HZ   sing N N 258 
PHE OXT HXT  sing N N 259 
PRO N   CA   sing N N 260 
PRO N   CD   sing N N 261 
PRO N   H    sing N N 262 
PRO CA  C    sing N N 263 
PRO CA  CB   sing N N 264 
PRO CA  HA   sing N N 265 
PRO C   O    doub N N 266 
PRO C   OXT  sing N N 267 
PRO CB  CG   sing N N 268 
PRO CB  HB2  sing N N 269 
PRO CB  HB3  sing N N 270 
PRO CG  CD   sing N N 271 
PRO CG  HG2  sing N N 272 
PRO CG  HG3  sing N N 273 
PRO CD  HD2  sing N N 274 
PRO CD  HD3  sing N N 275 
PRO OXT HXT  sing N N 276 
SER N   CA   sing N N 277 
SER N   H    sing N N 278 
SER N   H2   sing N N 279 
SER CA  C    sing N N 280 
SER CA  CB   sing N N 281 
SER CA  HA   sing N N 282 
SER C   O    doub N N 283 
SER C   OXT  sing N N 284 
SER CB  OG   sing N N 285 
SER CB  HB2  sing N N 286 
SER CB  HB3  sing N N 287 
SER OG  HG   sing N N 288 
SER OXT HXT  sing N N 289 
SO4 S   O1   doub N N 290 
SO4 S   O2   doub N N 291 
SO4 S   O3   sing N N 292 
SO4 S   O4   sing N N 293 
THR N   CA   sing N N 294 
THR N   H    sing N N 295 
THR N   H2   sing N N 296 
THR CA  C    sing N N 297 
THR CA  CB   sing N N 298 
THR CA  HA   sing N N 299 
THR C   O    doub N N 300 
THR C   OXT  sing N N 301 
THR CB  OG1  sing N N 302 
THR CB  CG2  sing N N 303 
THR CB  HB   sing N N 304 
THR OG1 HG1  sing N N 305 
THR CG2 HG21 sing N N 306 
THR CG2 HG22 sing N N 307 
THR CG2 HG23 sing N N 308 
THR OXT HXT  sing N N 309 
TRP N   CA   sing N N 310 
TRP N   H    sing N N 311 
TRP N   H2   sing N N 312 
TRP CA  C    sing N N 313 
TRP CA  CB   sing N N 314 
TRP CA  HA   sing N N 315 
TRP C   O    doub N N 316 
TRP C   OXT  sing N N 317 
TRP CB  CG   sing N N 318 
TRP CB  HB2  sing N N 319 
TRP CB  HB3  sing N N 320 
TRP CG  CD1  doub Y N 321 
TRP CG  CD2  sing Y N 322 
TRP CD1 NE1  sing Y N 323 
TRP CD1 HD1  sing N N 324 
TRP CD2 CE2  doub Y N 325 
TRP CD2 CE3  sing Y N 326 
TRP NE1 CE2  sing Y N 327 
TRP NE1 HE1  sing N N 328 
TRP CE2 CZ2  sing Y N 329 
TRP CE3 CZ3  doub Y N 330 
TRP CE3 HE3  sing N N 331 
TRP CZ2 CH2  doub Y N 332 
TRP CZ2 HZ2  sing N N 333 
TRP CZ3 CH2  sing Y N 334 
TRP CZ3 HZ3  sing N N 335 
TRP CH2 HH2  sing N N 336 
TRP OXT HXT  sing N N 337 
TYR N   CA   sing N N 338 
TYR N   H    sing N N 339 
TYR N   H2   sing N N 340 
TYR CA  C    sing N N 341 
TYR CA  CB   sing N N 342 
TYR CA  HA   sing N N 343 
TYR C   O    doub N N 344 
TYR C   OXT  sing N N 345 
TYR CB  CG   sing N N 346 
TYR CB  HB2  sing N N 347 
TYR CB  HB3  sing N N 348 
TYR CG  CD1  doub Y N 349 
TYR CG  CD2  sing Y N 350 
TYR CD1 CE1  sing Y N 351 
TYR CD1 HD1  sing N N 352 
TYR CD2 CE2  doub Y N 353 
TYR CD2 HD2  sing N N 354 
TYR CE1 CZ   doub Y N 355 
TYR CE1 HE1  sing N N 356 
TYR CE2 CZ   sing Y N 357 
TYR CE2 HE2  sing N N 358 
TYR CZ  OH   sing N N 359 
TYR OH  HH   sing N N 360 
TYR OXT HXT  sing N N 361 
VAL N   CA   sing N N 362 
VAL N   H    sing N N 363 
VAL N   H2   sing N N 364 
VAL CA  C    sing N N 365 
VAL CA  CB   sing N N 366 
VAL CA  HA   sing N N 367 
VAL C   O    doub N N 368 
VAL C   OXT  sing N N 369 
VAL CB  CG1  sing N N 370 
VAL CB  CG2  sing N N 371 
VAL CB  HB   sing N N 372 
VAL CG1 HG11 sing N N 373 
VAL CG1 HG12 sing N N 374 
VAL CG1 HG13 sing N N 375 
VAL CG2 HG21 sing N N 376 
VAL CG2 HG22 sing N N 377 
VAL CG2 HG23 sing N N 378 
VAL OXT HXT  sing N N 379 
# 
_atom_sites.entry_id                    1QRF 
_atom_sites.fract_transf_matrix[1][1]   -0.00672866 
_atom_sites.fract_transf_matrix[1][2]   0.00842410 
_atom_sites.fract_transf_matrix[1][3]   0.00551469 
_atom_sites.fract_transf_matrix[2][1]   0.00085162 
_atom_sites.fract_transf_matrix[2][2]   0.00708516 
_atom_sites.fract_transf_matrix[2][3]   -0.00978403 
_atom_sites.fract_transf_matrix[3][1]   -0.01003255 
_atom_sites.fract_transf_matrix[3][2]   -0.00504847 
_atom_sites.fract_transf_matrix[3][3]   -0.00452913 
_atom_sites.fract_transf_vector[1]      0.211807 
_atom_sites.fract_transf_vector[2]      0.700621 
_atom_sites.fract_transf_vector[3]      0.569823 
# 
loop_
_atom_type.symbol 
C  
CO 
N  
O  
S  
# 
loop_
_atom_site.group_PDB 
_atom_site.id 
_atom_site.type_symbol 
_atom_site.label_atom_id 
_atom_site.label_alt_id 
_atom_site.label_comp_id 
_atom_site.label_asym_id 
_atom_site.label_entity_id 
_atom_site.label_seq_id 
_atom_site.pdbx_PDB_ins_code 
_atom_site.Cartn_x 
_atom_site.Cartn_y 
_atom_site.Cartn_z 
_atom_site.occupancy 
_atom_site.B_iso_or_equiv 
_atom_site.pdbx_formal_charge 
_atom_site.auth_seq_id 
_atom_site.auth_comp_id 
_atom_site.auth_asym_id 
_atom_site.auth_atom_id 
_atom_site.pdbx_PDB_model_num 
ATOM   1    N  N   . PHE A 1 8   ? -7.491  25.113  -1.214  1.00 47.21 ? 8   PHE A N   1 
ATOM   2    C  CA  . PHE A 1 8   ? -7.258  23.919  -0.346  1.00 45.53 ? 8   PHE A CA  1 
ATOM   3    C  C   . PHE A 1 8   ? -5.994  23.192  -0.792  1.00 43.92 ? 8   PHE A C   1 
ATOM   4    O  O   . PHE A 1 8   ? -5.655  23.245  -1.979  1.00 43.91 ? 8   PHE A O   1 
ATOM   5    C  CB  . PHE A 1 8   ? -8.472  22.978  -0.432  1.00 46.48 ? 8   PHE A CB  1 
ATOM   6    C  CG  . PHE A 1 8   ? -8.557  22.293  -1.773  1.00 46.38 ? 8   PHE A CG  1 
ATOM   7    C  CD1 . PHE A 1 8   ? -8.146  20.979  -1.900  1.00 46.00 ? 8   PHE A CD1 1 
ATOM   8    C  CD2 . PHE A 1 8   ? -9.016  22.970  -2.891  1.00 47.25 ? 8   PHE A CD2 1 
ATOM   9    C  CE1 . PHE A 1 8   ? -8.203  20.351  -3.129  1.00 46.97 ? 8   PHE A CE1 1 
ATOM   10   C  CE2 . PHE A 1 8   ? -9.070  22.344  -4.125  1.00 47.32 ? 8   PHE A CE2 1 
ATOM   11   C  CZ  . PHE A 1 8   ? -8.666  21.024  -4.247  1.00 47.27 ? 8   PHE A CZ  1 
ATOM   12   N  N   . SER A 1 9   ? -5.321  22.497  0.118   1.00 40.98 ? 9   SER A N   1 
ATOM   13   C  CA  . SER A 1 9   ? -4.130  21.749  -0.261  1.00 37.26 ? 9   SER A CA  1 
ATOM   14   C  C   . SER A 1 9   ? -4.500  20.263  -0.273  1.00 34.42 ? 9   SER A C   1 
ATOM   15   O  O   . SER A 1 9   ? -5.305  19.794  0.534   1.00 36.07 ? 9   SER A O   1 
ATOM   16   C  CB  . SER A 1 9   ? -2.921  21.908  0.657   1.00 37.50 ? 9   SER A CB  1 
ATOM   17   O  OG  . SER A 1 9   ? -1.841  21.095  0.173   1.00 36.83 ? 9   SER A OG  1 
ATOM   18   N  N   . ASN A 1 10  ? -3.874  19.561  -1.199  1.00 29.84 ? 10  ASN A N   1 
ATOM   19   C  CA  . ASN A 1 10  ? -4.124  18.120  -1.290  1.00 26.01 ? 10  ASN A CA  1 
ATOM   20   C  C   . ASN A 1 10  ? -3.179  17.315  -0.422  1.00 25.72 ? 10  ASN A C   1 
ATOM   21   O  O   . ASN A 1 10  ? -3.437  16.122  -0.185  1.00 24.65 ? 10  ASN A O   1 
ATOM   22   C  CB  . ASN A 1 10  ? -4.064  17.756  -2.769  1.00 25.39 ? 10  ASN A CB  1 
ATOM   23   C  CG  . ASN A 1 10  ? -2.646  17.862  -3.301  1.00 25.86 ? 10  ASN A CG  1 
ATOM   24   O  OD1 . ASN A 1 10  ? -1.930  18.803  -2.950  1.00 25.68 ? 10  ASN A OD1 1 
ATOM   25   N  ND2 . ASN A 1 10  ? -2.290  16.885  -4.088  1.00 24.44 ? 10  ASN A ND2 1 
ATOM   26   N  N   . ILE A 1 11  ? -2.098  17.861  0.098   1.00 22.06 ? 11  ILE A N   1 
ATOM   27   C  CA  . ILE A 1 11  ? -1.196  17.234  1.075   1.00 17.79 ? 11  ILE A CA  1 
ATOM   28   C  C   . ILE A 1 11  ? -1.447  17.969  2.384   1.00 19.41 ? 11  ILE A C   1 
ATOM   29   O  O   . ILE A 1 11  ? -1.268  19.193  2.458   1.00 19.70 ? 11  ILE A O   1 
ATOM   30   C  CB  . ILE A 1 11  ? 0.264   17.315  0.644   1.00 17.13 ? 11  ILE A CB  1 
ATOM   31   C  CG1 . ILE A 1 11  ? 0.400   16.652  -0.731  1.00 18.19 ? 11  ILE A CG1 1 
ATOM   32   C  CG2 . ILE A 1 11  ? 1.180   16.769  1.719   1.00 18.23 ? 11  ILE A CG2 1 
ATOM   33   C  CD1 . ILE A 1 11  ? 1.764   16.752  -1.356  1.00 20.56 ? 11  ILE A CD1 1 
ATOM   34   N  N   . ARG A 1 12  ? -2.027  17.285  3.370   1.00 17.67 ? 12  ARG A N   1 
ATOM   35   C  CA  . ARG A 1 12  ? -2.545  17.913  4.566   1.00 19.43 ? 12  ARG A CA  1 
ATOM   36   C  C   . ARG A 1 12  ? -2.275  17.118  5.838   1.00 19.67 ? 12  ARG A C   1 
ATOM   37   O  O   . ARG A 1 12  ? -2.038  15.905  5.812   1.00 17.83 ? 12  ARG A O   1 
ATOM   38   C  CB  . ARG A 1 12  ? -4.100  17.873  4.456   1.00 22.10 ? 12  ARG A CB  1 
ATOM   39   C  CG  . ARG A 1 12  ? -4.759  18.564  3.290   1.00 24.72 ? 12  ARG A CG  1 
ATOM   40   C  CD  . ARG A 1 12  ? -6.031  17.878  2.796   1.00 27.61 ? 12  ARG A CD  1 
ATOM   41   N  NE  . ARG A 1 12  ? -7.068  17.991  3.807   1.00 26.87 ? 12  ARG A NE  1 
ATOM   42   C  CZ  . ARG A 1 12  ? -8.332  17.622  3.691   1.00 27.49 ? 12  ARG A CZ  1 
ATOM   43   N  NH1 . ARG A 1 12  ? -8.776  17.061  2.583   1.00 26.16 ? 12  ARG A NH1 1 
ATOM   44   N  NH2 . ARG A 1 12  ? -9.139  17.826  4.722   1.00 28.76 ? 12  ARG A NH2 1 
ATOM   45   N  N   . GLU A 1 13  ? -2.378  17.788  6.977   1.00 19.07 ? 13  GLU A N   1 
ATOM   46   C  CA  . GLU A 1 13  ? -2.269  17.132  8.263   1.00 19.71 ? 13  GLU A CA  1 
ATOM   47   C  C   . GLU A 1 13  ? -3.617  16.427  8.556   1.00 18.94 ? 13  GLU A C   1 
ATOM   48   O  O   . GLU A 1 13  ? -4.625  16.758  7.944   1.00 18.85 ? 13  GLU A O   1 
ATOM   49   C  CB  . GLU A 1 13  ? -2.021  18.046  9.451   1.00 20.45 ? 13  GLU A CB  1 
ATOM   50   N  N   . ASN A 1 14  ? -3.545  15.476  9.454   1.00 18.21 ? 14  ASN A N   1 
ATOM   51   C  CA  . ASN A 1 14  ? -4.742  14.785  9.901   1.00 16.13 ? 14  ASN A CA  1 
ATOM   52   C  C   . ASN A 1 14  ? -5.337  15.662  11.009  1.00 19.34 ? 14  ASN A C   1 
ATOM   53   O  O   . ASN A 1 14  ? -4.712  16.556  11.586  1.00 20.10 ? 14  ASN A O   1 
ATOM   54   C  CB  . ASN A 1 14  ? -4.436  13.407  10.445  1.00 16.93 ? 14  ASN A CB  1 
ATOM   55   C  CG  . ASN A 1 14  ? -3.234  13.195  11.343  1.00 17.19 ? 14  ASN A CG  1 
ATOM   56   O  OD1 . ASN A 1 14  ? -2.708  14.173  11.891  1.00 19.15 ? 14  ASN A OD1 1 
ATOM   57   N  ND2 . ASN A 1 14  ? -2.772  11.974  11.515  1.00 15.58 ? 14  ASN A ND2 1 
ATOM   58   N  N   . PRO A 1 15  ? -6.597  15.462  11.311  1.00 17.00 ? 15  PRO A N   1 
ATOM   59   C  CA  . PRO A 1 15  ? -7.355  16.229  12.271  1.00 16.76 ? 15  PRO A CA  1 
ATOM   60   C  C   . PRO A 1 15  ? -7.103  15.717  13.693  1.00 14.72 ? 15  PRO A C   1 
ATOM   61   O  O   . PRO A 1 15  ? -6.736  14.578  13.974  1.00 14.95 ? 15  PRO A O   1 
ATOM   62   C  CB  . PRO A 1 15  ? -8.823  16.038  11.847  1.00 15.10 ? 15  PRO A CB  1 
ATOM   63   C  CG  . PRO A 1 15  ? -8.797  14.645  11.245  1.00 15.08 ? 15  PRO A CG  1 
ATOM   64   C  CD  . PRO A 1 15  ? -7.451  14.493  10.545  1.00 15.40 ? 15  PRO A CD  1 
ATOM   65   N  N   . VAL A 1 16  ? -7.324  16.644  14.655  1.00 15.85 ? 16  VAL A N   1 
ATOM   66   C  CA  . VAL A 1 16  ? -7.213  16.260  16.069  1.00 17.74 ? 16  VAL A CA  1 
ATOM   67   C  C   . VAL A 1 16  ? -8.433  15.406  16.428  1.00 16.80 ? 16  VAL A C   1 
ATOM   68   O  O   . VAL A 1 16  ? -9.571  15.699  15.996  1.00 18.30 ? 16  VAL A O   1 
ATOM   69   C  CB  . VAL A 1 16  ? -7.136  17.491  16.993  1.00 16.09 ? 16  VAL A CB  1 
ATOM   70   C  CG1 . VAL A 1 16  ? -7.045  17.101  18.464  1.00 17.40 ? 16  VAL A CG1 1 
ATOM   71   C  CG2 . VAL A 1 16  ? -5.931  18.377  16.657  1.00 17.61 ? 16  VAL A CG2 1 
ATOM   72   N  N   . THR A 1 17  ? -8.230  14.286  17.090  1.00 17.92 ? 17  THR A N   1 
ATOM   73   C  CA  . THR A 1 17  ? -9.330  13.400  17.481  1.00 18.93 ? 17  THR A CA  1 
ATOM   74   C  C   . THR A 1 17  ? -8.946  12.883  18.854  1.00 20.53 ? 17  THR A C   1 
ATOM   75   O  O   . THR A 1 17  ? -7.806  13.093  19.271  1.00 23.06 ? 17  THR A O   1 
ATOM   76   C  CB  . THR A 1 17  ? -9.390  12.176  16.536  1.00 17.49 ? 17  THR A CB  1 
ATOM   77   O  OG1 . THR A 1 17  ? -8.184  11.423  16.636  1.00 18.00 ? 17  THR A OG1 1 
ATOM   78   C  CG2 . THR A 1 17  ? -9.629  12.565  15.086  1.00 19.54 ? 17  THR A CG2 1 
ATOM   79   N  N   . PRO A 1 18  ? -9.752  12.052  19.465  1.00 23.52 ? 18  PRO A N   1 
ATOM   80   C  CA  . PRO A 1 18  ? -9.418  11.416  20.730  1.00 24.62 ? 18  PRO A CA  1 
ATOM   81   C  C   . PRO A 1 18  ? -8.222  10.504  20.675  1.00 26.20 ? 18  PRO A C   1 
ATOM   82   O  O   . PRO A 1 18  ? -7.598  10.238  21.715  1.00 28.59 ? 18  PRO A O   1 
ATOM   83   C  CB  . PRO A 1 18  ? -10.642 10.588  21.168  1.00 24.95 ? 18  PRO A CB  1 
ATOM   84   C  CG  . PRO A 1 18  ? -11.732 11.242  20.356  1.00 25.55 ? 18  PRO A CG  1 
ATOM   85   C  CD  . PRO A 1 18  ? -11.131 11.742  19.061  1.00 24.58 ? 18  PRO A CD  1 
ATOM   86   N  N   . TRP A 1 19  ? -7.825  9.958   19.538  1.00 25.03 ? 19  TRP A N   1 
ATOM   87   C  CA  . TRP A 1 19  ? -6.688  9.087   19.365  1.00 23.61 ? 19  TRP A CA  1 
ATOM   88   C  C   . TRP A 1 19  ? -5.545  9.801   18.646  1.00 24.89 ? 19  TRP A C   1 
ATOM   89   O  O   . TRP A 1 19  ? -4.506  9.209   18.356  1.00 26.42 ? 19  TRP A O   1 
ATOM   90   C  CB  . TRP A 1 19  ? -7.081  7.832   18.545  1.00 23.35 ? 19  TRP A CB  1 
ATOM   91   C  CG  . TRP A 1 19  ? -7.598  8.166   17.174  1.00 22.02 ? 19  TRP A CG  1 
ATOM   92   C  CD1 . TRP A 1 19  ? -6.881  8.336   16.017  1.00 20.98 ? 19  TRP A CD1 1 
ATOM   93   C  CD2 . TRP A 1 19  ? -8.973  8.347   16.827  1.00 22.12 ? 19  TRP A CD2 1 
ATOM   94   N  NE1 . TRP A 1 19  ? -7.746  8.651   14.991  1.00 20.96 ? 19  TRP A NE1 1 
ATOM   95   C  CE2 . TRP A 1 19  ? -9.032  8.681   15.452  1.00 21.72 ? 19  TRP A CE2 1 
ATOM   96   C  CE3 . TRP A 1 19  ? -10.170 8.291   17.561  1.00 22.13 ? 19  TRP A CE3 1 
ATOM   97   C  CZ2 . TRP A 1 19  ? -10.231 8.929   14.798  1.00 21.42 ? 19  TRP A CZ2 1 
ATOM   98   C  CZ3 . TRP A 1 19  ? -11.355 8.560   16.909  1.00 22.37 ? 19  TRP A CZ3 1 
ATOM   99   C  CH2 . TRP A 1 19  ? -11.384 8.856   15.536  1.00 20.94 ? 19  TRP A CH2 1 
ATOM   100  N  N   . ASN A 1 20  ? -5.705  11.099  18.397  1.00 22.75 ? 20  ASN A N   1 
ATOM   101  C  CA  . ASN A 1 20  ? -4.665  11.856  17.692  1.00 23.96 ? 20  ASN A CA  1 
ATOM   102  C  C   . ASN A 1 20  ? -4.493  13.245  18.263  1.00 24.33 ? 20  ASN A C   1 
ATOM   103  O  O   . ASN A 1 20  ? -5.004  14.238  17.739  1.00 25.20 ? 20  ASN A O   1 
ATOM   104  C  CB  . ASN A 1 20  ? -5.026  11.982  16.199  1.00 21.53 ? 20  ASN A CB  1 
ATOM   105  C  CG  . ASN A 1 20  ? -3.858  12.497  15.378  1.00 22.76 ? 20  ASN A CG  1 
ATOM   106  O  OD1 . ASN A 1 20  ? -2.746  12.004  15.512  1.00 21.75 ? 20  ASN A OD1 1 
ATOM   107  N  ND2 . ASN A 1 20  ? -4.037  13.506  14.540  1.00 20.89 ? 20  ASN A ND2 1 
ATOM   108  N  N   . PRO A 1 21  ? -3.821  13.342  19.407  1.00 28.32 ? 21  PRO A N   1 
ATOM   109  C  CA  . PRO A 1 21  ? -3.600  14.579  20.130  1.00 29.17 ? 21  PRO A CA  1 
ATOM   110  C  C   . PRO A 1 21  ? -2.739  15.583  19.389  1.00 31.19 ? 21  PRO A C   1 
ATOM   111  O  O   . PRO A 1 21  ? -3.002  16.790  19.379  1.00 30.44 ? 21  PRO A O   1 
ATOM   112  C  CB  . PRO A 1 21  ? -2.866  14.214  21.448  1.00 29.96 ? 21  PRO A CB  1 
ATOM   113  C  CG  . PRO A 1 21  ? -2.356  12.827  21.165  1.00 30.05 ? 21  PRO A CG  1 
ATOM   114  C  CD  . PRO A 1 21  ? -3.215  12.193  20.092  1.00 28.29 ? 21  PRO A CD  1 
ATOM   115  N  N   . GLU A 1 22  ? -1.699  15.026  18.780  1.00 31.78 ? 22  GLU A N   1 
ATOM   116  C  CA  . GLU A 1 22  ? -0.742  15.792  18.003  1.00 32.26 ? 22  GLU A CA  1 
ATOM   117  C  C   . GLU A 1 22  ? -0.775  15.362  16.533  1.00 31.08 ? 22  GLU A C   1 
ATOM   118  O  O   . GLU A 1 22  ? -0.220  14.343  16.121  1.00 31.74 ? 22  GLU A O   1 
ATOM   119  C  CB  . GLU A 1 22  ? 0.641   15.557  18.594  1.00 32.65 ? 22  GLU A CB  1 
ATOM   120  N  N   . PRO A 1 23  ? -1.423  16.183  15.742  1.00 29.49 ? 23  PRO A N   1 
ATOM   121  C  CA  . PRO A 1 23  ? -1.547  16.026  14.302  1.00 28.66 ? 23  PRO A CA  1 
ATOM   122  C  C   . PRO A 1 23  ? -0.199  15.976  13.603  1.00 28.40 ? 23  PRO A C   1 
ATOM   123  O  O   . PRO A 1 23  ? 0.760   16.654  13.997  1.00 26.75 ? 23  PRO A O   1 
ATOM   124  C  CB  . PRO A 1 23  ? -2.284  17.254  13.743  1.00 29.63 ? 23  PRO A CB  1 
ATOM   125  C  CG  . PRO A 1 23  ? -2.331  18.170  14.931  1.00 31.26 ? 23  PRO A CG  1 
ATOM   126  C  CD  . PRO A 1 23  ? -2.090  17.396  16.195  1.00 30.35 ? 23  PRO A CD  1 
ATOM   127  N  N   . SER A 1 24  ? -0.167  15.188  12.529  1.00 23.96 ? 24  SER A N   1 
ATOM   128  C  CA  . SER A 1 24  ? 1.008   15.022  11.712  1.00 24.68 ? 24  SER A CA  1 
ATOM   129  C  C   . SER A 1 24  ? 0.750   15.334  10.237  1.00 23.67 ? 24  SER A C   1 
ATOM   130  O  O   . SER A 1 24  ? -0.327  15.091  9.718   1.00 21.78 ? 24  SER A O   1 
ATOM   131  C  CB  . SER A 1 24  ? 1.509   13.572  11.750  1.00 26.35 ? 24  SER A CB  1 
ATOM   132  O  OG  . SER A 1 24  ? 1.576   13.096  13.086  1.00 29.40 ? 24  SER A OG  1 
ATOM   133  N  N   . ALA A 1 25  ? 1.773   15.860  9.580   1.00 21.82 ? 25  ALA A N   1 
ATOM   134  C  CA  . ALA A 1 25  ? 1.781   16.101  8.149   1.00 22.23 ? 25  ALA A CA  1 
ATOM   135  C  C   . ALA A 1 25  ? 2.621   15.037  7.443   1.00 19.76 ? 25  ALA A C   1 
ATOM   136  O  O   . ALA A 1 25  ? 3.563   14.444  7.958   1.00 20.16 ? 25  ALA A O   1 
ATOM   137  C  CB  . ALA A 1 25  ? 2.478   17.447  7.900   1.00 24.17 ? 25  ALA A CB  1 
ATOM   138  N  N   . PRO A 1 26  ? 2.260   14.706  6.207   1.00 18.04 ? 26  PRO A N   1 
ATOM   139  C  CA  . PRO A 1 26  ? 3.010   13.732  5.421   1.00 17.85 ? 26  PRO A CA  1 
ATOM   140  C  C   . PRO A 1 26  ? 4.488   14.060  5.246   1.00 16.63 ? 26  PRO A C   1 
ATOM   141  O  O   . PRO A 1 26  ? 4.822   15.265  5.106   1.00 18.18 ? 26  PRO A O   1 
ATOM   142  C  CB  . PRO A 1 26  ? 2.321   13.811  4.029   1.00 16.64 ? 26  PRO A CB  1 
ATOM   143  C  CG  . PRO A 1 26  ? 0.878   14.166  4.435   1.00 16.39 ? 26  PRO A CG  1 
ATOM   144  C  CD  . PRO A 1 26  ? 1.080   15.239  5.530   1.00 15.44 ? 26  PRO A CD  1 
ATOM   145  N  N   . VAL A 1 27  ? 5.359   13.091  5.325   1.00 18.01 ? 27  VAL A N   1 
ATOM   146  C  CA  . VAL A 1 27  ? 6.813   13.195  5.073   1.00 19.72 ? 27  VAL A CA  1 
ATOM   147  C  C   . VAL A 1 27  ? 7.029   12.577  3.689   1.00 18.86 ? 27  VAL A C   1 
ATOM   148  O  O   . VAL A 1 27  ? 6.925   11.367  3.498   1.00 19.31 ? 27  VAL A O   1 
ATOM   149  C  CB  . VAL A 1 27  ? 7.671   12.455  6.113   1.00 20.65 ? 27  VAL A CB  1 
ATOM   150  C  CG1 . VAL A 1 27  ? 9.177   12.648  5.843   1.00 21.87 ? 27  VAL A CG1 1 
ATOM   151  C  CG2 . VAL A 1 27  ? 7.341   12.883  7.531   1.00 22.26 ? 27  VAL A CG2 1 
ATOM   152  N  N   . ILE A 1 28  ? 7.236   13.425  2.696   1.00 19.37 ? 28  ILE A N   1 
ATOM   153  C  CA  . ILE A 1 28  ? 7.355   13.001  1.294   1.00 17.02 ? 28  ILE A CA  1 
ATOM   154  C  C   . ILE A 1 28  ? 8.729   13.327  0.705   1.00 17.91 ? 28  ILE A C   1 
ATOM   155  O  O   . ILE A 1 28  ? 9.145   14.481  0.750   1.00 18.08 ? 28  ILE A O   1 
ATOM   156  C  CB  . ILE A 1 28  ? 6.230   13.660  0.474   1.00 16.81 ? 28  ILE A CB  1 
ATOM   157  C  CG1 . ILE A 1 28  ? 4.860   13.301  1.103   1.00 18.02 ? 28  ILE A CG1 1 
ATOM   158  C  CG2 . ILE A 1 28  ? 6.231   13.219  -0.992  1.00 15.65 ? 28  ILE A CG2 1 
ATOM   159  C  CD1 . ILE A 1 28  ? 3.721   13.973  0.376   1.00 18.45 ? 28  ILE A CD1 1 
ATOM   160  N  N   . ASP A 1 29  ? 9.336   12.288  0.152   1.00 16.43 ? 29  ASP A N   1 
ATOM   161  C  CA  . ASP A 1 29  ? 10.677  12.522  -0.469  1.00 18.16 ? 29  ASP A CA  1 
ATOM   162  C  C   . ASP A 1 29  ? 10.526  13.528  -1.553  1.00 19.40 ? 29  ASP A C   1 
ATOM   163  O  O   . ASP A 1 29  ? 9.575   13.580  -2.347  1.00 19.13 ? 29  ASP A O   1 
ATOM   164  C  CB  . ASP A 1 29  ? 11.170  11.158  -0.950  1.00 20.36 ? 29  ASP A CB  1 
ATOM   165  C  CG  . ASP A 1 29  ? 12.628  11.135  -1.405  1.00 20.81 ? 29  ASP A CG  1 
ATOM   166  O  OD1 . ASP A 1 29  ? 12.906  11.590  -2.529  1.00 21.20 ? 29  ASP A OD1 1 
ATOM   167  O  OD2 . ASP A 1 29  ? 13.425  10.594  -0.622  1.00 22.79 ? 29  ASP A OD2 1 
ATOM   168  N  N   . PRO A 1 30  ? 11.492  14.454  -1.734  1.00 18.99 ? 30  PRO A N   1 
ATOM   169  C  CA  . PRO A 1 30  ? 11.464  15.450  -2.767  1.00 20.03 ? 30  PRO A CA  1 
ATOM   170  C  C   . PRO A 1 30  ? 11.401  14.829  -4.172  1.00 19.21 ? 30  PRO A C   1 
ATOM   171  O  O   . PRO A 1 30  ? 10.966  15.523  -5.105  1.00 21.28 ? 30  PRO A O   1 
ATOM   172  C  CB  . PRO A 1 30  ? 12.813  16.223  -2.662  1.00 20.94 ? 30  PRO A CB  1 
ATOM   173  C  CG  . PRO A 1 30  ? 13.355  15.788  -1.350  1.00 22.67 ? 30  PRO A CG  1 
ATOM   174  C  CD  . PRO A 1 30  ? 12.656  14.531  -0.837  1.00 20.36 ? 30  PRO A CD  1 
ATOM   175  N  N   . THR A 1 31  ? 11.825  13.585  -4.342  1.00 18.83 ? 31  THR A N   1 
ATOM   176  C  CA  . THR A 1 31  ? 11.808  12.925  -5.636  1.00 19.09 ? 31  THR A CA  1 
ATOM   177  C  C   . THR A 1 31  ? 10.471  12.226  -5.944  1.00 17.25 ? 31  THR A C   1 
ATOM   178  O  O   . THR A 1 31  ? 10.279  11.771  -7.080  1.00 17.87 ? 31  THR A O   1 
ATOM   179  C  CB  . THR A 1 31  ? 12.901  11.882  -5.883  1.00 17.83 ? 31  THR A CB  1 
ATOM   180  O  OG1 . THR A 1 31  ? 12.837  10.741  -5.051  1.00 17.59 ? 31  THR A OG1 1 
ATOM   181  C  CG2 . THR A 1 31  ? 14.310  12.526  -5.735  1.00 19.26 ? 31  THR A CG2 1 
ATOM   182  N  N   . ALA A 1 32  ? 9.589   12.217  -4.953  1.00 17.02 ? 32  ALA A N   1 
ATOM   183  C  CA  . ALA A 1 32  ? 8.267   11.583  -5.236  1.00 14.91 ? 32  ALA A CA  1 
ATOM   184  C  C   . ALA A 1 32  ? 7.365   12.574  -5.933  1.00 16.48 ? 32  ALA A C   1 
ATOM   185  O  O   . ALA A 1 32  ? 7.532   13.804  -5.761  1.00 18.43 ? 32  ALA A O   1 
ATOM   186  C  CB  . ALA A 1 32  ? 7.686   11.213  -3.858  1.00 15.28 ? 32  ALA A CB  1 
ATOM   187  N  N   . TYR A 1 33  ? 6.410   12.094  -6.728  1.00 13.68 ? 33  TYR A N   1 
ATOM   188  C  CA  . TYR A 1 33  ? 5.480   12.966  -7.441  1.00 12.31 ? 33  TYR A CA  1 
ATOM   189  C  C   . TYR A 1 33  ? 4.066   12.682  -6.906  1.00 13.21 ? 33  TYR A C   1 
ATOM   190  O  O   . TYR A 1 33  ? 3.703   11.515  -6.979  1.00 12.31 ? 33  TYR A O   1 
ATOM   191  C  CB  . TYR A 1 33  ? 5.471   12.798  -8.975  1.00 11.49 ? 33  TYR A CB  1 
ATOM   192  C  CG  . TYR A 1 33  ? 4.347   13.550  -9.632  1.00 13.28 ? 33  TYR A CG  1 
ATOM   193  C  CD1 . TYR A 1 33  ? 4.531   14.923  -9.793  1.00 13.52 ? 33  TYR A CD1 1 
ATOM   194  C  CD2 . TYR A 1 33  ? 3.157   12.994  -10.052 1.00 13.41 ? 33  TYR A CD2 1 
ATOM   195  C  CE1 . TYR A 1 33  ? 3.578   15.722  -10.393 1.00 14.96 ? 33  TYR A CE1 1 
ATOM   196  C  CE2 . TYR A 1 33  ? 2.182   13.799  -10.650 1.00 13.40 ? 33  TYR A CE2 1 
ATOM   197  C  CZ  . TYR A 1 33  ? 2.382   15.139  -10.807 1.00 14.83 ? 33  TYR A CZ  1 
ATOM   198  O  OH  . TYR A 1 33  ? 1.428   15.945  -11.383 1.00 18.30 ? 33  TYR A OH  1 
ATOM   199  N  N   . ILE A 1 34  ? 3.398   13.718  -6.436  1.00 11.28 ? 34  ILE A N   1 
ATOM   200  C  CA  . ILE A 1 34  ? 2.037   13.599  -5.915  1.00 10.95 ? 34  ILE A CA  1 
ATOM   201  C  C   . ILE A 1 34  ? 1.138   14.320  -6.872  1.00 10.70 ? 34  ILE A C   1 
ATOM   202  O  O   . ILE A 1 34  ? 1.243   15.572  -6.998  1.00 11.49 ? 34  ILE A O   1 
ATOM   203  C  CB  . ILE A 1 34  ? 1.855   14.159  -4.484  1.00 10.16 ? 34  ILE A CB  1 
ATOM   204  C  CG1 . ILE A 1 34  ? 2.906   13.607  -3.489  1.00 12.90 ? 34  ILE A CG1 1 
ATOM   205  C  CG2 . ILE A 1 34  ? 0.453   13.869  -3.968  1.00 13.00 ? 34  ILE A CG2 1 
ATOM   206  C  CD1 . ILE A 1 34  ? 2.970   12.102  -3.401  1.00 14.02 ? 34  ILE A CD1 1 
ATOM   207  N  N   . ASP A 1 35  ? 0.247   13.641  -7.617  1.00 11.13 ? 35  ASP A N   1 
ATOM   208  C  CA  . ASP A 1 35  ? -0.628  14.358  -8.565  1.00 11.20 ? 35  ASP A CA  1 
ATOM   209  C  C   . ASP A 1 35  ? -1.435  15.375  -7.822  1.00 12.53 ? 35  ASP A C   1 
ATOM   210  O  O   . ASP A 1 35  ? -1.901  15.194  -6.697  1.00 11.86 ? 35  ASP A O   1 
ATOM   211  C  CB  . ASP A 1 35  ? -1.506  13.303  -9.263  1.00 12.27 ? 35  ASP A CB  1 
ATOM   212  C  CG  . ASP A 1 35  ? -2.258  13.953  -10.422 1.00 12.44 ? 35  ASP A CG  1 
ATOM   213  O  OD1 . ASP A 1 35  ? -1.636  13.954  -11.519 1.00 14.04 ? 35  ASP A OD1 1 
ATOM   214  O  OD2 . ASP A 1 35  ? -3.382  14.390  -10.216 1.00 13.03 ? 35  ASP A OD2 1 
ATOM   215  N  N   . PRO A 1 36  ? -1.762  16.488  -8.482  1.00 14.87 ? 36  PRO A N   1 
ATOM   216  C  CA  . PRO A 1 36  ? -2.606  17.509  -7.874  1.00 14.11 ? 36  PRO A CA  1 
ATOM   217  C  C   . PRO A 1 36  ? -4.004  17.059  -7.476  1.00 11.17 ? 36  PRO A C   1 
ATOM   218  O  O   . PRO A 1 36  ? -4.650  17.565  -6.547  1.00 14.24 ? 36  PRO A O   1 
ATOM   219  C  CB  . PRO A 1 36  ? -2.684  18.667  -8.883  1.00 15.32 ? 36  PRO A CB  1 
ATOM   220  C  CG  . PRO A 1 36  ? -2.217  18.016  -10.174 1.00 19.41 ? 36  PRO A CG  1 
ATOM   221  C  CD  . PRO A 1 36  ? -1.233  16.896  -9.791  1.00 14.93 ? 36  PRO A CD  1 
ATOM   222  N  N   . GLN A 1 37  ? -4.505  16.008  -8.178  1.00 11.26 ? 37  GLN A N   1 
ATOM   223  C  CA  . GLN A 1 37  ? -5.802  15.436  -7.861  1.00 11.79 ? 37  GLN A CA  1 
ATOM   224  C  C   . GLN A 1 37  ? -5.693  14.146  -7.064  1.00 11.50 ? 37  GLN A C   1 
ATOM   225  O  O   . GLN A 1 37  ? -6.668  13.376  -6.985  1.00 11.78 ? 37  GLN A O   1 
ATOM   226  C  CB  . GLN A 1 37  ? -6.679  15.226  -9.116  1.00 14.50 ? 37  GLN A CB  1 
ATOM   227  C  CG  . GLN A 1 37  ? -7.010  16.598  -9.715  1.00 17.34 ? 37  GLN A CG  1 
ATOM   228  C  CD  . GLN A 1 37  ? -7.542  16.536  -11.147 1.00 22.04 ? 37  GLN A CD  1 
ATOM   229  O  OE1 . GLN A 1 37  ? -6.814  16.170  -12.072 1.00 25.23 ? 37  GLN A OE1 1 
ATOM   230  N  NE2 . GLN A 1 37  ? -8.700  16.883  -11.438 1.00 22.47 ? 37  GLN A NE2 1 
ATOM   231  N  N   . ALA A 1 38  ? -4.576  13.894  -6.394  1.00 10.27 ? 38  ALA A N   1 
ATOM   232  C  CA  . ALA A 1 38  ? -4.454  12.866  -5.377  1.00 10.70 ? 38  ALA A CA  1 
ATOM   233  C  C   . ALA A 1 38  ? -4.645  13.550  -4.025  1.00 11.36 ? 38  ALA A C   1 
ATOM   234  O  O   . ALA A 1 38  ? -4.526  14.796  -3.960  1.00 13.20 ? 38  ALA A O   1 
ATOM   235  C  CB  . ALA A 1 38  ? -3.119  12.125  -5.412  1.00 11.11 ? 38  ALA A CB  1 
ATOM   236  N  N   . SER A 1 39  ? -4.921  12.810  -2.981  1.00 9.31  ? 39  SER A N   1 
ATOM   237  C  CA  . SER A 1 39  ? -5.074  13.308  -1.629  1.00 7.90  ? 39  SER A CA  1 
ATOM   238  C  C   . SER A 1 39  ? -4.147  12.563  -0.713  1.00 10.66 ? 39  SER A C   1 
ATOM   239  O  O   . SER A 1 39  ? -4.239  11.322  -0.739  1.00 11.25 ? 39  SER A O   1 
ATOM   240  C  CB  . SER A 1 39  ? -6.510  13.096  -1.109  1.00 10.59 ? 39  SER A CB  1 
ATOM   241  O  OG  . SER A 1 39  ? -6.708  13.586  0.198   1.00 11.84 ? 39  SER A OG  1 
ATOM   242  N  N   . VAL A 1 40  ? -3.356  13.171  0.132   1.00 10.83 ? 40  VAL A N   1 
ATOM   243  C  CA  . VAL A 1 40  ? -2.434  12.508  1.021   1.00 9.35  ? 40  VAL A CA  1 
ATOM   244  C  C   . VAL A 1 40  ? -2.575  13.251  2.359   1.00 12.48 ? 40  VAL A C   1 
ATOM   245  O  O   . VAL A 1 40  ? -2.272  14.430  2.464   1.00 13.02 ? 40  VAL A O   1 
ATOM   246  C  CB  . VAL A 1 40  ? -0.953  12.598  0.585   1.00 10.50 ? 40  VAL A CB  1 
ATOM   247  C  CG1 . VAL A 1 40  ? -0.106  11.790  1.546   1.00 11.27 ? 40  VAL A CG1 1 
ATOM   248  C  CG2 . VAL A 1 40  ? -0.721  12.060  -0.807  1.00 12.76 ? 40  VAL A CG2 1 
ATOM   249  N  N   . ILE A 1 41  ? -3.155  12.552  3.314   1.00 10.99 ? 41  ILE A N   1 
ATOM   250  C  CA  . ILE A 1 41  ? -3.452  13.161  4.607   1.00 12.13 ? 41  ILE A CA  1 
ATOM   251  C  C   . ILE A 1 41  ? -2.827  12.412  5.764   1.00 11.87 ? 41  ILE A C   1 
ATOM   252  O  O   . ILE A 1 41  ? -2.901  11.198  5.861   1.00 11.87 ? 41  ILE A O   1 
ATOM   253  C  CB  . ILE A 1 41  ? -4.994  13.094  4.834   1.00 11.95 ? 41  ILE A CB  1 
ATOM   254  C  CG1 . ILE A 1 41  ? -5.784  13.921  3.826   1.00 13.62 ? 41  ILE A CG1 1 
ATOM   255  C  CG2 . ILE A 1 41  ? -5.371  13.516  6.264   1.00 14.32 ? 41  ILE A CG2 1 
ATOM   256  C  CD1 . ILE A 1 41  ? -7.280  13.626  3.849   1.00 12.67 ? 41  ILE A CD1 1 
ATOM   257  N  N   . GLY A 1 42  ? -2.238  13.166  6.681   1.00 12.83 ? 42  GLY A N   1 
ATOM   258  C  CA  . GLY A 1 42  ? -1.786  12.675  7.959   1.00 13.78 ? 42  GLY A CA  1 
ATOM   259  C  C   . GLY A 1 42  ? -0.438  12.058  8.164   1.00 14.52 ? 42  GLY A C   1 
ATOM   260  O  O   . GLY A 1 42  ? 0.542   12.503  7.517   1.00 16.88 ? 42  GLY A O   1 
ATOM   261  N  N   . GLU A 1 43  ? -0.378  11.025  8.985   1.00 15.30 ? 43  GLU A N   1 
ATOM   262  C  CA  . GLU A 1 43  ? 0.909   10.414  9.352   1.00 16.99 ? 43  GLU A CA  1 
ATOM   263  C  C   . GLU A 1 43  ? 1.286   9.405   8.272   1.00 15.12 ? 43  GLU A C   1 
ATOM   264  O  O   . GLU A 1 43  ? 0.948   8.244   8.386   1.00 15.03 ? 43  GLU A O   1 
ATOM   265  C  CB  . GLU A 1 43  ? 0.734   9.797   10.734  1.00 20.52 ? 43  GLU A CB  1 
ATOM   266  C  CG  . GLU A 1 43  ? 2.051   9.384   11.409  1.00 22.79 ? 43  GLU A CG  1 
ATOM   267  C  CD  . GLU A 1 43  ? 1.697   8.710   12.738  1.00 25.94 ? 43  GLU A CD  1 
ATOM   268  O  OE1 . GLU A 1 43  ? 0.940   9.286   13.552  1.00 30.67 ? 43  GLU A OE1 1 
ATOM   269  O  OE2 . GLU A 1 43  ? 2.109   7.572   12.968  1.00 28.50 ? 43  GLU A OE2 1 
ATOM   270  N  N   . VAL A 1 44  ? 1.921   9.917   7.241   1.00 16.24 ? 44  VAL A N   1 
ATOM   271  C  CA  . VAL A 1 44  ? 2.279   9.145   6.054   1.00 14.63 ? 44  VAL A CA  1 
ATOM   272  C  C   . VAL A 1 44  ? 3.754   9.424   5.710   1.00 16.80 ? 44  VAL A C   1 
ATOM   273  O  O   . VAL A 1 44  ? 4.172   10.591  5.785   1.00 18.01 ? 44  VAL A O   1 
ATOM   274  C  CB  . VAL A 1 44  ? 1.486   9.722   4.847   1.00 14.17 ? 44  VAL A CB  1 
ATOM   275  C  CG1 . VAL A 1 44  ? 1.914   9.077   3.519   1.00 13.98 ? 44  VAL A CG1 1 
ATOM   276  C  CG2 . VAL A 1 44  ? -0.011  9.538   5.065   1.00 13.36 ? 44  VAL A CG2 1 
ATOM   277  N  N   . THR A 1 45  ? 4.412   8.341   5.352   1.00 17.04 ? 45  THR A N   1 
ATOM   278  C  CA  . THR A 1 45  ? 5.770   8.438   4.819   1.00 17.68 ? 45  THR A CA  1 
ATOM   279  C  C   . THR A 1 45  ? 5.739   7.924   3.379   1.00 16.66 ? 45  THR A C   1 
ATOM   280  O  O   . THR A 1 45  ? 5.316   6.797   3.111   1.00 16.23 ? 45  THR A O   1 
ATOM   281  C  CB  . THR A 1 45  ? 6.779   7.728   5.742   1.00 19.12 ? 45  THR A CB  1 
ATOM   282  O  OG1 . THR A 1 45  ? 6.685   8.338   7.038   1.00 20.24 ? 45  THR A OG1 1 
ATOM   283  C  CG2 . THR A 1 45  ? 8.188   7.848   5.180   1.00 20.94 ? 45  THR A CG2 1 
ATOM   284  N  N   . ILE A 1 46  ? 6.224   8.771   2.442   1.00 16.78 ? 46  ILE A N   1 
ATOM   285  C  CA  . ILE A 1 46  ? 6.298   8.422   1.033   1.00 16.16 ? 46  ILE A CA  1 
ATOM   286  C  C   . ILE A 1 46  ? 7.791   8.427   0.656   1.00 16.47 ? 46  ILE A C   1 
ATOM   287  O  O   . ILE A 1 46  ? 8.384   9.482   0.778   1.00 15.94 ? 46  ILE A O   1 
ATOM   288  C  CB  A ILE A 1 46  ? 5.482   9.353   0.127   0.50 15.25 ? 46  ILE A CB  1 
ATOM   289  C  CB  B ILE A 1 46  ? 5.532   9.387   0.117   0.50 15.82 ? 46  ILE A CB  1 
ATOM   290  C  CG1 A ILE A 1 46  ? 4.019   9.283   0.572   0.50 16.14 ? 46  ILE A CG1 1 
ATOM   291  C  CG1 B ILE A 1 46  ? 4.021   9.439   0.419   0.50 16.95 ? 46  ILE A CG1 1 
ATOM   292  C  CG2 A ILE A 1 46  ? 5.631   8.978   -1.344  0.50 15.09 ? 46  ILE A CG2 1 
ATOM   293  C  CG2 B ILE A 1 46  ? 5.704   9.033   -1.362  0.50 15.84 ? 46  ILE A CG2 1 
ATOM   294  C  CD1 A ILE A 1 46  ? 2.922   9.643   -0.363  0.50 14.60 ? 46  ILE A CD1 1 
ATOM   295  C  CD1 B ILE A 1 46  ? 3.334   8.099   0.269   0.50 17.42 ? 46  ILE A CD1 1 
ATOM   296  N  N   . GLY A 1 47  ? 8.250   7.317   0.093   1.00 15.35 ? 47  GLY A N   1 
ATOM   297  C  CA  . GLY A 1 47  ? 9.677   7.222   -0.248  1.00 15.94 ? 47  GLY A CA  1 
ATOM   298  C  C   . GLY A 1 47  ? 10.043  7.826   -1.582  1.00 15.23 ? 47  GLY A C   1 
ATOM   299  O  O   . GLY A 1 47  ? 9.297   8.500   -2.304  1.00 14.62 ? 47  GLY A O   1 
ATOM   300  N  N   . ALA A 1 48  ? 11.357  7.684   -1.927  1.00 15.50 ? 48  ALA A N   1 
ATOM   301  C  CA  . ALA A 1 48  ? 11.861  8.285   -3.143  1.00 14.09 ? 48  ALA A CA  1 
ATOM   302  C  C   . ALA A 1 48  ? 11.317  7.640   -4.394  1.00 15.32 ? 48  ALA A C   1 
ATOM   303  O  O   . ALA A 1 48  ? 11.000  6.437   -4.460  1.00 14.80 ? 48  ALA A O   1 
ATOM   304  C  CB  . ALA A 1 48  ? 13.397  8.101   -3.106  1.00 17.57 ? 48  ALA A CB  1 
ATOM   305  N  N   . ASN A 1 49  ? 11.186  8.432   -5.450  1.00 14.51 ? 49  ASN A N   1 
ATOM   306  C  CA  . ASN A 1 49  ? 10.791  7.989   -6.769  1.00 13.52 ? 49  ASN A CA  1 
ATOM   307  C  C   . ASN A 1 49  ? 9.403   7.322   -6.821  1.00 13.13 ? 49  ASN A C   1 
ATOM   308  O  O   . ASN A 1 49  ? 9.136   6.572   -7.750  1.00 13.28 ? 49  ASN A O   1 
ATOM   309  C  CB  . ASN A 1 49  ? 11.824  7.057   -7.408  1.00 16.17 ? 49  ASN A CB  1 
ATOM   310  C  CG  . ASN A 1 49  ? 13.183  7.773   -7.339  1.00 19.30 ? 49  ASN A CG  1 
ATOM   311  O  OD1 . ASN A 1 49  ? 13.368  8.757   -8.082  1.00 20.32 ? 49  ASN A OD1 1 
ATOM   312  N  ND2 . ASN A 1 49  ? 14.030  7.281   -6.447  1.00 19.21 ? 49  ASN A ND2 1 
ATOM   313  N  N   . VAL A 1 50  ? 8.569   7.719   -5.863  1.00 13.26 ? 50  VAL A N   1 
ATOM   314  C  CA  . VAL A 1 50  ? 7.212   7.152   -5.838  1.00 13.39 ? 50  VAL A CA  1 
ATOM   315  C  C   . VAL A 1 50  ? 6.288   8.022   -6.667  1.00 14.99 ? 50  VAL A C   1 
ATOM   316  O  O   . VAL A 1 50  ? 6.385   9.231   -6.672  1.00 15.63 ? 50  VAL A O   1 
ATOM   317  C  CB  . VAL A 1 50  ? 6.707   7.083   -4.386  1.00 12.72 ? 50  VAL A CB  1 
ATOM   318  C  CG1 . VAL A 1 50  ? 5.180   6.861   -4.334  1.00 12.46 ? 50  VAL A CG1 1 
ATOM   319  C  CG2 . VAL A 1 50  ? 7.395   5.933   -3.639  1.00 14.00 ? 50  VAL A CG2 1 
ATOM   320  N  N   . MET A 1 51  ? 5.376   7.397   -7.415  1.00 12.12 ? 51  MET A N   1 
ATOM   321  C  CA  . MET A 1 51  ? 4.355   8.128   -8.140  1.00 12.25 ? 51  MET A CA  1 
ATOM   322  C  C   . MET A 1 51  ? 2.968   7.914   -7.517  1.00 10.83 ? 51  MET A C   1 
ATOM   323  O  O   . MET A 1 51  ? 2.605   6.737   -7.326  1.00 11.44 ? 51  MET A O   1 
ATOM   324  C  CB  . MET A 1 51  ? 4.409   7.511   -9.550  1.00 16.47 ? 51  MET A CB  1 
ATOM   325  C  CG  . MET A 1 51  ? 3.105   7.964   -10.198 1.00 21.11 ? 51  MET A CG  1 
ATOM   326  S  SD  . MET A 1 51  ? 3.582   9.365   -11.247 1.00 24.61 ? 51  MET A SD  1 
ATOM   327  C  CE  . MET A 1 51  ? 3.088   8.446   -12.637 1.00 19.03 ? 51  MET A CE  1 
ATOM   328  N  N   . VAL A 1 52  ? 2.270   8.975   -7.217  1.00 9.64  ? 52  VAL A N   1 
ATOM   329  C  CA  . VAL A 1 52  ? 0.911   8.881   -6.688  1.00 7.91  ? 52  VAL A CA  1 
ATOM   330  C  C   . VAL A 1 52  ? 0.013   9.541   -7.728  1.00 9.85  ? 52  VAL A C   1 
ATOM   331  O  O   . VAL A 1 52  ? 0.140   10.769  -7.942  1.00 12.62 ? 52  VAL A O   1 
ATOM   332  C  CB  . VAL A 1 52  ? 0.766   9.529   -5.341  1.00 8.40  ? 52  VAL A CB  1 
ATOM   333  C  CG1 . VAL A 1 52  ? -0.661  9.341   -4.798  1.00 11.41 ? 52  VAL A CG1 1 
ATOM   334  C  CG2 . VAL A 1 52  ? 1.697   8.927   -4.298  1.00 10.98 ? 52  VAL A CG2 1 
ATOM   335  N  N   . SER A 1 53  ? -0.819  8.738   -8.333  1.00 9.61  ? 53  SER A N   1 
ATOM   336  C  CA  . SER A 1 53  ? -1.665  9.199   -9.465  1.00 8.12  ? 53  SER A CA  1 
ATOM   337  C  C   . SER A 1 53  ? -2.981  9.872   -9.113  1.00 9.10  ? 53  SER A C   1 
ATOM   338  O  O   . SER A 1 53  ? -3.383  9.927   -7.974  1.00 10.00 ? 53  SER A O   1 
ATOM   339  C  CB  . SER A 1 53  ? -2.013  7.930   -10.289 1.00 8.19  ? 53  SER A CB  1 
ATOM   340  O  OG  . SER A 1 53  ? -0.858  7.303   -10.845 1.00 13.03 ? 53  SER A OG  1 
ATOM   341  N  N   . PRO A 1 54  ? -3.607  10.448  -10.126 1.00 8.76  ? 54  PRO A N   1 
ATOM   342  C  CA  . PRO A 1 54  ? -4.887  11.134  -9.936  1.00 9.48  ? 54  PRO A CA  1 
ATOM   343  C  C   . PRO A 1 54  ? -5.872  10.284  -9.166  1.00 9.30  ? 54  PRO A C   1 
ATOM   344  O  O   . PRO A 1 54  ? -6.028  9.100   -9.502  1.00 9.16  ? 54  PRO A O   1 
ATOM   345  C  CB  . PRO A 1 54  ? -5.428  11.478  -11.318 1.00 9.40  ? 54  PRO A CB  1 
ATOM   346  C  CG  . PRO A 1 54  ? -4.158  11.547  -12.139 1.00 10.01 ? 54  PRO A CG  1 
ATOM   347  C  CD  . PRO A 1 54  ? -3.220  10.495  -11.535 1.00 9.02  ? 54  PRO A CD  1 
ATOM   348  N  N   . MET A 1 55  ? -6.619  10.896  -8.240  1.00 8.87  ? 55  MET A N   1 
ATOM   349  C  CA  . MET A 1 55  ? -7.752  10.223  -7.587  1.00 8.72  ? 55  MET A CA  1 
ATOM   350  C  C   . MET A 1 55  ? -7.344  9.167   -6.556  1.00 9.97  ? 55  MET A C   1 
ATOM   351  O  O   . MET A 1 55  ? -8.211  8.579   -5.879  1.00 9.12  ? 55  MET A O   1 
ATOM   352  C  CB  . MET A 1 55  ? -8.773  9.659   -8.561  1.00 9.50  ? 55  MET A CB  1 
ATOM   353  C  CG  . MET A 1 55  ? -9.213  10.490  -9.745  1.00 11.08 ? 55  MET A CG  1 
ATOM   354  S  SD  . MET A 1 55  ? -9.683  12.187  -9.293  1.00 9.40  ? 55  MET A SD  1 
ATOM   355  C  CE  . MET A 1 55  ? -9.603  12.861  -10.952 1.00 13.31 ? 55  MET A CE  1 
ATOM   356  N  N   . ALA A 1 56  ? -6.054  9.006   -6.313  1.00 9.77  ? 56  ALA A N   1 
ATOM   357  C  CA  . ALA A 1 56  ? -5.609  8.172   -5.183  1.00 7.90  ? 56  ALA A CA  1 
ATOM   358  C  C   . ALA A 1 56  ? -5.879  8.911   -3.899  1.00 10.18 ? 56  ALA A C   1 
ATOM   359  O  O   . ALA A 1 56  ? -5.787  10.149  -3.852  1.00 11.35 ? 56  ALA A O   1 
ATOM   360  C  CB  . ALA A 1 56  ? -4.130  7.838   -5.365  1.00 10.45 ? 56  ALA A CB  1 
ATOM   361  N  N   . SER A 1 57  ? -6.212  8.152   -2.872  1.00 8.69  ? 57  SER A N   1 
ATOM   362  C  CA  . SER A 1 57  ? -6.438  8.678   -1.537  1.00 7.80  ? 57  SER A CA  1 
ATOM   363  C  C   . SER A 1 57  ? -5.646  7.936   -0.518  1.00 9.11  ? 57  SER A C   1 
ATOM   364  O  O   . SER A 1 57  ? -5.951  6.772   -0.254  1.00 10.09 ? 57  SER A O   1 
ATOM   365  C  CB  . SER A 1 57  ? -7.925  8.830   -1.225  1.00 8.80  ? 57  SER A CB  1 
ATOM   366  O  OG  . SER A 1 57  ? -8.062  9.439   0.047   1.00 10.21 ? 57  SER A OG  1 
ATOM   367  N  N   . ILE A 1 58  ? -4.682  8.594   0.088   1.00 9.38  ? 58  ILE A N   1 
ATOM   368  C  CA  . ILE A 1 58  ? -3.852  7.984   1.146   1.00 8.34  ? 58  ILE A CA  1 
ATOM   369  C  C   . ILE A 1 58  ? -4.219  8.745   2.418   1.00 9.41  ? 58  ILE A C   1 
ATOM   370  O  O   . ILE A 1 58  ? -3.957  9.946   2.486   1.00 10.48 ? 58  ILE A O   1 
ATOM   371  C  CB  . ILE A 1 58  ? -2.349  8.135   0.853   1.00 10.03 ? 58  ILE A CB  1 
ATOM   372  C  CG1 . ILE A 1 58  ? -1.991  7.440   -0.471  1.00 10.68 ? 58  ILE A CG1 1 
ATOM   373  C  CG2 . ILE A 1 58  ? -1.570  7.552   2.052   1.00 10.91 ? 58  ILE A CG2 1 
ATOM   374  C  CD1 . ILE A 1 58  ? -0.515  7.683   -0.822  1.00 12.79 ? 58  ILE A CD1 1 
ATOM   375  N  N   . ARG A 1 59  ? -4.938  8.087   3.330   1.00 9.68  ? 59  ARG A N   1 
ATOM   376  C  CA  . ARG A 1 59  ? -5.512  8.763   4.471   1.00 11.45 ? 59  ARG A CA  1 
ATOM   377  C  C   . ARG A 1 59  ? -5.108  8.100   5.771   1.00 12.79 ? 59  ARG A C   1 
ATOM   378  O  O   . ARG A 1 59  ? -5.638  7.040   6.085   1.00 13.31 ? 59  ARG A O   1 
ATOM   379  C  CB  . ARG A 1 59  ? -7.040  8.842   4.294   1.00 11.12 ? 59  ARG A CB  1 
ATOM   380  C  CG  . ARG A 1 59  ? -7.710  9.737   5.337   1.00 11.15 ? 59  ARG A CG  1 
ATOM   381  C  CD  . ARG A 1 59  ? -9.106  10.204  4.885   1.00 11.30 ? 59  ARG A CD  1 
ATOM   382  N  NE  . ARG A 1 59  ? -10.050 9.079   4.642   1.00 9.11  ? 59  ARG A NE  1 
ATOM   383  C  CZ  . ARG A 1 59  ? -10.917 8.544   5.506   1.00 10.53 ? 59  ARG A CZ  1 
ATOM   384  N  NH1 . ARG A 1 59  ? -10.988 8.983   6.770   1.00 11.26 ? 59  ARG A NH1 1 
ATOM   385  N  NH2 . ARG A 1 59  ? -11.737 7.554   5.134   1.00 10.55 ? 59  ARG A NH2 1 
ATOM   386  N  N   . SER A 1 60  ? -4.199  8.791   6.484   1.00 12.78 ? 60  SER A N   1 
ATOM   387  C  CA  . SER A 1 60  ? -3.692  8.228   7.729   1.00 12.87 ? 60  SER A CA  1 
ATOM   388  C  C   . SER A 1 60  ? -4.202  9.102   8.876   1.00 13.21 ? 60  SER A C   1 
ATOM   389  O  O   . SER A 1 60  ? -3.531  9.979   9.439   1.00 15.73 ? 60  SER A O   1 
ATOM   390  C  CB  . SER A 1 60  ? -2.172  8.215   7.673   1.00 13.61 ? 60  SER A CB  1 
ATOM   391  O  OG  . SER A 1 60  ? -1.710  7.623   8.874   1.00 15.55 ? 60  SER A OG  1 
ATOM   392  N  N   . ASP A 1 61  ? -5.463  8.886   9.239   1.00 14.70 ? 61  ASP A N   1 
ATOM   393  C  CA  . ASP A 1 61  ? -6.212  9.680   10.227  1.00 15.11 ? 61  ASP A CA  1 
ATOM   394  C  C   . ASP A 1 61  ? -6.886  8.829   11.297  1.00 17.45 ? 61  ASP A C   1 
ATOM   395  O  O   . ASP A 1 61  ? -7.445  9.348   12.296  1.00 15.99 ? 61  ASP A O   1 
ATOM   396  C  CB  . ASP A 1 61  ? -7.267  10.566  9.557   1.00 14.39 ? 61  ASP A CB  1 
ATOM   397  C  CG  . ASP A 1 61  ? -8.320  9.810   8.732   1.00 12.24 ? 61  ASP A CG  1 
ATOM   398  O  OD1 . ASP A 1 61  ? -9.174  10.518  8.195   1.00 11.49 ? 61  ASP A OD1 1 
ATOM   399  O  OD2 . ASP A 1 61  ? -8.280  8.581   8.687   1.00 12.96 ? 61  ASP A OD2 1 
ATOM   400  N  N   . GLU A 1 62  ? -6.946  7.523   11.062  1.00 18.31 ? 62  GLU A N   1 
ATOM   401  C  CA  . GLU A 1 62  ? -7.545  6.585   12.012  1.00 18.83 ? 62  GLU A CA  1 
ATOM   402  C  C   . GLU A 1 62  ? -6.370  5.729   12.476  1.00 18.52 ? 62  GLU A C   1 
ATOM   403  O  O   . GLU A 1 62  ? -5.652  6.094   13.428  1.00 21.38 ? 62  GLU A O   1 
ATOM   404  C  CB  . GLU A 1 62  ? -8.705  5.821   11.386  1.00 18.99 ? 62  GLU A CB  1 
ATOM   405  C  CG  . GLU A 1 62  ? -9.436  4.885   12.342  1.00 19.88 ? 62  GLU A CG  1 
ATOM   406  C  CD  . GLU A 1 62  ? -10.475 4.019   11.701  1.00 20.28 ? 62  GLU A CD  1 
ATOM   407  O  OE1 . GLU A 1 62  ? -11.017 4.396   10.639  1.00 20.20 ? 62  GLU A OE1 1 
ATOM   408  O  OE2 . GLU A 1 62  ? -10.817 2.925   12.211  1.00 22.22 ? 62  GLU A OE2 1 
ATOM   409  N  N   . GLY A 1 63  ? -6.117  4.611   11.805  1.00 17.15 ? 63  GLY A N   1 
ATOM   410  C  CA  . GLY A 1 63  ? -4.934  3.778   12.032  1.00 18.99 ? 63  GLY A CA  1 
ATOM   411  C  C   . GLY A 1 63  ? -3.750  4.512   11.376  1.00 19.12 ? 63  GLY A C   1 
ATOM   412  O  O   . GLY A 1 63  ? -3.849  5.101   10.283  1.00 18.61 ? 63  GLY A O   1 
ATOM   413  N  N   . MET A 1 64  ? -2.574  4.505   12.016  1.00 20.86 ? 64  MET A N   1 
ATOM   414  C  CA  . MET A 1 64  ? -1.391  5.221   11.510  1.00 22.73 ? 64  MET A CA  1 
ATOM   415  C  C   . MET A 1 64  ? -0.155  4.554   12.130  1.00 23.57 ? 64  MET A C   1 
ATOM   416  O  O   . MET A 1 64  ? -0.282  3.945   13.215  1.00 23.10 ? 64  MET A O   1 
ATOM   417  C  CB  . MET A 1 64  ? -1.337  6.662   11.984  1.00 25.45 ? 64  MET A CB  1 
ATOM   418  C  CG  . MET A 1 64  ? -2.457  7.662   11.894  1.00 26.87 ? 64  MET A CG  1 
ATOM   419  S  SD  . MET A 1 64  ? -2.409  8.906   13.205  1.00 30.54 ? 64  MET A SD  1 
ATOM   420  C  CE  . MET A 1 64  ? -4.107  9.395   13.294  1.00 29.58 ? 64  MET A CE  1 
ATOM   421  N  N   . PRO A 1 65  ? 0.977   4.713   11.500  1.00 21.90 ? 65  PRO A N   1 
ATOM   422  C  CA  . PRO A 1 65  ? 1.249   5.386   10.258  1.00 21.07 ? 65  PRO A CA  1 
ATOM   423  C  C   . PRO A 1 65  ? 1.088   4.543   8.991   1.00 18.31 ? 65  PRO A C   1 
ATOM   424  O  O   . PRO A 1 65  ? 0.873   3.322   9.040   1.00 18.51 ? 65  PRO A O   1 
ATOM   425  C  CB  . PRO A 1 65  ? 2.782   5.724   10.305  1.00 22.21 ? 65  PRO A CB  1 
ATOM   426  C  CG  . PRO A 1 65  ? 3.278   4.505   11.042  1.00 22.33 ? 65  PRO A CG  1 
ATOM   427  C  CD  . PRO A 1 65  ? 2.237   4.157   12.086  1.00 22.46 ? 65  PRO A CD  1 
ATOM   428  N  N   . ILE A 1 66  ? 1.027   5.260   7.855   1.00 16.45 ? 66  ILE A N   1 
ATOM   429  C  CA  . ILE A 1 66  ? 0.965   4.577   6.562   1.00 14.49 ? 66  ILE A CA  1 
ATOM   430  C  C   . ILE A 1 66  ? 2.282   4.859   5.816   1.00 14.88 ? 66  ILE A C   1 
ATOM   431  O  O   . ILE A 1 66  ? 2.622   6.032   5.651   1.00 17.08 ? 66  ILE A O   1 
ATOM   432  C  CB  . ILE A 1 66  ? -0.225  5.060   5.721   1.00 13.82 ? 66  ILE A CB  1 
ATOM   433  C  CG1 . ILE A 1 66  ? -1.518  4.659   6.420   1.00 13.99 ? 66  ILE A CG1 1 
ATOM   434  C  CG2 . ILE A 1 66  ? -0.126  4.458   4.306   1.00 12.52 ? 66  ILE A CG2 1 
ATOM   435  C  CD1 . ILE A 1 66  ? -2.800  4.977   5.681   1.00 16.00 ? 66  ILE A CD1 1 
ATOM   436  N  N   . PHE A 1 67  ? 2.980   3.783   5.505   1.00 14.37 ? 67  PHE A N   1 
ATOM   437  C  CA  . PHE A 1 67  ? 4.261   3.985   4.783   1.00 13.51 ? 67  PHE A CA  1 
ATOM   438  C  C   . PHE A 1 67  ? 4.201   3.402   3.375   1.00 11.63 ? 67  PHE A C   1 
ATOM   439  O  O   . PHE A 1 67  ? 3.743   2.275   3.184   1.00 13.67 ? 67  PHE A O   1 
ATOM   440  C  CB  . PHE A 1 67  ? 5.302   3.214   5.608   1.00 16.03 ? 67  PHE A CB  1 
ATOM   441  C  CG  . PHE A 1 67  ? 6.735   3.112   5.139   1.00 18.78 ? 67  PHE A CG  1 
ATOM   442  C  CD1 . PHE A 1 67  ? 7.684   3.962   5.692   1.00 19.70 ? 67  PHE A CD1 1 
ATOM   443  C  CD2 . PHE A 1 67  ? 7.117   2.190   4.170   1.00 19.22 ? 67  PHE A CD2 1 
ATOM   444  C  CE1 . PHE A 1 67  ? 9.032   3.855   5.289   1.00 21.51 ? 67  PHE A CE1 1 
ATOM   445  C  CE2 . PHE A 1 67  ? 8.435   2.109   3.753   1.00 21.74 ? 67  PHE A CE2 1 
ATOM   446  C  CZ  . PHE A 1 67  ? 9.375   2.956   4.315   1.00 21.65 ? 67  PHE A CZ  1 
ATOM   447  N  N   . VAL A 1 68  ? 4.886   4.088   2.470   1.00 11.40 ? 68  VAL A N   1 
ATOM   448  C  CA  . VAL A 1 68  ? 5.020   3.669   1.067   1.00 13.05 ? 68  VAL A CA  1 
ATOM   449  C  C   . VAL A 1 68  ? 6.531   3.776   0.752   1.00 15.19 ? 68  VAL A C   1 
ATOM   450  O  O   . VAL A 1 68  ? 7.079   4.882   0.746   1.00 15.83 ? 68  VAL A O   1 
ATOM   451  C  CB  . VAL A 1 68  ? 4.197   4.522   0.082   1.00 13.24 ? 68  VAL A CB  1 
ATOM   452  C  CG1 . VAL A 1 68  ? 4.423   4.093   -1.384  1.00 13.23 ? 68  VAL A CG1 1 
ATOM   453  C  CG2 . VAL A 1 68  ? 2.713   4.470   0.398   1.00 13.56 ? 68  VAL A CG2 1 
ATOM   454  N  N   . GLY A 1 69  ? 7.127   2.644   0.475   1.00 16.86 ? 69  GLY A N   1 
ATOM   455  C  CA  . GLY A 1 69  ? 8.561   2.555   0.249   1.00 17.42 ? 69  GLY A CA  1 
ATOM   456  C  C   . GLY A 1 69  ? 9.036   3.128   -1.046  1.00 15.81 ? 69  GLY A C   1 
ATOM   457  O  O   . GLY A 1 69  ? 8.296   3.623   -1.911  1.00 17.93 ? 69  GLY A O   1 
ATOM   458  N  N   . ASP A 1 70  ? 10.382  3.148   -1.185  1.00 17.16 ? 70  ASP A N   1 
ATOM   459  C  CA  . ASP A 1 70  ? 10.980  3.682   -2.404  1.00 15.01 ? 70  ASP A CA  1 
ATOM   460  C  C   . ASP A 1 70  ? 10.637  2.956   -3.686  1.00 15.20 ? 70  ASP A C   1 
ATOM   461  O  O   . ASP A 1 70  ? 10.547  1.712   -3.774  1.00 14.06 ? 70  ASP A O   1 
ATOM   462  C  CB  . ASP A 1 70  ? 12.519  3.514   -2.162  1.00 16.86 ? 70  ASP A CB  1 
ATOM   463  C  CG  . ASP A 1 70  ? 12.987  4.303   -0.957  1.00 21.25 ? 70  ASP A CG  1 
ATOM   464  O  OD1 . ASP A 1 70  ? 12.452  5.356   -0.618  1.00 19.23 ? 70  ASP A OD1 1 
ATOM   465  O  OD2 . ASP A 1 70  ? 13.971  3.867   -0.290  1.00 24.40 ? 70  ASP A OD2 1 
ATOM   466  N  N   . ARG A 1 71  ? 10.418  3.750   -4.741  1.00 12.78 ? 71  ARG A N   1 
ATOM   467  C  CA  . ARG A 1 71  ? 10.162  3.243   -6.099  1.00 12.93 ? 71  ARG A CA  1 
ATOM   468  C  C   . ARG A 1 71  ? 8.874   2.440   -6.224  1.00 14.71 ? 71  ARG A C   1 
ATOM   469  O  O   . ARG A 1 71  ? 8.707   1.655   -7.170  1.00 12.89 ? 71  ARG A O   1 
ATOM   470  C  CB  . ARG A 1 71  ? 11.377  2.391   -6.527  1.00 15.37 ? 71  ARG A CB  1 
ATOM   471  C  CG  . ARG A 1 71  ? 12.640  3.216   -6.686  1.00 15.87 ? 71  ARG A CG  1 
ATOM   472  C  CD  . ARG A 1 71  ? 13.864  2.303   -6.930  1.00 17.42 ? 71  ARG A CD  1 
ATOM   473  N  NE  . ARG A 1 71  ? 13.950  1.198   -5.994  1.00 18.93 ? 71  ARG A NE  1 
ATOM   474  C  CZ  . ARG A 1 71  ? 14.525  1.247   -4.786  1.00 20.61 ? 71  ARG A CZ  1 
ATOM   475  N  NH1 . ARG A 1 71  ? 15.121  2.372   -4.373  1.00 20.50 ? 71  ARG A NH1 1 
ATOM   476  N  NH2 . ARG A 1 71  ? 14.502  0.198   -3.989  1.00 21.23 ? 71  ARG A NH2 1 
ATOM   477  N  N   . SER A 1 72  ? 7.929   2.735   -5.337  1.00 14.68 ? 72  SER A N   1 
ATOM   478  C  CA  . SER A 1 72  ? 6.607   2.119   -5.388  1.00 12.56 ? 72  SER A CA  1 
ATOM   479  C  C   . SER A 1 72  ? 5.668   3.075   -6.129  1.00 12.48 ? 72  SER A C   1 
ATOM   480  O  O   . SER A 1 72  ? 6.004   4.245   -6.300  1.00 12.86 ? 72  SER A O   1 
ATOM   481  C  CB  . SER A 1 72  ? 6.181   1.875   -3.916  1.00 12.30 ? 72  SER A CB  1 
ATOM   482  O  OG  . SER A 1 72  ? 7.033   0.791   -3.489  1.00 14.41 ? 72  SER A OG  1 
ATOM   483  N  N   . ASN A 1 73  ? 4.447   2.572   -6.436  1.00 10.24 ? 73  ASN A N   1 
ATOM   484  C  CA  . ASN A 1 73  ? 3.487   3.419   -7.156  1.00 8.44  ? 73  ASN A CA  1 
ATOM   485  C  C   . ASN A 1 73  ? 2.098   3.159   -6.615  1.00 10.09 ? 73  ASN A C   1 
ATOM   486  O  O   . ASN A 1 73  ? 1.792   2.056   -6.209  1.00 10.95 ? 73  ASN A O   1 
ATOM   487  C  CB  . ASN A 1 73  ? 3.623   3.219   -8.666  1.00 8.88  ? 73  ASN A CB  1 
ATOM   488  C  CG  . ASN A 1 73  ? 3.428   1.759   -9.050  1.00 10.75 ? 73  ASN A CG  1 
ATOM   489  O  OD1 . ASN A 1 73  ? 2.323   1.314   -9.214  1.00 12.44 ? 73  ASN A OD1 1 
ATOM   490  N  ND2 . ASN A 1 73  ? 4.538   1.054   -9.275  1.00 11.46 ? 73  ASN A ND2 1 
ATOM   491  N  N   . VAL A 1 74  ? 1.361   4.260   -6.487  1.00 9.35  ? 74  VAL A N   1 
ATOM   492  C  CA  . VAL A 1 74  ? -0.029  4.253   -5.941  1.00 8.03  ? 74  VAL A CA  1 
ATOM   493  C  C   . VAL A 1 74  ? -0.898  4.817   -7.076  1.00 9.33  ? 74  VAL A C   1 
ATOM   494  O  O   . VAL A 1 74  ? -0.850  6.031   -7.301  1.00 8.79  ? 74  VAL A O   1 
ATOM   495  C  CB  . VAL A 1 74  ? -0.074  5.120   -4.703  1.00 8.35  ? 74  VAL A CB  1 
ATOM   496  C  CG1 . VAL A 1 74  ? -1.512  5.170   -4.128  1.00 9.54  ? 74  VAL A CG1 1 
ATOM   497  C  CG2 . VAL A 1 74  ? 0.899   4.643   -3.607  1.00 10.86 ? 74  VAL A CG2 1 
ATOM   498  N  N   . GLN A 1 75  ? -1.494  3.941   -7.835  1.00 8.84  ? 75  GLN A N   1 
ATOM   499  C  CA  . GLN A 1 75  ? -2.173  4.325   -9.066  1.00 6.81  ? 75  GLN A CA  1 
ATOM   500  C  C   . GLN A 1 75  ? -3.543  4.939   -8.858  1.00 8.44  ? 75  GLN A C   1 
ATOM   501  O  O   . GLN A 1 75  ? -4.012  5.162   -7.757  1.00 8.88  ? 75  GLN A O   1 
ATOM   502  C  CB  . GLN A 1 75  ? -2.125  3.132   -10.070 1.00 6.82  ? 75  GLN A CB  1 
ATOM   503  C  CG  . GLN A 1 75  ? -0.672  2.734   -10.407 1.00 8.68  ? 75  GLN A CG  1 
ATOM   504  C  CD  . GLN A 1 75  ? -0.674  1.580   -11.388 1.00 10.62 ? 75  GLN A CD  1 
ATOM   505  O  OE1 . GLN A 1 75  ? -1.627  1.327   -12.136 1.00 11.90 ? 75  GLN A OE1 1 
ATOM   506  N  NE2 . GLN A 1 75  ? 0.457   0.854   -11.380 1.00 12.00 ? 75  GLN A NE2 1 
ATOM   507  N  N   . ASP A 1 76  ? -4.174  5.233   -10.011 1.00 9.53  ? 76  ASP A N   1 
ATOM   508  C  CA  . ASP A 1 76  ? -5.377  6.074   -10.008 1.00 9.83  ? 76  ASP A CA  1 
ATOM   509  C  C   . ASP A 1 76  ? -6.496  5.424   -9.218  1.00 7.74  ? 76  ASP A C   1 
ATOM   510  O  O   . ASP A 1 76  ? -6.795  4.251   -9.361  1.00 8.16  ? 76  ASP A O   1 
ATOM   511  C  CB  . ASP A 1 76  ? -5.922  6.325   -11.425 1.00 9.31  ? 76  ASP A CB  1 
ATOM   512  C  CG  . ASP A 1 76  ? -4.864  6.633   -12.481 1.00 9.47  ? 76  ASP A CG  1 
ATOM   513  O  OD1 . ASP A 1 76  ? -4.003  5.752   -12.700 1.00 9.11  ? 76  ASP A OD1 1 
ATOM   514  O  OD2 . ASP A 1 76  ? -4.884  7.752   -13.057 1.00 9.91  ? 76  ASP A OD2 1 
ATOM   515  N  N   . GLY A 1 77  ? -7.049  6.184   -8.272  1.00 7.99  ? 77  GLY A N   1 
ATOM   516  C  CA  . GLY A 1 77  ? -8.183  5.683   -7.501  1.00 7.75  ? 77  GLY A CA  1 
ATOM   517  C  C   . GLY A 1 77  ? -7.799  4.726   -6.420  1.00 9.49  ? 77  GLY A C   1 
ATOM   518  O  O   . GLY A 1 77  ? -8.761  4.159   -5.802  1.00 11.54 ? 77  GLY A O   1 
ATOM   519  N  N   . VAL A 1 78  ? -6.517  4.448   -6.176  1.00 8.15  ? 78  VAL A N   1 
ATOM   520  C  CA  . VAL A 1 78  ? -6.172  3.539   -5.083  1.00 9.00  ? 78  VAL A CA  1 
ATOM   521  C  C   . VAL A 1 78  ? -6.473  4.167   -3.736  1.00 8.62  ? 78  VAL A C   1 
ATOM   522  O  O   . VAL A 1 78  ? -6.280  5.389   -3.633  1.00 10.26 ? 78  VAL A O   1 
ATOM   523  C  CB  . VAL A 1 78  ? -4.692  3.165   -5.178  1.00 10.12 ? 78  VAL A CB  1 
ATOM   524  C  CG1 . VAL A 1 78  ? -4.135  2.403   -3.950  1.00 10.82 ? 78  VAL A CG1 1 
ATOM   525  C  CG2 . VAL A 1 78  ? -4.464  2.279   -6.393  1.00 7.51  ? 78  VAL A CG2 1 
ATOM   526  N  N   . VAL A 1 79  ? -6.917  3.372   -2.782  1.00 8.17  ? 79  VAL A N   1 
ATOM   527  C  CA  . VAL A 1 79  ? -7.146  3.945   -1.449  1.00 7.87  ? 79  VAL A CA  1 
ATOM   528  C  C   . VAL A 1 79  ? -6.219  3.222   -0.477  1.00 8.43  ? 79  VAL A C   1 
ATOM   529  O  O   . VAL A 1 79  ? -6.175  1.995   -0.474  1.00 9.54  ? 79  VAL A O   1 
ATOM   530  C  CB  . VAL A 1 79  ? -8.611  3.793   -1.042  1.00 8.69  ? 79  VAL A CB  1 
ATOM   531  C  CG1 . VAL A 1 79  ? -8.902  4.132   0.440   1.00 8.45  ? 79  VAL A CG1 1 
ATOM   532  C  CG2 . VAL A 1 79  ? -9.474  4.710   -1.917  1.00 8.92  ? 79  VAL A CG2 1 
ATOM   533  N  N   . LEU A 1 80  ? -5.602  3.932   0.450   1.00 9.43  ? 80  LEU A N   1 
ATOM   534  C  CA  . LEU A 1 80  ? -4.890  3.403   1.604   1.00 9.77  ? 80  LEU A CA  1 
ATOM   535  C  C   . LEU A 1 80  ? -5.536  4.024   2.839   1.00 9.65  ? 80  LEU A C   1 
ATOM   536  O  O   . LEU A 1 80  ? -5.646  5.259   2.948   1.00 10.29 ? 80  LEU A O   1 
ATOM   537  C  CB  . LEU A 1 80  ? -3.374  3.713   1.601   1.00 10.36 ? 80  LEU A CB  1 
ATOM   538  C  CG  . LEU A 1 80  ? -2.587  3.244   0.385   1.00 10.62 ? 80  LEU A CG  1 
ATOM   539  C  CD1 . LEU A 1 80  ? -1.126  3.678   0.634   1.00 12.77 ? 80  LEU A CD1 1 
ATOM   540  C  CD2 . LEU A 1 80  ? -2.732  1.731   0.252   1.00 11.30 ? 80  LEU A CD2 1 
ATOM   541  N  N   . HIS A 1 81  ? -6.037  3.221   3.746   1.00 10.52 ? 81  HIS A N   1 
ATOM   542  C  CA  . HIS A 1 81  ? -6.633  3.674   5.016   1.00 9.50  ? 81  HIS A CA  1 
ATOM   543  C  C   . HIS A 1 81  ? -6.440  2.548   6.028   1.00 11.54 ? 81  HIS A C   1 
ATOM   544  O  O   . HIS A 1 81  ? -5.949  1.489   5.631   1.00 12.30 ? 81  HIS A O   1 
ATOM   545  C  CB  . HIS A 1 81  ? -8.106  4.022   4.787   1.00 8.31  ? 81  HIS A CB  1 
ATOM   546  C  CG  . HIS A 1 81  ? -8.746  4.712   5.963   1.00 10.39 ? 81  HIS A CG  1 
ATOM   547  N  ND1 . HIS A 1 81  ? -9.788  4.255   6.734   1.00 11.96 ? 81  HIS A ND1 1 
ATOM   548  C  CD2 . HIS A 1 81  ? -8.386  5.934   6.429   1.00 10.57 ? 81  HIS A CD2 1 
ATOM   549  C  CE1 . HIS A 1 81  ? -10.042 5.191   7.685   1.00 10.77 ? 81  HIS A CE1 1 
ATOM   550  N  NE2 . HIS A 1 81  ? -9.200  6.197   7.516   1.00 12.06 ? 81  HIS A NE2 1 
ATOM   551  N  N   . ALA A 1 82  ? -6.756  2.808   7.323   1.00 11.57 ? 82  ALA A N   1 
ATOM   552  C  CA  . ALA A 1 82  ? -6.513  1.701   8.272   1.00 11.45 ? 82  ALA A CA  1 
ATOM   553  C  C   . ALA A 1 82  ? -7.397  1.807   9.529   1.00 14.18 ? 82  ALA A C   1 
ATOM   554  O  O   . ALA A 1 82  ? -7.887  2.862   9.870   1.00 13.99 ? 82  ALA A O   1 
ATOM   555  C  CB  . ALA A 1 82  ? -5.044  1.763   8.742   1.00 13.39 ? 82  ALA A CB  1 
ATOM   556  N  N   . LEU A 1 83  ? -7.633  0.629   10.107  1.00 14.16 ? 83  LEU A N   1 
ATOM   557  C  CA  . LEU A 1 83  ? -8.399  0.570   11.352  1.00 16.27 ? 83  LEU A CA  1 
ATOM   558  C  C   . LEU A 1 83  ? -7.656  1.227   12.490  1.00 18.45 ? 83  LEU A C   1 
ATOM   559  O  O   . LEU A 1 83  ? -6.429  1.280   12.500  1.00 19.32 ? 83  LEU A O   1 
ATOM   560  C  CB  . LEU A 1 83  ? -8.629  -0.925  11.693  1.00 17.84 ? 83  LEU A CB  1 
ATOM   561  C  CG  . LEU A 1 83  ? -9.504  -1.725  10.715  1.00 18.11 ? 83  LEU A CG  1 
ATOM   562  C  CD1 . LEU A 1 83  ? -9.630  -3.185  11.165  1.00 17.08 ? 83  LEU A CD1 1 
ATOM   563  C  CD2 . LEU A 1 83  ? -10.869 -1.083  10.555  1.00 18.77 ? 83  LEU A CD2 1 
ATOM   564  N  N   . GLU A 1 84  ? -8.417  1.730   13.453  1.00 21.96 ? 84  GLU A N   1 
ATOM   565  C  CA  . GLU A 1 84  ? -7.831  2.434   14.587  1.00 23.81 ? 84  GLU A CA  1 
ATOM   566  C  C   . GLU A 1 84  ? -6.732  1.597   15.236  1.00 24.10 ? 84  GLU A C   1 
ATOM   567  O  O   . GLU A 1 84  ? -6.821  0.386   15.484  1.00 23.82 ? 84  GLU A O   1 
ATOM   568  C  CB  . GLU A 1 84  ? -8.950  2.816   15.565  1.00 26.97 ? 84  GLU A CB  1 
ATOM   569  C  CG  . GLU A 1 84  ? -8.666  4.050   16.423  1.00 31.47 ? 84  GLU A CG  1 
ATOM   570  C  CD  . GLU A 1 84  ? -9.773  4.314   17.433  1.00 33.92 ? 84  GLU A CD  1 
ATOM   571  O  OE1 . GLU A 1 84  ? -10.941 3.943   17.202  1.00 37.38 ? 84  GLU A OE1 1 
ATOM   572  O  OE2 . GLU A 1 84  ? -9.509  4.916   18.504  1.00 36.48 ? 84  GLU A OE2 1 
ATOM   573  N  N   . THR A 1 85  ? -5.623  2.258   15.476  1.00 25.77 ? 85  THR A N   1 
ATOM   574  C  CA  . THR A 1 85  ? -4.431  1.693   16.085  1.00 27.48 ? 85  THR A CA  1 
ATOM   575  C  C   . THR A 1 85  ? -4.318  2.152   17.538  1.00 31.15 ? 85  THR A C   1 
ATOM   576  O  O   . THR A 1 85  ? -3.386  1.755   18.236  1.00 32.36 ? 85  THR A O   1 
ATOM   577  C  CB  . THR A 1 85  ? -3.182  2.008   15.244  1.00 26.04 ? 85  THR A CB  1 
ATOM   578  O  OG1 . THR A 1 85  ? -3.117  3.423   15.002  1.00 24.41 ? 85  THR A OG1 1 
ATOM   579  C  CG2 . THR A 1 85  ? -3.223  1.324   13.876  1.00 22.12 ? 85  THR A CG2 1 
ATOM   580  N  N   . ILE A 1 86  ? -5.217  3.003   18.011  1.00 35.49 ? 86  ILE A N   1 
ATOM   581  C  CA  . ILE A 1 86  ? -5.230  3.506   19.392  1.00 40.31 ? 86  ILE A CA  1 
ATOM   582  C  C   . ILE A 1 86  ? -6.612  3.420   20.019  1.00 43.51 ? 86  ILE A C   1 
ATOM   583  O  O   . ILE A 1 86  ? -7.537  3.991   19.431  1.00 44.54 ? 86  ILE A O   1 
ATOM   584  C  CB  . ILE A 1 86  ? -4.680  4.940   19.400  1.00 40.61 ? 86  ILE A CB  1 
ATOM   585  C  CG1 . ILE A 1 86  ? -3.184  4.977   19.144  1.00 40.66 ? 86  ILE A CG1 1 
ATOM   586  C  CG2 . ILE A 1 86  ? -4.989  5.711   20.663  1.00 40.79 ? 86  ILE A CG2 1 
ATOM   587  C  CD1 . ILE A 1 86  ? -2.708  6.031   18.193  1.00 42.12 ? 86  ILE A CD1 1 
ATOM   588  N  N   . ASN A 1 87  ? -6.838  2.744   21.144  1.00 47.18 ? 87  ASN A N   1 
ATOM   589  C  CA  . ASN A 1 87  ? -8.131  2.546   21.779  1.00 50.23 ? 87  ASN A CA  1 
ATOM   590  C  C   . ASN A 1 87  ? -8.516  3.533   22.874  1.00 52.56 ? 87  ASN A C   1 
ATOM   591  O  O   . ASN A 1 87  ? -7.743  4.394   23.293  1.00 52.87 ? 87  ASN A O   1 
ATOM   592  C  CB  . ASN A 1 87  ? -8.207  1.145   22.413  1.00 50.79 ? 87  ASN A CB  1 
ATOM   593  N  N   . GLU A 1 88  ? -9.748  3.398   23.396  1.00 54.89 ? 88  GLU A N   1 
ATOM   594  C  CA  . GLU A 1 88  ? -10.250 4.294   24.438  1.00 55.66 ? 88  GLU A CA  1 
ATOM   595  C  C   . GLU A 1 88  ? -9.641  4.103   25.817  1.00 56.42 ? 88  GLU A C   1 
ATOM   596  O  O   . GLU A 1 88  ? -10.114 3.419   26.724  1.00 57.88 ? 88  GLU A O   1 
ATOM   597  C  CB  . GLU A 1 88  ? -11.776 4.228   24.530  1.00 55.92 ? 88  GLU A CB  1 
ATOM   598  C  CG  . GLU A 1 88  ? -12.404 5.244   23.574  1.00 56.27 ? 88  GLU A CG  1 
ATOM   599  C  CD  . GLU A 1 88  ? -13.637 4.659   22.929  1.00 56.20 ? 88  GLU A CD  1 
ATOM   600  O  OE1 . GLU A 1 88  ? -14.149 3.630   23.421  1.00 57.44 ? 88  GLU A OE1 1 
ATOM   601  O  OE2 . GLU A 1 88  ? -14.140 5.167   21.922  1.00 56.31 ? 88  GLU A OE2 1 
ATOM   602  N  N   . GLU A 1 89  ? -8.571  4.856   26.008  1.00 56.49 ? 89  GLU A N   1 
ATOM   603  C  CA  . GLU A 1 89  ? -7.688  4.861   27.165  1.00 56.67 ? 89  GLU A CA  1 
ATOM   604  C  C   . GLU A 1 89  ? -6.293  5.073   26.566  1.00 55.57 ? 89  GLU A C   1 
ATOM   605  O  O   . GLU A 1 89  ? -5.238  5.021   27.179  1.00 55.63 ? 89  GLU A O   1 
ATOM   606  C  CB  . GLU A 1 89  ? -7.750  3.539   27.910  1.00 58.18 ? 89  GLU A CB  1 
ATOM   607  C  CG  . GLU A 1 89  ? -6.721  3.227   28.969  1.00 60.14 ? 89  GLU A CG  1 
ATOM   608  C  CD  . GLU A 1 89  ? -7.167  2.130   29.915  1.00 61.54 ? 89  GLU A CD  1 
ATOM   609  O  OE1 . GLU A 1 89  ? -8.128  1.389   29.622  1.00 62.08 ? 89  GLU A OE1 1 
ATOM   610  O  OE2 . GLU A 1 89  ? -6.570  2.054   31.017  1.00 63.24 ? 89  GLU A OE2 1 
ATOM   611  N  N   . GLY A 1 90  ? -6.312  5.225   25.234  1.00 54.51 ? 90  GLY A N   1 
ATOM   612  C  CA  . GLY A 1 90  ? -5.109  5.387   24.434  1.00 53.08 ? 90  GLY A CA  1 
ATOM   613  C  C   . GLY A 1 90  ? -4.357  4.078   24.235  1.00 51.64 ? 90  GLY A C   1 
ATOM   614  O  O   . GLY A 1 90  ? -3.212  4.114   23.764  1.00 52.63 ? 90  GLY A O   1 
ATOM   615  N  N   . GLU A 1 91  ? -4.942  2.938   24.577  1.00 49.86 ? 91  GLU A N   1 
ATOM   616  C  CA  . GLU A 1 91  ? -4.270  1.661   24.431  1.00 48.34 ? 91  GLU A CA  1 
ATOM   617  C  C   . GLU A 1 91  ? -4.070  1.333   22.953  1.00 47.22 ? 91  GLU A C   1 
ATOM   618  O  O   . GLU A 1 91  ? -5.015  1.299   22.161  1.00 47.61 ? 91  GLU A O   1 
ATOM   619  C  CB  . GLU A 1 91  ? -5.080  0.543   25.084  1.00 48.44 ? 91  GLU A CB  1 
ATOM   620  N  N   . PRO A 1 92  ? -2.823  1.105   22.586  1.00 45.53 ? 92  PRO A N   1 
ATOM   621  C  CA  . PRO A 1 92  ? -2.474  0.672   21.246  1.00 44.69 ? 92  PRO A CA  1 
ATOM   622  C  C   . PRO A 1 92  ? -3.264  -0.614  20.992  1.00 44.12 ? 92  PRO A C   1 
ATOM   623  O  O   . PRO A 1 92  ? -3.320  -1.490  21.867  1.00 45.48 ? 92  PRO A O   1 
ATOM   624  C  CB  . PRO A 1 92  ? -0.969  0.404   21.212  1.00 44.47 ? 92  PRO A CB  1 
ATOM   625  C  CG  . PRO A 1 92  ? -0.507  0.825   22.578  1.00 45.10 ? 92  PRO A CG  1 
ATOM   626  C  CD  . PRO A 1 92  ? -1.676  1.079   23.493  1.00 45.54 ? 92  PRO A CD  1 
ATOM   627  N  N   . ILE A 1 93  ? -3.927  -0.704  19.849  1.00 41.56 ? 93  ILE A N   1 
ATOM   628  C  CA  . ILE A 1 93  ? -4.688  -1.912  19.516  1.00 38.03 ? 93  ILE A CA  1 
ATOM   629  C  C   . ILE A 1 93  ? -3.749  -2.774  18.688  1.00 36.96 ? 93  ILE A C   1 
ATOM   630  O  O   . ILE A 1 93  ? -3.592  -2.556  17.488  1.00 35.04 ? 93  ILE A O   1 
ATOM   631  C  CB  . ILE A 1 93  ? -5.970  -1.564  18.740  1.00 37.25 ? 93  ILE A CB  1 
ATOM   632  C  CG1 . ILE A 1 93  ? -6.734  -0.469  19.499  1.00 36.29 ? 93  ILE A CG1 1 
ATOM   633  C  CG2 . ILE A 1 93  ? -6.823  -2.803  18.535  1.00 36.18 ? 93  ILE A CG2 1 
ATOM   634  C  CD1 . ILE A 1 93  ? -7.999  0.015   18.842  1.00 37.99 ? 93  ILE A CD1 1 
ATOM   635  N  N   . GLU A 1 94  ? -3.061  -3.710  19.332  1.00 35.68 ? 94  GLU A N   1 
ATOM   636  C  CA  . GLU A 1 94  ? -2.054  -4.538  18.696  1.00 34.18 ? 94  GLU A CA  1 
ATOM   637  C  C   . GLU A 1 94  ? -2.509  -5.410  17.548  1.00 32.77 ? 94  GLU A C   1 
ATOM   638  O  O   . GLU A 1 94  ? -1.702  -5.742  16.670  1.00 30.75 ? 94  GLU A O   1 
ATOM   639  C  CB  . GLU A 1 94  ? -1.335  -5.404  19.743  1.00 35.72 ? 94  GLU A CB  1 
ATOM   640  C  CG  . GLU A 1 94  ? -0.657  -4.539  20.803  1.00 37.09 ? 94  GLU A CG  1 
ATOM   641  C  CD  . GLU A 1 94  ? 0.371   -3.584  20.232  1.00 37.57 ? 94  GLU A CD  1 
ATOM   642  O  OE1 . GLU A 1 94  ? 0.792   -3.715  19.063  1.00 37.26 ? 94  GLU A OE1 1 
ATOM   643  O  OE2 . GLU A 1 94  ? 0.769   -2.661  20.967  1.00 39.29 ? 94  GLU A OE2 1 
ATOM   644  N  N   . ASP A 1 95  ? -3.792  -5.782  17.532  1.00 31.58 ? 95  ASP A N   1 
ATOM   645  C  CA  . ASP A 1 95  ? -4.352  -6.573  16.456  1.00 30.45 ? 95  ASP A CA  1 
ATOM   646  C  C   . ASP A 1 95  ? -4.423  -5.725  15.171  1.00 27.20 ? 95  ASP A C   1 
ATOM   647  O  O   . ASP A 1 95  ? -4.493  -6.299  14.096  1.00 26.45 ? 95  ASP A O   1 
ATOM   648  C  CB  . ASP A 1 95  ? -5.771  -7.024  16.796  1.00 33.95 ? 95  ASP A CB  1 
ATOM   649  C  CG  . ASP A 1 95  ? -5.835  -7.889  18.041  1.00 37.92 ? 95  ASP A CG  1 
ATOM   650  O  OD1 . ASP A 1 95  ? -4.970  -8.795  18.109  1.00 38.75 ? 95  ASP A OD1 1 
ATOM   651  O  OD2 . ASP A 1 95  ? -6.723  -7.655  18.900  1.00 38.64 ? 95  ASP A OD2 1 
ATOM   652  N  N   . ASN A 1 96  ? -4.448  -4.406  15.322  1.00 24.85 ? 96  ASN A N   1 
ATOM   653  C  CA  . ASN A 1 96  ? -4.521  -3.522  14.160  1.00 22.14 ? 96  ASN A CA  1 
ATOM   654  C  C   . ASN A 1 96  ? -3.191  -2.911  13.764  1.00 21.45 ? 96  ASN A C   1 
ATOM   655  O  O   . ASN A 1 96  ? -3.122  -1.968  12.960  1.00 20.52 ? 96  ASN A O   1 
ATOM   656  C  CB  . ASN A 1 96  ? -5.519  -2.388  14.454  1.00 21.29 ? 96  ASN A CB  1 
ATOM   657  C  CG  . ASN A 1 96  ? -6.941  -2.906  14.477  1.00 20.73 ? 96  ASN A CG  1 
ATOM   658  O  OD1 . ASN A 1 96  ? -7.180  -4.021  14.002  1.00 22.54 ? 96  ASN A OD1 1 
ATOM   659  N  ND2 . ASN A 1 96  ? -7.875  -2.131  14.980  1.00 21.59 ? 96  ASN A ND2 1 
ATOM   660  N  N   . ILE A 1 97  ? -2.077  -3.401  14.301  1.00 20.52 ? 97  ILE A N   1 
ATOM   661  C  CA  . ILE A 1 97  ? -0.752  -2.889  14.024  1.00 23.38 ? 97  ILE A CA  1 
ATOM   662  C  C   . ILE A 1 97  ? 0.099   -4.014  13.458  1.00 24.26 ? 97  ILE A C   1 
ATOM   663  O  O   . ILE A 1 97  ? 0.122   -5.154  13.939  1.00 25.43 ? 97  ILE A O   1 
ATOM   664  C  CB  . ILE A 1 97  ? -0.067  -2.341  15.303  1.00 24.19 ? 97  ILE A CB  1 
ATOM   665  C  CG1 . ILE A 1 97  ? -0.816  -1.116  15.816  1.00 23.74 ? 97  ILE A CG1 1 
ATOM   666  C  CG2 . ILE A 1 97  ? 1.397   -2.019  14.999  1.00 24.92 ? 97  ILE A CG2 1 
ATOM   667  C  CD1 . ILE A 1 97  ? -0.625  -0.800  17.295  1.00 23.48 ? 97  ILE A CD1 1 
ATOM   668  N  N   . VAL A 1 98  ? 0.810   -3.676  12.398  1.00 24.09 ? 98  VAL A N   1 
ATOM   669  C  CA  . VAL A 1 98  ? 1.645   -4.655  11.687  1.00 24.66 ? 98  VAL A CA  1 
ATOM   670  C  C   . VAL A 1 98  ? 3.087   -4.315  11.969  1.00 24.74 ? 98  VAL A C   1 
ATOM   671  O  O   . VAL A 1 98  ? 3.470   -3.151  12.134  1.00 25.27 ? 98  VAL A O   1 
ATOM   672  C  CB  . VAL A 1 98  ? 1.046   -4.510  10.266  1.00 25.70 ? 98  VAL A CB  1 
ATOM   673  C  CG1 . VAL A 1 98  ? 1.885   -3.670  9.331   1.00 21.62 ? 98  VAL A CG1 1 
ATOM   674  C  CG2 . VAL A 1 98  ? 0.569   -5.811  9.679   1.00 23.58 ? 98  VAL A CG2 1 
ATOM   675  N  N   . GLU A 1 99  ? 3.949   -5.320  12.179  1.00 27.20 ? 99  GLU A N   1 
ATOM   676  C  CA  . GLU A 1 99  ? 5.372   -5.150  12.442  1.00 28.14 ? 99  GLU A CA  1 
ATOM   677  C  C   . GLU A 1 99  ? 6.265   -5.406  11.237  1.00 26.58 ? 99  GLU A C   1 
ATOM   678  O  O   . GLU A 1 99  ? 6.148   -6.509  10.696  1.00 26.25 ? 99  GLU A O   1 
ATOM   679  C  CB  . GLU A 1 99  ? 5.806   -6.278  13.432  1.00 32.38 ? 99  GLU A CB  1 
ATOM   680  C  CG  . GLU A 1 99  ? 5.939   -5.791  14.851  1.00 36.67 ? 99  GLU A CG  1 
ATOM   681  C  CD  . GLU A 1 99  ? 7.111   -4.850  15.039  1.00 39.19 ? 99  GLU A CD  1 
ATOM   682  O  OE1 . GLU A 1 99  ? 7.086   -4.058  16.012  1.00 40.78 ? 99  GLU A OE1 1 
ATOM   683  O  OE2 . GLU A 1 99  ? 8.033   -4.938  14.197  1.00 40.27 ? 99  GLU A OE2 1 
ATOM   684  N  N   . VAL A 1 100 ? 7.092   -4.471  10.804  1.00 26.23 ? 100 VAL A N   1 
ATOM   685  C  CA  . VAL A 1 100 ? 7.945   -4.719  9.625   1.00 27.47 ? 100 VAL A CA  1 
ATOM   686  C  C   . VAL A 1 100 ? 9.329   -4.152  9.951   1.00 29.30 ? 100 VAL A C   1 
ATOM   687  O  O   . VAL A 1 100 ? 9.551   -2.980  10.267  1.00 28.27 ? 100 VAL A O   1 
ATOM   688  C  CB  . VAL A 1 100 ? 7.391   -4.143  8.321   1.00 26.87 ? 100 VAL A CB  1 
ATOM   689  C  CG1 . VAL A 1 100 ? 8.392   -4.318  7.172   1.00 25.41 ? 100 VAL A CG1 1 
ATOM   690  C  CG2 . VAL A 1 100 ? 6.056   -4.751  7.881   1.00 26.44 ? 100 VAL A CG2 1 
ATOM   691  N  N   . ASP A 1 101 ? 10.318  -5.051  9.937   1.00 33.32 ? 101 ASP A N   1 
ATOM   692  C  CA  . ASP A 1 101 ? 11.690  -4.669  10.267  1.00 35.77 ? 101 ASP A CA  1 
ATOM   693  C  C   . ASP A 1 101 ? 11.764  -3.912  11.589  1.00 34.99 ? 101 ASP A C   1 
ATOM   694  O  O   . ASP A 1 101 ? 12.456  -2.902  11.664  1.00 34.94 ? 101 ASP A O   1 
ATOM   695  C  CB  . ASP A 1 101 ? 12.267  -3.798  9.149   1.00 38.39 ? 101 ASP A CB  1 
ATOM   696  C  CG  . ASP A 1 101 ? 12.386  -4.529  7.825   1.00 40.41 ? 101 ASP A CG  1 
ATOM   697  O  OD1 . ASP A 1 101 ? 12.442  -5.777  7.817   1.00 41.80 ? 101 ASP A OD1 1 
ATOM   698  O  OD2 . ASP A 1 101 ? 12.413  -3.847  6.778   1.00 41.46 ? 101 ASP A OD2 1 
ATOM   699  N  N   . GLY A 1 102 ? 11.150  -4.445  12.645  1.00 34.67 ? 102 GLY A N   1 
ATOM   700  C  CA  . GLY A 1 102 ? 11.127  -3.884  13.970  1.00 32.43 ? 102 GLY A CA  1 
ATOM   701  C  C   . GLY A 1 102 ? 10.407  -2.580  14.188  1.00 33.31 ? 102 GLY A C   1 
ATOM   702  O  O   . GLY A 1 102 ? 10.569  -1.882  15.204  1.00 32.07 ? 102 GLY A O   1 
ATOM   703  N  N   . LYS A 1 103 ? 9.585   -2.155  13.218  1.00 30.52 ? 103 LYS A N   1 
ATOM   704  C  CA  . LYS A 1 103 ? 8.851   -0.909  13.287  1.00 30.81 ? 103 LYS A CA  1 
ATOM   705  C  C   . LYS A 1 103 ? 7.354   -1.196  13.124  1.00 27.31 ? 103 LYS A C   1 
ATOM   706  O  O   . LYS A 1 103 ? 6.972   -2.218  12.560  1.00 26.74 ? 103 LYS A O   1 
ATOM   707  C  CB  . LYS A 1 103 ? 9.305   0.152   12.297  1.00 32.45 ? 103 LYS A CB  1 
ATOM   708  C  CG  . LYS A 1 103 ? 10.807  0.342   12.199  1.00 35.87 ? 103 LYS A CG  1 
ATOM   709  C  CD  . LYS A 1 103 ? 11.227  1.748   11.826  1.00 38.54 ? 103 LYS A CD  1 
ATOM   710  C  CE  . LYS A 1 103 ? 11.284  2.644   13.053  1.00 40.04 ? 103 LYS A CE  1 
ATOM   711  N  NZ  . LYS A 1 103 ? 12.017  3.922   12.785  1.00 41.60 ? 103 LYS A NZ  1 
ATOM   712  N  N   . GLU A 1 104 ? 6.564   -0.323  13.758  1.00 26.61 ? 104 GLU A N   1 
ATOM   713  C  CA  . GLU A 1 104 ? 5.113   -0.557  13.725  1.00 24.20 ? 104 GLU A CA  1 
ATOM   714  C  C   . GLU A 1 104 ? 4.388   0.349   12.730  1.00 22.75 ? 104 GLU A C   1 
ATOM   715  O  O   . GLU A 1 104 ? 4.705   1.535   12.632  1.00 21.85 ? 104 GLU A O   1 
ATOM   716  C  CB  . GLU A 1 104 ? 4.568   -0.325  15.131  1.00 24.58 ? 104 GLU A CB  1 
ATOM   717  C  CG  . GLU A 1 104 ? 5.024   -1.436  16.075  1.00 27.30 ? 104 GLU A CG  1 
ATOM   718  C  CD  . GLU A 1 104 ? 4.314   -1.311  17.415  1.00 28.61 ? 104 GLU A CD  1 
ATOM   719  O  OE1 . GLU A 1 104 ? 4.405   -2.289  18.177  1.00 30.80 ? 104 GLU A OE1 1 
ATOM   720  O  OE2 . GLU A 1 104 ? 3.683   -0.262  17.669  1.00 28.33 ? 104 GLU A OE2 1 
ATOM   721  N  N   . TYR A 1 105 ? 3.525   -0.313  11.935  1.00 20.89 ? 105 TYR A N   1 
ATOM   722  C  CA  . TYR A 1 105 ? 2.759   0.423   10.915  1.00 19.76 ? 105 TYR A CA  1 
ATOM   723  C  C   . TYR A 1 105 ? 1.293   0.034   11.008  1.00 17.59 ? 105 TYR A C   1 
ATOM   724  O  O   . TYR A 1 105 ? 0.898   -1.078  11.451  1.00 18.68 ? 105 TYR A O   1 
ATOM   725  C  CB  . TYR A 1 105 ? 3.296   0.042   9.506   1.00 17.73 ? 105 TYR A CB  1 
ATOM   726  C  CG  . TYR A 1 105 ? 4.769   0.394   9.332   1.00 18.73 ? 105 TYR A CG  1 
ATOM   727  C  CD1 . TYR A 1 105 ? 5.753   -0.556  9.658   1.00 19.49 ? 105 TYR A CD1 1 
ATOM   728  C  CD2 . TYR A 1 105 ? 5.141   1.664   8.934   1.00 19.18 ? 105 TYR A CD2 1 
ATOM   729  C  CE1 . TYR A 1 105 ? 7.078   -0.169  9.531   1.00 20.24 ? 105 TYR A CE1 1 
ATOM   730  C  CE2 . TYR A 1 105 ? 6.470   2.038   8.824   1.00 19.87 ? 105 TYR A CE2 1 
ATOM   731  C  CZ  . TYR A 1 105 ? 7.430   1.076   9.132   1.00 20.52 ? 105 TYR A CZ  1 
ATOM   732  O  OH  . TYR A 1 105 ? 8.749   1.431   9.003   1.00 22.97 ? 105 TYR A OH  1 
ATOM   733  N  N   . ALA A 1 106 ? 0.421   0.924   10.502  1.00 17.62 ? 106 ALA A N   1 
ATOM   734  C  CA  . ALA A 1 106 ? -0.977  0.610   10.259  1.00 15.84 ? 106 ALA A CA  1 
ATOM   735  C  C   . ALA A 1 106 ? -1.035  -0.045  8.863   1.00 12.93 ? 106 ALA A C   1 
ATOM   736  O  O   . ALA A 1 106 ? -1.617  -1.104  8.687   1.00 14.04 ? 106 ALA A O   1 
ATOM   737  C  CB  . ALA A 1 106 ? -1.893  1.795   10.341  1.00 16.34 ? 106 ALA A CB  1 
ATOM   738  N  N   . VAL A 1 107 ? -0.422  0.626   7.908   1.00 14.71 ? 107 VAL A N   1 
ATOM   739  C  CA  . VAL A 1 107 ? -0.254  0.090   6.562   1.00 13.52 ? 107 VAL A CA  1 
ATOM   740  C  C   . VAL A 1 107 ? 1.232   0.233   6.145   1.00 13.59 ? 107 VAL A C   1 
ATOM   741  O  O   . VAL A 1 107 ? 1.724   1.359   6.155   1.00 14.94 ? 107 VAL A O   1 
ATOM   742  C  CB  . VAL A 1 107 ? -1.139  0.779   5.501   1.00 12.15 ? 107 VAL A CB  1 
ATOM   743  C  CG1 . VAL A 1 107 ? -0.755  0.358   4.072   1.00 15.25 ? 107 VAL A CG1 1 
ATOM   744  C  CG2 . VAL A 1 107 ? -2.614  0.491   5.701   1.00 14.00 ? 107 VAL A CG2 1 
ATOM   745  N  N   . TYR A 1 108 ? 1.822   -0.890  5.776   1.00 13.69 ? 108 TYR A N   1 
ATOM   746  C  CA  . TYR A 1 108 ? 3.192   -0.855  5.255   1.00 14.79 ? 108 TYR A CA  1 
ATOM   747  C  C   . TYR A 1 108 ? 3.196   -1.271  3.794   1.00 13.22 ? 108 TYR A C   1 
ATOM   748  O  O   . TYR A 1 108 ? 2.844   -2.431  3.552   1.00 13.76 ? 108 TYR A O   1 
ATOM   749  C  CB  . TYR A 1 108 ? 4.081   -1.829  6.076   1.00 16.94 ? 108 TYR A CB  1 
ATOM   750  C  CG  . TYR A 1 108 ? 5.548   -1.756  5.627   1.00 16.48 ? 108 TYR A CG  1 
ATOM   751  C  CD1 . TYR A 1 108 ? 6.412   -0.801  6.103   1.00 20.18 ? 108 TYR A CD1 1 
ATOM   752  C  CD2 . TYR A 1 108 ? 5.970   -2.655  4.663   1.00 17.90 ? 108 TYR A CD2 1 
ATOM   753  C  CE1 . TYR A 1 108 ? 7.738   -0.744  5.667   1.00 19.04 ? 108 TYR A CE1 1 
ATOM   754  C  CE2 . TYR A 1 108 ? 7.292   -2.582  4.207   1.00 18.80 ? 108 TYR A CE2 1 
ATOM   755  C  CZ  . TYR A 1 108 ? 8.146   -1.638  4.711   1.00 19.46 ? 108 TYR A CZ  1 
ATOM   756  O  OH  . TYR A 1 108 ? 9.450   -1.586  4.226   1.00 21.34 ? 108 TYR A OH  1 
ATOM   757  N  N   . ILE A 1 109 ? 3.559   -0.377  2.892   1.00 12.70 ? 109 ILE A N   1 
ATOM   758  C  CA  . ILE A 1 109 ? 3.784   -0.766  1.475   1.00 13.12 ? 109 ILE A CA  1 
ATOM   759  C  C   . ILE A 1 109 ? 5.315   -0.738  1.305   1.00 13.04 ? 109 ILE A C   1 
ATOM   760  O  O   . ILE A 1 109 ? 5.880   0.338   1.573   1.00 15.45 ? 109 ILE A O   1 
ATOM   761  C  CB  . ILE A 1 109 ? 3.112   0.213   0.500   1.00 12.29 ? 109 ILE A CB  1 
ATOM   762  C  CG1 . ILE A 1 109 ? 1.621   0.365   0.823   1.00 12.29 ? 109 ILE A CG1 1 
ATOM   763  C  CG2 . ILE A 1 109 ? 3.282   -0.195  -0.962  1.00 13.03 ? 109 ILE A CG2 1 
ATOM   764  C  CD1 . ILE A 1 109 ? 0.828   -0.951  0.734   1.00 14.39 ? 109 ILE A CD1 1 
ATOM   765  N  N   . GLY A 1 110 ? 5.864   -1.855  0.845   1.00 14.32 ? 110 GLY A N   1 
ATOM   766  C  CA  . GLY A 1 110 ? 7.338   -1.932  0.744   1.00 15.54 ? 110 GLY A CA  1 
ATOM   767  C  C   . GLY A 1 110 ? 7.914   -1.170  -0.432  1.00 17.88 ? 110 GLY A C   1 
ATOM   768  O  O   . GLY A 1 110 ? 7.273   -0.275  -1.000  1.00 17.99 ? 110 GLY A O   1 
ATOM   769  N  N   . ASN A 1 111 ? 9.146   -1.580  -0.804  1.00 16.59 ? 111 ASN A N   1 
ATOM   770  C  CA  . ASN A 1 111 ? 9.788   -0.902  -1.927  1.00 14.89 ? 111 ASN A CA  1 
ATOM   771  C  C   . ASN A 1 111 ? 9.492   -1.690  -3.199  1.00 14.73 ? 111 ASN A C   1 
ATOM   772  O  O   . ASN A 1 111 ? 9.249   -2.904  -3.218  1.00 14.12 ? 111 ASN A O   1 
ATOM   773  C  CB  . ASN A 1 111 ? 11.301  -0.921  -1.690  1.00 17.63 ? 111 ASN A CB  1 
ATOM   774  C  CG  . ASN A 1 111 ? 11.696  -0.440  -0.317  1.00 18.42 ? 111 ASN A CG  1 
ATOM   775  O  OD1 . ASN A 1 111 ? 11.396  0.658   0.135   1.00 19.64 ? 111 ASN A OD1 1 
ATOM   776  N  ND2 . ASN A 1 111 ? 12.499  -1.287  0.340   1.00 23.26 ? 111 ASN A ND2 1 
ATOM   777  N  N   . ASN A 1 112 ? 9.471   -0.979  -4.311  1.00 14.08 ? 112 ASN A N   1 
ATOM   778  C  CA  . ASN A 1 112 ? 9.218   -1.542  -5.633  1.00 14.49 ? 112 ASN A CA  1 
ATOM   779  C  C   . ASN A 1 112 ? 7.869   -2.267  -5.658  1.00 14.65 ? 112 ASN A C   1 
ATOM   780  O  O   . ASN A 1 112 ? 7.764   -3.303  -6.316  1.00 14.45 ? 112 ASN A O   1 
ATOM   781  C  CB  . ASN A 1 112 ? 10.268  -2.564  -6.072  1.00 17.17 ? 112 ASN A CB  1 
ATOM   782  C  CG  . ASN A 1 112 ? 11.678  -2.077  -5.864  1.00 18.61 ? 112 ASN A CG  1 
ATOM   783  O  OD1 . ASN A 1 112 ? 12.481  -2.856  -5.298  1.00 21.39 ? 112 ASN A OD1 1 
ATOM   784  N  ND2 . ASN A 1 112 ? 11.951  -0.885  -6.290  1.00 17.11 ? 112 ASN A ND2 1 
ATOM   785  N  N   . VAL A 1 113 ? 6.887   -1.669  -4.955  1.00 14.76 ? 113 VAL A N   1 
ATOM   786  C  CA  . VAL A 1 113 ? 5.535   -2.278  -4.944  1.00 12.55 ? 113 VAL A CA  1 
ATOM   787  C  C   . VAL A 1 113 ? 4.599   -1.474  -5.854  1.00 12.00 ? 113 VAL A C   1 
ATOM   788  O  O   . VAL A 1 113 ? 4.671   -0.234  -5.818  1.00 13.92 ? 113 VAL A O   1 
ATOM   789  C  CB  . VAL A 1 113 ? 4.969   -2.294  -3.514  1.00 13.21 ? 113 VAL A CB  1 
ATOM   790  C  CG1 . VAL A 1 113 ? 3.486   -2.712  -3.484  1.00 13.72 ? 113 VAL A CG1 1 
ATOM   791  C  CG2 . VAL A 1 113 ? 5.743   -3.239  -2.566  1.00 14.28 ? 113 VAL A CG2 1 
ATOM   792  N  N   . SER A 1 114 ? 3.820   -2.147  -6.652  1.00 11.73 ? 114 SER A N   1 
ATOM   793  C  CA  . SER A 1 114 ? 2.843   -1.492  -7.517  1.00 10.93 ? 114 SER A CA  1 
ATOM   794  C  C   . SER A 1 114 ? 1.436   -1.743  -6.963  1.00 11.69 ? 114 SER A C   1 
ATOM   795  O  O   . SER A 1 114 ? 0.973   -2.869  -6.864  1.00 11.32 ? 114 SER A O   1 
ATOM   796  C  CB  . SER A 1 114 ? 2.847   -2.085  -8.935  1.00 13.33 ? 114 SER A CB  1 
ATOM   797  O  OG  . SER A 1 114 ? 4.147   -1.938  -9.521  1.00 11.93 ? 114 SER A OG  1 
ATOM   798  N  N   . LEU A 1 115 ? 0.720   -0.605  -6.712  1.00 11.01 ? 115 LEU A N   1 
ATOM   799  C  CA  . LEU A 1 115 ? -0.676  -0.706  -6.310  1.00 9.13  ? 115 LEU A CA  1 
ATOM   800  C  C   . LEU A 1 115 ? -1.451  -0.255  -7.539  1.00 8.43  ? 115 LEU A C   1 
ATOM   801  O  O   . LEU A 1 115 ? -1.552  0.990   -7.811  1.00 9.05  ? 115 LEU A O   1 
ATOM   802  C  CB  . LEU A 1 115 ? -0.954  0.132   -5.085  1.00 9.18  ? 115 LEU A CB  1 
ATOM   803  C  CG  . LEU A 1 115 ? -0.157  -0.266  -3.834  1.00 10.06 ? 115 LEU A CG  1 
ATOM   804  C  CD1 . LEU A 1 115 ? -0.579  0.607   -2.642  1.00 10.90 ? 115 LEU A CD1 1 
ATOM   805  C  CD2 . LEU A 1 115 ? -0.192  -1.734  -3.545  1.00 9.43  ? 115 LEU A CD2 1 
ATOM   806  N  N   . ALA A 1 116 ? -1.943  -1.176  -8.353  1.00 9.24  ? 116 ALA A N   1 
ATOM   807  C  CA  . ALA A 1 116 ? -2.555  -0.773  -9.630  1.00 9.33  ? 116 ALA A CA  1 
ATOM   808  C  C   . ALA A 1 116 ? -3.925  -0.131  -9.464  1.00 9.05  ? 116 ALA A C   1 
ATOM   809  O  O   . ALA A 1 116 ? -4.567  -0.177  -8.420  1.00 10.04 ? 116 ALA A O   1 
ATOM   810  C  CB  . ALA A 1 116 ? -2.561  -1.979  -10.542 1.00 9.98  ? 116 ALA A CB  1 
ATOM   811  N  N   . HIS A 1 117 ? -4.374  0.465   -10.552 1.00 8.86  ? 117 HIS A N   1 
ATOM   812  C  CA  . HIS A 1 117 ? -5.575  1.274   -10.574 1.00 8.51  ? 117 HIS A CA  1 
ATOM   813  C  C   . HIS A 1 117 ? -6.749  0.681   -9.821  1.00 10.19 ? 117 HIS A C   1 
ATOM   814  O  O   . HIS A 1 117 ? -7.121  -0.487  -10.101 1.00 9.28  ? 117 HIS A O   1 
ATOM   815  C  CB  . HIS A 1 117 ? -5.998  1.586   -11.986 1.00 9.36  ? 117 HIS A CB  1 
ATOM   816  C  CG  . HIS A 1 117 ? -4.918  1.915   -12.939 1.00 9.84  ? 117 HIS A CG  1 
ATOM   817  N  ND1 . HIS A 1 117 ? -4.345  3.158   -13.135 1.00 9.40  ? 117 HIS A ND1 1 
ATOM   818  C  CD2 . HIS A 1 117 ? -4.412  1.024   -13.806 1.00 9.33  ? 117 HIS A CD2 1 
ATOM   819  C  CE1 . HIS A 1 117 ? -3.462  2.996   -14.113 1.00 8.03  ? 117 HIS A CE1 1 
ATOM   820  N  NE2 . HIS A 1 117 ? -3.433  1.698   -14.537 1.00 11.77 ? 117 HIS A NE2 1 
ATOM   821  N  N   . GLN A 1 118 ? -7.325  1.484   -8.930  1.00 8.06  ? 118 GLN A N   1 
ATOM   822  C  CA  . GLN A 1 118 ? -8.540  1.109   -8.202  1.00 8.11  ? 118 GLN A CA  1 
ATOM   823  C  C   . GLN A 1 118 ? -8.359  0.002   -7.172  1.00 8.89  ? 118 GLN A C   1 
ATOM   824  O  O   . GLN A 1 118 ? -9.329  -0.472  -6.582  1.00 10.25 ? 118 GLN A O   1 
ATOM   825  C  CB  . GLN A 1 118 ? -9.690  0.722   -9.174  1.00 7.99  ? 118 GLN A CB  1 
ATOM   826  C  CG  . GLN A 1 118 ? -10.139 1.878   -10.057 1.00 8.02  ? 118 GLN A CG  1 
ATOM   827  C  CD  . GLN A 1 118 ? -11.168 1.472   -11.079 1.00 9.60  ? 118 GLN A CD  1 
ATOM   828  O  OE1 . GLN A 1 118 ? -11.220 0.303   -11.495 1.00 9.24  ? 118 GLN A OE1 1 
ATOM   829  N  NE2 . GLN A 1 118 ? -12.021 2.349   -11.613 1.00 9.83  ? 118 GLN A NE2 1 
ATOM   830  N  N   . SER A 1 119 ? -7.138  -0.431  -6.932  1.00 9.33  ? 119 SER A N   1 
ATOM   831  C  CA  . SER A 1 119 ? -6.912  -1.380  -5.847  1.00 8.74  ? 119 SER A CA  1 
ATOM   832  C  C   . SER A 1 119 ? -7.080  -0.628  -4.511  1.00 10.23 ? 119 SER A C   1 
ATOM   833  O  O   . SER A 1 119 ? -7.171  0.624   -4.351  1.00 9.11  ? 119 SER A O   1 
ATOM   834  C  CB  . SER A 1 119 ? -5.554  -2.070  -6.000  1.00 9.30  ? 119 SER A CB  1 
ATOM   835  O  OG  . SER A 1 119 ? -4.451  -1.185  -5.870  1.00 9.29  ? 119 SER A OG  1 
ATOM   836  N  N   . GLN A 1 120 ? -6.951  -1.409  -3.437  1.00 8.91  ? 120 GLN A N   1 
ATOM   837  C  CA  . GLN A 1 120 ? -7.063  -0.876  -2.067  1.00 6.56  ? 120 GLN A CA  1 
ATOM   838  C  C   . GLN A 1 120 ? -6.276  -1.735  -1.115  1.00 9.87  ? 120 GLN A C   1 
ATOM   839  O  O   . GLN A 1 120 ? -6.353  -2.958  -1.183  1.00 9.76  ? 120 GLN A O   1 
ATOM   840  C  CB  . GLN A 1 120 ? -8.532  -0.791  -1.637  1.00 8.91  ? 120 GLN A CB  1 
ATOM   841  C  CG  . GLN A 1 120 ? -8.738  -0.383  -0.188  1.00 9.75  ? 120 GLN A CG  1 
ATOM   842  C  CD  . GLN A 1 120 ? -10.178 -0.232  0.270   1.00 8.16  ? 120 GLN A CD  1 
ATOM   843  O  OE1 . GLN A 1 120 ? -10.421 -0.107  1.476   1.00 10.45 ? 120 GLN A OE1 1 
ATOM   844  N  NE2 . GLN A 1 120 ? -11.145 -0.217  -0.654  1.00 9.63  ? 120 GLN A NE2 1 
ATOM   845  N  N   . VAL A 1 121 ? -5.575  -1.129  -0.184  1.00 8.83  ? 121 VAL A N   1 
ATOM   846  C  CA  . VAL A 1 121 ? -4.829  -1.827  0.862   1.00 10.79 ? 121 VAL A CA  1 
ATOM   847  C  C   . VAL A 1 121 ? -5.241  -1.159  2.156   1.00 9.75  ? 121 VAL A C   1 
ATOM   848  O  O   . VAL A 1 121 ? -5.076  0.064   2.346   1.00 10.08 ? 121 VAL A O   1 
ATOM   849  C  CB  . VAL A 1 121 ? -3.322  -1.796  0.662   1.00 10.00 ? 121 VAL A CB  1 
ATOM   850  C  CG1 . VAL A 1 121 ? -2.681  -2.495  1.906   1.00 10.12 ? 121 VAL A CG1 1 
ATOM   851  C  CG2 . VAL A 1 121 ? -2.854  -2.499  -0.602  1.00 10.35 ? 121 VAL A CG2 1 
ATOM   852  N  N   . HIS A 1 122 ? -5.992  -1.904  2.976   1.00 9.50  ? 122 HIS A N   1 
ATOM   853  C  CA  . HIS A 1 122 ? -6.544  -1.371  4.216   1.00 11.19 ? 122 HIS A CA  1 
ATOM   854  C  C   . HIS A 1 122 ? -5.911  -2.027  5.428   1.00 12.66 ? 122 HIS A C   1 
ATOM   855  O  O   . HIS A 1 122 ? -5.915  -3.259  5.528   1.00 11.34 ? 122 HIS A O   1 
ATOM   856  C  CB  . HIS A 1 122 ? -8.074  -1.674  4.179   1.00 12.77 ? 122 HIS A CB  1 
ATOM   857  C  CG  . HIS A 1 122 ? -8.788  -0.776  5.157   1.00 12.05 ? 122 HIS A CG  1 
ATOM   858  N  ND1 . HIS A 1 122 ? -8.713  -0.922  6.528   1.00 12.49 ? 122 HIS A ND1 1 
ATOM   859  C  CD2 . HIS A 1 122 ? -9.568  0.308   4.923   1.00 11.47 ? 122 HIS A CD2 1 
ATOM   860  C  CE1 . HIS A 1 122 ? -9.373  0.026   7.128   1.00 13.03 ? 122 HIS A CE1 1 
ATOM   861  N  NE2 . HIS A 1 122 ? -9.960  0.764   6.194   1.00 12.97 ? 122 HIS A NE2 1 
ATOM   862  N  N   . GLY A 1 123 ? -5.470  -1.178  6.325   1.00 12.66 ? 123 GLY A N   1 
ATOM   863  C  CA  . GLY A 1 123 ? -4.764  -1.708  7.527   1.00 12.01 ? 123 GLY A CA  1 
ATOM   864  C  C   . GLY A 1 123 ? -5.739  -2.379  8.464   1.00 13.27 ? 123 GLY A C   1 
ATOM   865  O  O   . GLY A 1 123 ? -6.938  -2.047  8.495   1.00 13.69 ? 123 GLY A O   1 
ATOM   866  N  N   . PRO A 1 124 ? -5.216  -3.275  9.285   1.00 12.62 ? 124 PRO A N   1 
ATOM   867  C  CA  . PRO A 1 124 ? -3.813  -3.640  9.327   1.00 13.26 ? 124 PRO A CA  1 
ATOM   868  C  C   . PRO A 1 124 ? -3.355  -4.446  8.125   1.00 13.54 ? 124 PRO A C   1 
ATOM   869  O  O   . PRO A 1 124 ? -4.008  -5.420  7.722   1.00 14.81 ? 124 PRO A O   1 
ATOM   870  C  CB  . PRO A 1 124 ? -3.666  -4.495  10.633  1.00 15.02 ? 124 PRO A CB  1 
ATOM   871  C  CG  . PRO A 1 124 ? -5.065  -5.021  10.811  1.00 14.08 ? 124 PRO A CG  1 
ATOM   872  C  CD  . PRO A 1 124 ? -6.028  -3.960  10.298  1.00 14.39 ? 124 PRO A CD  1 
ATOM   873  N  N   . ALA A 1 125 ? -2.241  -4.006  7.502   1.00 14.77 ? 125 ALA A N   1 
ATOM   874  C  CA  . ALA A 1 125 ? -1.743  -4.710  6.341   1.00 15.41 ? 125 ALA A CA  1 
ATOM   875  C  C   . ALA A 1 125 ? -0.287  -4.401  6.023   1.00 13.57 ? 125 ALA A C   1 
ATOM   876  O  O   . ALA A 1 125 ? 0.182   -3.291  6.237   1.00 13.64 ? 125 ALA A O   1 
ATOM   877  C  CB  . ALA A 1 125 ? -2.550  -4.360  5.067   1.00 16.33 ? 125 ALA A CB  1 
ATOM   878  N  N   . ALA A 1 126 ? 0.366   -5.401  5.449   1.00 15.18 ? 126 ALA A N   1 
ATOM   879  C  CA  . ALA A 1 126 ? 1.716   -5.146  4.939   1.00 14.52 ? 126 ALA A CA  1 
ATOM   880  C  C   . ALA A 1 126 ? 1.832   -5.794  3.588   1.00 15.27 ? 126 ALA A C   1 
ATOM   881  O  O   . ALA A 1 126 ? 1.278   -6.848  3.300   1.00 17.72 ? 126 ALA A O   1 
ATOM   882  C  CB  . ALA A 1 126 ? 2.795   -5.679  5.895   1.00 15.00 ? 126 ALA A CB  1 
ATOM   883  N  N   . VAL A 1 127 ? 2.549   -5.113  2.668   1.00 14.87 ? 127 VAL A N   1 
ATOM   884  C  CA  . VAL A 1 127 ? 2.783   -5.657  1.330   1.00 13.89 ? 127 VAL A CA  1 
ATOM   885  C  C   . VAL A 1 127 ? 4.300   -5.650  1.110   1.00 13.77 ? 127 VAL A C   1 
ATOM   886  O  O   . VAL A 1 127 ? 4.900   -4.587  1.126   1.00 15.58 ? 127 VAL A O   1 
ATOM   887  C  CB  . VAL A 1 127 ? 2.064   -4.820  0.243   1.00 12.92 ? 127 VAL A CB  1 
ATOM   888  C  CG1 . VAL A 1 127 ? 2.410   -5.337  -1.148  1.00 15.40 ? 127 VAL A CG1 1 
ATOM   889  C  CG2 . VAL A 1 127 ? 0.541   -4.876  0.432   1.00 14.77 ? 127 VAL A CG2 1 
ATOM   890  N  N   . GLY A 1 128 ? 4.871   -6.830  0.909   1.00 15.33 ? 128 GLY A N   1 
ATOM   891  C  CA  . GLY A 1 128 ? 6.319   -6.931  0.776   1.00 15.29 ? 128 GLY A CA  1 
ATOM   892  C  C   . GLY A 1 128 ? 6.856   -6.418  -0.555  1.00 16.13 ? 128 GLY A C   1 
ATOM   893  O  O   . GLY A 1 128 ? 6.149   -6.181  -1.535  1.00 16.57 ? 128 GLY A O   1 
ATOM   894  N  N   . ASP A 1 129 ? 8.173   -6.227  -0.611  1.00 16.14 ? 129 ASP A N   1 
ATOM   895  C  CA  . ASP A 1 129 ? 8.808   -5.666  -1.767  1.00 16.67 ? 129 ASP A CA  1 
ATOM   896  C  C   . ASP A 1 129 ? 8.580   -6.432  -3.034  1.00 15.59 ? 129 ASP A C   1 
ATOM   897  O  O   . ASP A 1 129 ? 8.479   -7.646  -3.172  1.00 15.19 ? 129 ASP A O   1 
ATOM   898  C  CB  . ASP A 1 129 ? 10.348  -5.634  -1.573  1.00 17.49 ? 129 ASP A CB  1 
ATOM   899  C  CG  . ASP A 1 129 ? 10.795  -4.685  -0.504  1.00 21.10 ? 129 ASP A CG  1 
ATOM   900  O  OD1 . ASP A 1 129 ? 12.028  -4.424  -0.399  1.00 22.53 ? 129 ASP A OD1 1 
ATOM   901  O  OD2 . ASP A 1 129 ? 10.022  -4.087  0.257   1.00 18.36 ? 129 ASP A OD2 1 
ATOM   902  N  N   . ASP A 1 130 ? 8.617   -5.713  -4.169  1.00 15.26 ? 130 ASP A N   1 
ATOM   903  C  CA  . ASP A 1 130 ? 8.498   -6.301  -5.502  1.00 16.17 ? 130 ASP A CA  1 
ATOM   904  C  C   . ASP A 1 130 ? 7.246   -7.131  -5.717  1.00 16.91 ? 130 ASP A C   1 
ATOM   905  O  O   . ASP A 1 130 ? 7.225   -8.094  -6.503  1.00 17.58 ? 130 ASP A O   1 
ATOM   906  C  CB  A ASP A 1 130 ? 9.760   -7.121  -5.841  0.50 18.04 ? 130 ASP A CB  1 
ATOM   907  C  CB  B ASP A 1 130 ? 9.715   -7.175  -5.863  0.50 17.55 ? 130 ASP A CB  1 
ATOM   908  C  CG  A ASP A 1 130 ? 10.180  -7.084  -7.289  0.50 20.57 ? 130 ASP A CG  1 
ATOM   909  C  CG  B ASP A 1 130 ? 11.017  -6.521  -5.453  0.50 18.96 ? 130 ASP A CG  1 
ATOM   910  O  OD1 A ASP A 1 130 ? 11.146  -7.791  -7.698  0.50 20.23 ? 130 ASP A OD1 1 
ATOM   911  O  OD1 B ASP A 1 130 ? 11.368  -5.500  -6.041  0.50 20.47 ? 130 ASP A OD1 1 
ATOM   912  O  OD2 A ASP A 1 130 ? 9.568   -6.362  -8.126  0.50 21.00 ? 130 ASP A OD2 1 
ATOM   913  O  OD2 B ASP A 1 130 ? 11.641  -7.095  -4.520  0.50 20.67 ? 130 ASP A OD2 1 
ATOM   914  N  N   . THR A 1 131 ? 6.159   -6.677  -5.111  1.00 15.15 ? 131 THR A N   1 
ATOM   915  C  CA  . THR A 1 131 ? 4.858   -7.283  -5.328  1.00 14.85 ? 131 THR A CA  1 
ATOM   916  C  C   . THR A 1 131 ? 3.963   -6.378  -6.179  1.00 12.90 ? 131 THR A C   1 
ATOM   917  O  O   . THR A 1 131 ? 4.073   -5.148  -6.084  1.00 13.28 ? 131 THR A O   1 
ATOM   918  C  CB  . THR A 1 131 ? 4.251   -7.553  -3.953  1.00 14.68 ? 131 THR A CB  1 
ATOM   919  O  OG1 . THR A 1 131 ? 5.003   -8.692  -3.421  1.00 16.26 ? 131 THR A OG1 1 
ATOM   920  C  CG2 . THR A 1 131 ? 2.780   -7.891  -4.034  1.00 12.37 ? 131 THR A CG2 1 
ATOM   921  N  N   . PHE A 1 132 ? 3.227   -7.045  -7.046  1.00 12.04 ? 132 PHE A N   1 
ATOM   922  C  CA  . PHE A 1 132 ? 2.241   -6.337  -7.880  1.00 11.94 ? 132 PHE A CA  1 
ATOM   923  C  C   . PHE A 1 132 ? 0.876   -6.549  -7.261  1.00 12.71 ? 132 PHE A C   1 
ATOM   924  O  O   . PHE A 1 132 ? 0.428   -7.689  -7.145  1.00 13.97 ? 132 PHE A O   1 
ATOM   925  C  CB  . PHE A 1 132 ? 2.306   -6.828  -9.314  1.00 12.28 ? 132 PHE A CB  1 
ATOM   926  C  CG  . PHE A 1 132 ? 1.346   -6.249  -10.311 1.00 14.15 ? 132 PHE A CG  1 
ATOM   927  C  CD1 . PHE A 1 132 ? 1.555   -5.000  -10.869 1.00 13.77 ? 132 PHE A CD1 1 
ATOM   928  C  CD2 . PHE A 1 132 ? 0.195   -6.923  -10.644 1.00 13.97 ? 132 PHE A CD2 1 
ATOM   929  C  CE1 . PHE A 1 132 ? 0.646   -4.492  -11.775 1.00 14.19 ? 132 PHE A CE1 1 
ATOM   930  C  CE2 . PHE A 1 132 ? -0.736  -6.437  -11.542 1.00 13.40 ? 132 PHE A CE2 1 
ATOM   931  C  CZ  . PHE A 1 132 ? -0.507  -5.170  -12.114 1.00 13.90 ? 132 PHE A CZ  1 
ATOM   932  N  N   . ILE A 1 133 ? 0.135   -5.489  -6.940  1.00 11.53 ? 133 ILE A N   1 
ATOM   933  C  CA  . ILE A 1 133 ? -1.252  -5.630  -6.457  1.00 9.76  ? 133 ILE A CA  1 
ATOM   934  C  C   . ILE A 1 133 ? -2.104  -5.174  -7.640  1.00 11.02 ? 133 ILE A C   1 
ATOM   935  O  O   . ILE A 1 133 ? -2.118  -3.970  -7.948  1.00 10.88 ? 133 ILE A O   1 
ATOM   936  C  CB  . ILE A 1 133 ? -1.493  -4.806  -5.205  1.00 9.46  ? 133 ILE A CB  1 
ATOM   937  C  CG1 . ILE A 1 133 ? -0.544  -5.195  -4.031  1.00 10.73 ? 133 ILE A CG1 1 
ATOM   938  C  CG2 . ILE A 1 133 ? -2.969  -4.928  -4.778  1.00 11.03 ? 133 ILE A CG2 1 
ATOM   939  C  CD1 . ILE A 1 133 ? -0.662  -6.637  -3.534  1.00 12.21 ? 133 ILE A CD1 1 
ATOM   940  N  N   . GLY A 1 134 ? -2.768  -6.141  -8.281  1.00 10.60 ? 134 GLY A N   1 
ATOM   941  C  CA  . GLY A 1 134 ? -3.468  -5.844  -9.539  1.00 11.46 ? 134 GLY A CA  1 
ATOM   942  C  C   . GLY A 1 134 ? -4.629  -4.869  -9.469  1.00 10.62 ? 134 GLY A C   1 
ATOM   943  O  O   . GLY A 1 134 ? -5.195  -4.564  -8.427  1.00 10.61 ? 134 GLY A O   1 
ATOM   944  N  N   . MET A 1 135 ? -5.061  -4.495  -10.683 1.00 11.35 ? 135 MET A N   1 
ATOM   945  C  CA  . MET A 1 135 ? -6.213  -3.602  -10.806 1.00 9.72  ? 135 MET A CA  1 
ATOM   946  C  C   . MET A 1 135 ? -7.416  -4.107  -10.038 1.00 9.95  ? 135 MET A C   1 
ATOM   947  O  O   . MET A 1 135 ? -7.799  -5.284  -10.149 1.00 9.63  ? 135 MET A O   1 
ATOM   948  C  CB  . MET A 1 135 ? -6.554  -3.456  -12.294 1.00 10.92 ? 135 MET A CB  1 
ATOM   949  C  CG  . MET A 1 135 ? -5.467  -2.928  -13.220 1.00 11.77 ? 135 MET A CG  1 
ATOM   950  S  SD  . MET A 1 135 ? -4.405  -4.287  -13.806 1.00 14.78 ? 135 MET A SD  1 
ATOM   951  C  CE  . MET A 1 135 ? -3.376  -3.493  -15.009 1.00 17.12 ? 135 MET A CE  1 
ATOM   952  N  N   . GLN A 1 136 ? -8.020  -3.271  -9.217  1.00 9.72  ? 136 GLN A N   1 
ATOM   953  C  CA  . GLN A 1 136 ? -9.268  -3.555  -8.505  1.00 10.15 ? 136 GLN A CA  1 
ATOM   954  C  C   . GLN A 1 136 ? -9.073  -4.643  -7.455  1.00 12.30 ? 136 GLN A C   1 
ATOM   955  O  O   . GLN A 1 136 ? -10.075 -5.127  -6.899  1.00 12.58 ? 136 GLN A O   1 
ATOM   956  C  CB  . GLN A 1 136 ? -10.390 -3.950  -9.510  1.00 10.48 ? 136 GLN A CB  1 
ATOM   957  C  CG  . GLN A 1 136 ? -10.864 -2.786  -10.379 1.00 11.15 ? 136 GLN A CG  1 
ATOM   958  C  CD  . GLN A 1 136 ? -12.013 -3.181  -11.281 1.00 13.71 ? 136 GLN A CD  1 
ATOM   959  O  OE1 . GLN A 1 136 ? -12.410 -4.357  -11.394 1.00 13.31 ? 136 GLN A OE1 1 
ATOM   960  N  NE2 . GLN A 1 136 ? -12.667 -2.230  -11.918 1.00 10.87 ? 136 GLN A NE2 1 
ATOM   961  N  N   . ALA A 1 137 ? -7.850  -4.931  -7.062  1.00 10.95 ? 137 ALA A N   1 
ATOM   962  C  CA  . ALA A 1 137 ? -7.591  -5.948  -6.042  1.00 11.09 ? 137 ALA A CA  1 
ATOM   963  C  C   . ALA A 1 137 ? -7.715  -5.405  -4.648  1.00 10.67 ? 137 ALA A C   1 
ATOM   964  O  O   . ALA A 1 137 ? -7.866  -4.181  -4.461  1.00 12.44 ? 137 ALA A O   1 
ATOM   965  C  CB  . ALA A 1 137 ? -6.220  -6.612  -6.299  1.00 12.39 ? 137 ALA A CB  1 
ATOM   966  N  N   . PHE A 1 138 ? -7.771  -6.257  -3.626  1.00 10.03 ? 138 PHE A N   1 
ATOM   967  C  CA  . PHE A 1 138 ? -8.062  -5.813  -2.269  1.00 8.75  ? 138 PHE A CA  1 
ATOM   968  C  C   . PHE A 1 138 ? -7.204  -6.560  -1.257  1.00 11.44 ? 138 PHE A C   1 
ATOM   969  O  O   . PHE A 1 138 ? -7.114  -7.772  -1.373  1.00 13.49 ? 138 PHE A O   1 
ATOM   970  C  CB  . PHE A 1 138 ? -9.554  -6.004  -1.949  1.00 10.76 ? 138 PHE A CB  1 
ATOM   971  C  CG  . PHE A 1 138 ? -9.970  -5.581  -0.576  1.00 10.88 ? 138 PHE A CG  1 
ATOM   972  C  CD1 . PHE A 1 138 ? -9.919  -4.255  -0.151  1.00 13.40 ? 138 PHE A CD1 1 
ATOM   973  C  CD2 . PHE A 1 138 ? -10.541 -6.526  0.280   1.00 10.53 ? 138 PHE A CD2 1 
ATOM   974  C  CE1 . PHE A 1 138 ? -10.372 -3.890  1.120   1.00 12.62 ? 138 PHE A CE1 1 
ATOM   975  C  CE2 . PHE A 1 138 ? -10.963 -6.159  1.531   1.00 12.35 ? 138 PHE A CE2 1 
ATOM   976  C  CZ  . PHE A 1 138 ? -10.874 -4.859  1.989   1.00 13.12 ? 138 PHE A CZ  1 
ATOM   977  N  N   . VAL A 1 139 ? -6.646  -5.819  -0.325  1.00 10.58 ? 139 VAL A N   1 
ATOM   978  C  CA  . VAL A 1 139 ? -5.813  -6.421  0.728   1.00 10.24 ? 139 VAL A CA  1 
ATOM   979  C  C   . VAL A 1 139 ? -6.273  -5.862  2.060   1.00 11.93 ? 139 VAL A C   1 
ATOM   980  O  O   . VAL A 1 139 ? -6.289  -4.623  2.219   1.00 10.74 ? 139 VAL A O   1 
ATOM   981  C  CB  . VAL A 1 139 ? -4.321  -6.166  0.561   1.00 10.52 ? 139 VAL A CB  1 
ATOM   982  C  CG1 . VAL A 1 139 ? -3.474  -6.767  1.687   1.00 12.49 ? 139 VAL A CG1 1 
ATOM   983  C  CG2 . VAL A 1 139 ? -3.780  -6.706  -0.753  1.00 12.91 ? 139 VAL A CG2 1 
ATOM   984  N  N   . PHE A 1 140 ? -6.702  -6.661  3.033   1.00 10.97 ? 140 PHE A N   1 
ATOM   985  C  CA  . PHE A 1 140 ? -7.162  -6.163  4.312   1.00 11.11 ? 140 PHE A CA  1 
ATOM   986  C  C   . PHE A 1 140 ? -6.859  -7.158  5.442   1.00 12.82 ? 140 PHE A C   1 
ATOM   987  O  O   . PHE A 1 140 ? -7.052  -8.329  5.188   1.00 13.23 ? 140 PHE A O   1 
ATOM   988  C  CB  . PHE A 1 140 ? -8.691  -6.023  4.208   1.00 11.44 ? 140 PHE A CB  1 
ATOM   989  C  CG  . PHE A 1 140 ? -9.407  -5.606  5.461   1.00 14.11 ? 140 PHE A CG  1 
ATOM   990  C  CD1 . PHE A 1 140 ? -8.944  -4.598  6.292   1.00 12.98 ? 140 PHE A CD1 1 
ATOM   991  C  CD2 . PHE A 1 140 ? -10.603 -6.227  5.775   1.00 13.21 ? 140 PHE A CD2 1 
ATOM   992  C  CE1 . PHE A 1 140 ? -9.695  -4.210  7.435   1.00 13.82 ? 140 PHE A CE1 1 
ATOM   993  C  CE2 . PHE A 1 140 ? -11.342 -5.859  6.884   1.00 14.59 ? 140 PHE A CE2 1 
ATOM   994  C  CZ  . PHE A 1 140 ? -10.872 -4.861  7.716   1.00 15.12 ? 140 PHE A CZ  1 
ATOM   995  N  N   . LYS A 1 141 ? -6.319  -6.667  6.559   1.00 13.80 ? 141 LYS A N   1 
ATOM   996  C  CA  . LYS A 1 141 ? -5.958  -7.579  7.651   1.00 16.61 ? 141 LYS A CA  1 
ATOM   997  C  C   . LYS A 1 141 ? -5.142  -8.753  7.142   1.00 17.61 ? 141 LYS A C   1 
ATOM   998  O  O   . LYS A 1 141 ? -5.320  -9.925  7.488   1.00 17.64 ? 141 LYS A O   1 
ATOM   999  C  CB  . LYS A 1 141 ? -7.203  -8.093  8.379   1.00 18.36 ? 141 LYS A CB  1 
ATOM   1000 C  CG  . LYS A 1 141 ? -8.036  -7.010  9.039   1.00 19.30 ? 141 LYS A CG  1 
ATOM   1001 C  CD  . LYS A 1 141 ? -9.217  -7.648  9.783   1.00 20.93 ? 141 LYS A CD  1 
ATOM   1002 C  CE  . LYS A 1 141 ? -8.798  -8.186  11.138  1.00 22.56 ? 141 LYS A CE  1 
ATOM   1003 N  NZ  . LYS A 1 141 ? -10.013 -8.667  11.863  1.00 22.21 ? 141 LYS A NZ  1 
ATOM   1004 N  N   . SER A 1 142 ? -4.145  -8.445  6.299   1.00 16.24 ? 142 SER A N   1 
ATOM   1005 C  CA  . SER A 1 142 ? -3.304  -9.477  5.695   1.00 17.12 ? 142 SER A CA  1 
ATOM   1006 C  C   . SER A 1 142 ? -1.878  -8.964  5.549   1.00 17.45 ? 142 SER A C   1 
ATOM   1007 O  O   . SER A 1 142 ? -1.555  -7.772  5.527   1.00 17.57 ? 142 SER A O   1 
ATOM   1008 C  CB  . SER A 1 142 ? -3.812  -9.823  4.273   1.00 15.88 ? 142 SER A CB  1 
ATOM   1009 O  OG  . SER A 1 142 ? -5.086  -10.458 4.330   1.00 15.06 ? 142 SER A OG  1 
ATOM   1010 N  N   . LYS A 1 143 ? -0.995  -9.965  5.382   1.00 19.14 ? 143 LYS A N   1 
ATOM   1011 C  CA  . LYS A 1 143 ? 0.404   -9.739  5.093   1.00 17.95 ? 143 LYS A CA  1 
ATOM   1012 C  C   . LYS A 1 143 ? 0.696   -10.407 3.765   1.00 19.26 ? 143 LYS A C   1 
ATOM   1013 O  O   . LYS A 1 143 ? 0.482   -11.619 3.615   1.00 20.04 ? 143 LYS A O   1 
ATOM   1014 C  CB  . LYS A 1 143 ? 1.335   -10.320 6.165   1.00 20.41 ? 143 LYS A CB  1 
ATOM   1015 C  CG  . LYS A 1 143 ? 1.377   -9.384  7.346   1.00 23.79 ? 143 LYS A CG  1 
ATOM   1016 C  CD  . LYS A 1 143 ? 1.974   -10.088 8.569   1.00 30.21 ? 143 LYS A CD  1 
ATOM   1017 C  CE  . LYS A 1 143 ? 2.854   -9.016  9.214   1.00 32.40 ? 143 LYS A CE  1 
ATOM   1018 N  NZ  . LYS A 1 143 ? 3.132   -9.414  10.627  1.00 35.49 ? 143 LYS A NZ  1 
ATOM   1019 N  N   . VAL A 1 144 ? 1.064   -9.625  2.761   1.00 17.66 ? 144 VAL A N   1 
ATOM   1020 C  CA  . VAL A 1 144 ? 1.415   -10.124 1.446   1.00 17.63 ? 144 VAL A CA  1 
ATOM   1021 C  C   . VAL A 1 144 ? 2.937   -10.158 1.341   1.00 18.57 ? 144 VAL A C   1 
ATOM   1022 O  O   . VAL A 1 144 ? 3.585   -9.145  1.577   1.00 19.52 ? 144 VAL A O   1 
ATOM   1023 C  CB  . VAL A 1 144 ? 0.791   -9.254  0.343   1.00 16.48 ? 144 VAL A CB  1 
ATOM   1024 C  CG1 . VAL A 1 144 ? 1.195   -9.792  -1.033  1.00 17.52 ? 144 VAL A CG1 1 
ATOM   1025 C  CG2 . VAL A 1 144 ? -0.709  -9.222  0.489   1.00 16.44 ? 144 VAL A CG2 1 
ATOM   1026 N  N   . GLY A 1 145 ? 3.499   -11.352 1.074   1.00 19.83 ? 145 GLY A N   1 
ATOM   1027 C  CA  . GLY A 1 145 ? 4.969   -11.404 1.063   1.00 21.10 ? 145 GLY A CA  1 
ATOM   1028 C  C   . GLY A 1 145 ? 5.575   -10.651 -0.108  1.00 22.46 ? 145 GLY A C   1 
ATOM   1029 O  O   . GLY A 1 145 ? 4.874   -9.955  -0.872  1.00 21.36 ? 145 GLY A O   1 
ATOM   1030 N  N   . ASN A 1 146 ? 6.892   -10.736 -0.247  1.00 21.34 ? 146 ASN A N   1 
ATOM   1031 C  CA  . ASN A 1 146 ? 7.629   -10.123 -1.343  1.00 21.46 ? 146 ASN A CA  1 
ATOM   1032 C  C   . ASN A 1 146 ? 7.549   -10.995 -2.571  1.00 20.37 ? 146 ASN A C   1 
ATOM   1033 O  O   . ASN A 1 146 ? 7.213   -12.174 -2.518  1.00 22.12 ? 146 ASN A O   1 
ATOM   1034 C  CB  . ASN A 1 146 ? 9.081   -9.882  -0.933  1.00 22.60 ? 146 ASN A CB  1 
ATOM   1035 C  CG  . ASN A 1 146 ? 9.872   -11.124 -0.553  1.00 25.11 ? 146 ASN A CG  1 
ATOM   1036 O  OD1 . ASN A 1 146 ? 10.206  -11.254 0.645   1.00 25.74 ? 146 ASN A OD1 1 
ATOM   1037 N  ND2 . ASN A 1 146 ? 10.143  -11.922 -1.580  1.00 24.65 ? 146 ASN A ND2 1 
ATOM   1038 N  N   . ASN A 1 147 ? 7.746   -10.423 -3.750  1.00 19.85 ? 147 ASN A N   1 
ATOM   1039 C  CA  . ASN A 1 147 ? 7.692   -11.112 -5.023  1.00 19.70 ? 147 ASN A CA  1 
ATOM   1040 C  C   . ASN A 1 147 ? 6.407   -11.839 -5.289  1.00 18.93 ? 147 ASN A C   1 
ATOM   1041 O  O   . ASN A 1 147 ? 6.303   -12.889 -5.921  1.00 19.71 ? 147 ASN A O   1 
ATOM   1042 C  CB  . ASN A 1 147 ? 8.925   -12.068 -5.153  1.00 20.52 ? 147 ASN A CB  1 
ATOM   1043 C  CG  . ASN A 1 147 ? 10.136  -11.206 -5.431  1.00 21.97 ? 147 ASN A CG  1 
ATOM   1044 O  OD1 . ASN A 1 147 ? 10.383  -10.772 -6.565  1.00 23.59 ? 147 ASN A OD1 1 
ATOM   1045 N  ND2 . ASN A 1 147 ? 10.879  -10.881 -4.375  1.00 23.44 ? 147 ASN A ND2 1 
ATOM   1046 N  N   . CYS A 1 148 ? 5.275   -11.235 -4.850  1.00 16.91 ? 148 CYS A N   1 
ATOM   1047 C  CA  . CYS A 1 148 ? 3.971   -11.795 -5.052  1.00 15.81 ? 148 CYS A CA  1 
ATOM   1048 C  C   . CYS A 1 148 ? 3.246   -11.066 -6.177  1.00 14.93 ? 148 CYS A C   1 
ATOM   1049 O  O   . CYS A 1 148 ? 3.646   -9.986  -6.608  1.00 13.76 ? 148 CYS A O   1 
ATOM   1050 C  CB  . CYS A 1 148 ? 3.162   -11.642 -3.741  1.00 15.90 ? 148 CYS A CB  1 
ATOM   1051 S  SG  . CYS A 1 148 ? 3.622   -12.897 -2.454  1.00 17.33 ? 148 CYS A SG  1 
ATOM   1052 N  N   . VAL A 1 149 ? 2.194   -11.665 -6.651  1.00 13.44 ? 149 VAL A N   1 
ATOM   1053 C  CA  . VAL A 1 149 ? 1.296   -11.117 -7.645  1.00 14.19 ? 149 VAL A CA  1 
ATOM   1054 C  C   . VAL A 1 149 ? -0.139  -11.349 -7.222  1.00 16.54 ? 149 VAL A C   1 
ATOM   1055 O  O   . VAL A 1 149 ? -0.594  -12.482 -7.069  1.00 16.60 ? 149 VAL A O   1 
ATOM   1056 C  CB  . VAL A 1 149 ? 1.515   -11.664 -9.060  1.00 13.40 ? 149 VAL A CB  1 
ATOM   1057 C  CG1 . VAL A 1 149 ? 0.454   -11.152 -10.028 1.00 14.49 ? 149 VAL A CG1 1 
ATOM   1058 C  CG2 . VAL A 1 149 ? 2.896   -11.328 -9.618  1.00 15.23 ? 149 VAL A CG2 1 
ATOM   1059 N  N   . LEU A 1 150 ? -0.927  -10.245 -7.068  1.00 14.29 ? 150 LEU A N   1 
ATOM   1060 C  CA  . LEU A 1 150 ? -2.335  -10.382 -6.857  1.00 13.77 ? 150 LEU A CA  1 
ATOM   1061 C  C   . LEU A 1 150 ? -2.939  -10.017 -8.224  1.00 13.77 ? 150 LEU A C   1 
ATOM   1062 O  O   . LEU A 1 150 ? -2.781  -8.854  -8.663  1.00 14.24 ? 150 LEU A O   1 
ATOM   1063 C  CB  . LEU A 1 150 ? -2.932  -9.519  -5.733  1.00 14.93 ? 150 LEU A CB  1 
ATOM   1064 C  CG  . LEU A 1 150 ? -3.113  -10.243 -4.398  1.00 14.71 ? 150 LEU A CG  1 
ATOM   1065 C  CD1 . LEU A 1 150 ? -1.754  -10.534 -3.801  1.00 13.78 ? 150 LEU A CD1 1 
ATOM   1066 C  CD2 . LEU A 1 150 ? -3.985  -9.463  -3.432  1.00 15.33 ? 150 LEU A CD2 1 
ATOM   1067 N  N   . GLU A 1 151 ? -3.490  -10.959 -8.960  1.00 12.84 ? 151 GLU A N   1 
ATOM   1068 C  CA  . GLU A 1 151 ? -4.083  -10.626 -10.267 1.00 13.92 ? 151 GLU A CA  1 
ATOM   1069 C  C   . GLU A 1 151 ? -5.258  -9.668  -10.093 1.00 12.96 ? 151 GLU A C   1 
ATOM   1070 O  O   . GLU A 1 151 ? -5.764  -9.485  -8.991  1.00 13.20 ? 151 GLU A O   1 
ATOM   1071 C  CB  . GLU A 1 151 ? -4.513  -11.904 -11.006 1.00 14.16 ? 151 GLU A CB  1 
ATOM   1072 C  CG  . GLU A 1 151 ? -3.292  -12.766 -11.321 1.00 14.88 ? 151 GLU A CG  1 
ATOM   1073 C  CD  . GLU A 1 151 ? -3.663  -13.951 -12.220 1.00 16.46 ? 151 GLU A CD  1 
ATOM   1074 O  OE1 . GLU A 1 151 ? -4.777  -13.994 -12.753 1.00 16.44 ? 151 GLU A OE1 1 
ATOM   1075 O  OE2 . GLU A 1 151 ? -2.751  -14.825 -12.345 1.00 17.36 ? 151 GLU A OE2 1 
ATOM   1076 N  N   . PRO A 1 152 ? -5.689  -9.043  -11.158 1.00 13.63 ? 152 PRO A N   1 
ATOM   1077 C  CA  . PRO A 1 152 ? -6.802  -8.108  -11.098 1.00 15.09 ? 152 PRO A CA  1 
ATOM   1078 C  C   . PRO A 1 152 ? -8.009  -8.713  -10.424 1.00 16.05 ? 152 PRO A C   1 
ATOM   1079 O  O   . PRO A 1 152 ? -8.340  -9.903  -10.598 1.00 17.28 ? 152 PRO A O   1 
ATOM   1080 C  CB  . PRO A 1 152 ? -7.133  -7.731  -12.563 1.00 14.74 ? 152 PRO A CB  1 
ATOM   1081 C  CG  . PRO A 1 152 ? -5.768  -7.882  -13.176 1.00 12.26 ? 152 PRO A CG  1 
ATOM   1082 C  CD  . PRO A 1 152 ? -5.116  -9.114  -12.501 1.00 12.23 ? 152 PRO A CD  1 
ATOM   1083 N  N   . ARG A 1 153 ? -8.680  -8.019  -9.516  1.00 13.66 ? 153 ARG A N   1 
ATOM   1084 C  CA  . ARG A 1 153 ? -9.853  -8.463  -8.792  1.00 14.78 ? 153 ARG A CA  1 
ATOM   1085 C  C   . ARG A 1 153 ? -9.625  -9.601  -7.805  1.00 14.77 ? 153 ARG A C   1 
ATOM   1086 O  O   . ARG A 1 153 ? -10.650 -10.137 -7.334  1.00 16.35 ? 153 ARG A O   1 
ATOM   1087 C  CB  A ARG A 1 153 ? -10.922 -9.009  -9.762  0.50 16.16 ? 153 ARG A CB  1 
ATOM   1088 C  CB  B ARG A 1 153 ? -10.920 -8.886  -9.826  0.50 16.22 ? 153 ARG A CB  1 
ATOM   1089 C  CG  A ARG A 1 153 ? -11.781 -7.948  -10.332 0.50 17.00 ? 153 ARG A CG  1 
ATOM   1090 C  CG  B ARG A 1 153 ? -11.768 -7.732  -10.327 0.50 17.90 ? 153 ARG A CG  1 
ATOM   1091 C  CD  A ARG A 1 153 ? -12.868 -7.431  -9.382  0.50 18.10 ? 153 ARG A CD  1 
ATOM   1092 C  CD  B ARG A 1 153 ? -12.878 -7.491  -9.310  0.50 18.85 ? 153 ARG A CD  1 
ATOM   1093 N  NE  A ARG A 1 153 ? -13.646 -6.604  -10.309 0.50 18.59 ? 153 ARG A NE  1 
ATOM   1094 N  NE  B ARG A 1 153 ? -13.613 -8.737  -9.100  0.50 19.54 ? 153 ARG A NE  1 
ATOM   1095 C  CZ  A ARG A 1 153 ? -14.451 -7.111  -11.247 0.50 17.65 ? 153 ARG A CZ  1 
ATOM   1096 C  CZ  B ARG A 1 153 ? -14.591 -9.243  -9.831  0.50 18.54 ? 153 ARG A CZ  1 
ATOM   1097 N  NH1 A ARG A 1 153 ? -14.678 -8.418  -11.375 0.50 16.63 ? 153 ARG A NH1 1 
ATOM   1098 N  NH1 B ARG A 1 153 ? -15.063 -8.654  -10.914 0.50 16.06 ? 153 ARG A NH1 1 
ATOM   1099 N  NH2 A ARG A 1 153 ? -14.999 -6.184  -11.990 0.50 14.70 ? 153 ARG A NH2 1 
ATOM   1100 N  NH2 B ARG A 1 153 ? -15.132 -10.404 -9.470  0.50 17.57 ? 153 ARG A NH2 1 
ATOM   1101 N  N   . SER A 1 154 ? -8.400  -9.917  -7.476  1.00 13.94 ? 154 SER A N   1 
ATOM   1102 C  CA  . SER A 1 154 ? -8.164  -10.933 -6.423  1.00 13.00 ? 154 SER A CA  1 
ATOM   1103 C  C   . SER A 1 154 ? -8.263  -10.216 -5.074  1.00 14.46 ? 154 SER A C   1 
ATOM   1104 O  O   . SER A 1 154 ? -8.234  -8.945  -5.009  1.00 12.87 ? 154 SER A O   1 
ATOM   1105 C  CB  . SER A 1 154 ? -6.830  -11.570 -6.651  1.00 12.82 ? 154 SER A CB  1 
ATOM   1106 O  OG  . SER A 1 154 ? -5.704  -10.701 -6.536  1.00 11.95 ? 154 SER A OG  1 
ATOM   1107 N  N   . ALA A 1 155 ? -8.304  -10.949 -3.966  1.00 14.18 ? 155 ALA A N   1 
ATOM   1108 C  CA  . ALA A 1 155 ? -8.352  -10.320 -2.644  1.00 13.69 ? 155 ALA A CA  1 
ATOM   1109 C  C   . ALA A 1 155 ? -7.687  -11.200 -1.588  1.00 16.15 ? 155 ALA A C   1 
ATOM   1110 O  O   . ALA A 1 155 ? -7.755  -12.437 -1.761  1.00 15.80 ? 155 ALA A O   1 
ATOM   1111 C  CB  . ALA A 1 155 ? -9.797  -10.045 -2.167  1.00 16.54 ? 155 ALA A CB  1 
ATOM   1112 N  N   . ALA A 1 156 ? -7.056  -10.592 -0.641  1.00 14.29 ? 156 ALA A N   1 
ATOM   1113 C  CA  . ALA A 1 156 ? -6.460  -11.295 0.515   1.00 13.23 ? 156 ALA A CA  1 
ATOM   1114 C  C   . ALA A 1 156 ? -7.029  -10.685 1.779   1.00 14.70 ? 156 ALA A C   1 
ATOM   1115 O  O   . ALA A 1 156 ? -6.839  -9.479  2.061   1.00 13.37 ? 156 ALA A O   1 
ATOM   1116 C  CB  . ALA A 1 156 ? -4.966  -11.223 0.521   1.00 13.07 ? 156 ALA A CB  1 
ATOM   1117 N  N   . ILE A 1 157 ? -7.820  -11.414 2.564   1.00 14.95 ? 157 ILE A N   1 
ATOM   1118 C  CA  . ILE A 1 157 ? -8.435  -10.882 3.771   1.00 14.44 ? 157 ILE A CA  1 
ATOM   1119 C  C   . ILE A 1 157 ? -8.178  -11.833 4.954   1.00 16.60 ? 157 ILE A C   1 
ATOM   1120 O  O   . ILE A 1 157 ? -8.576  -12.983 4.853   1.00 17.00 ? 157 ILE A O   1 
ATOM   1121 C  CB  . ILE A 1 157 ? -9.961  -10.800 3.616   1.00 14.18 ? 157 ILE A CB  1 
ATOM   1122 C  CG1 . ILE A 1 157 ? -10.405 -9.946  2.428   1.00 14.65 ? 157 ILE A CG1 1 
ATOM   1123 C  CG2 . ILE A 1 157 ? -10.627 -10.291 4.908   1.00 13.99 ? 157 ILE A CG2 1 
ATOM   1124 C  CD1 . ILE A 1 157 ? -11.863 -9.945  2.057   1.00 14.19 ? 157 ILE A CD1 1 
ATOM   1125 N  N   . GLY A 1 158 ? -7.577  -11.313 5.996   1.00 17.07 ? 158 GLY A N   1 
ATOM   1126 C  CA  . GLY A 1 158 ? -7.307  -12.092 7.219   1.00 19.37 ? 158 GLY A CA  1 
ATOM   1127 C  C   . GLY A 1 158 ? -6.228  -13.130 7.070   1.00 20.47 ? 158 GLY A C   1 
ATOM   1128 O  O   . GLY A 1 158 ? -6.160  -14.055 7.917   1.00 19.90 ? 158 GLY A O   1 
ATOM   1129 N  N   . VAL A 1 159 ? -5.351  -13.051 6.063   1.00 18.84 ? 159 VAL A N   1 
ATOM   1130 C  CA  . VAL A 1 159 ? -4.347  -14.095 5.820   1.00 19.03 ? 159 VAL A CA  1 
ATOM   1131 C  C   . VAL A 1 159 ? -2.930  -13.600 5.596   1.00 20.41 ? 159 VAL A C   1 
ATOM   1132 O  O   . VAL A 1 159 ? -2.618  -12.426 5.404   1.00 19.16 ? 159 VAL A O   1 
ATOM   1133 C  CB  . VAL A 1 159 ? -4.786  -14.802 4.512   1.00 16.13 ? 159 VAL A CB  1 
ATOM   1134 C  CG1 . VAL A 1 159 ? -6.086  -15.548 4.657   1.00 17.29 ? 159 VAL A CG1 1 
ATOM   1135 C  CG2 . VAL A 1 159 ? -4.890  -13.782 3.355   1.00 18.36 ? 159 VAL A CG2 1 
ATOM   1136 N  N   . THR A 1 160 ? -1.966  -14.531 5.567   1.00 20.50 ? 160 THR A N   1 
ATOM   1137 C  CA  . THR A 1 160 ? -0.592  -14.261 5.202   1.00 21.68 ? 160 THR A CA  1 
ATOM   1138 C  C   . THR A 1 160 ? -0.292  -14.947 3.869   1.00 23.14 ? 160 THR A C   1 
ATOM   1139 O  O   . THR A 1 160 ? -0.528  -16.156 3.699   1.00 25.31 ? 160 THR A O   1 
ATOM   1140 C  CB  . THR A 1 160 ? 0.397   -14.737 6.265   1.00 23.52 ? 160 THR A CB  1 
ATOM   1141 O  OG1 . THR A 1 160 ? 0.147   -13.990 7.449   1.00 25.99 ? 160 THR A OG1 1 
ATOM   1142 C  CG2 . THR A 1 160 ? 1.838   -14.540 5.818   1.00 25.39 ? 160 THR A CG2 1 
ATOM   1143 N  N   . ILE A 1 161 ? 0.082   -14.186 2.845   1.00 23.06 ? 161 ILE A N   1 
ATOM   1144 C  CA  . ILE A 1 161 ? 0.386   -14.785 1.537   1.00 22.30 ? 161 ILE A CA  1 
ATOM   1145 C  C   . ILE A 1 161 ? 1.897   -14.974 1.498   1.00 22.44 ? 161 ILE A C   1 
ATOM   1146 O  O   . ILE A 1 161 ? 2.644   -14.045 1.706   1.00 21.87 ? 161 ILE A O   1 
ATOM   1147 C  CB  . ILE A 1 161 ? -0.008  -13.853 0.369   1.00 22.27 ? 161 ILE A CB  1 
ATOM   1148 C  CG1 . ILE A 1 161 ? -1.447  -13.374 0.476   1.00 20.22 ? 161 ILE A CG1 1 
ATOM   1149 C  CG2 . ILE A 1 161 ? 0.305   -14.515 -0.962  1.00 20.94 ? 161 ILE A CG2 1 
ATOM   1150 C  CD1 . ILE A 1 161 ? -2.565  -14.383 0.496   1.00 19.40 ? 161 ILE A CD1 1 
ATOM   1151 N  N   . PRO A 1 162 ? 2.370   -16.217 1.386   1.00 22.40 ? 162 PRO A N   1 
ATOM   1152 C  CA  . PRO A 1 162 ? 3.777   -16.504 1.406   1.00 22.46 ? 162 PRO A CA  1 
ATOM   1153 C  C   . PRO A 1 162 ? 4.498   -15.842 0.234   1.00 21.49 ? 162 PRO A C   1 
ATOM   1154 O  O   . PRO A 1 162 ? 3.952   -15.627 -0.836  1.00 21.92 ? 162 PRO A O   1 
ATOM   1155 C  CB  . PRO A 1 162 ? 3.892   -18.045 1.284   1.00 21.53 ? 162 PRO A CB  1 
ATOM   1156 C  CG  . PRO A 1 162 ? 2.505   -18.500 1.647   1.00 23.02 ? 162 PRO A CG  1 
ATOM   1157 C  CD  . PRO A 1 162 ? 1.522   -17.402 1.222   1.00 22.52 ? 162 PRO A CD  1 
ATOM   1158 N  N   . ASP A 1 163 ? 5.784   -15.587 0.415   1.00 23.47 ? 163 ASP A N   1 
ATOM   1159 C  CA  . ASP A 1 163 ? 6.622   -14.979 -0.602  1.00 23.77 ? 163 ASP A CA  1 
ATOM   1160 C  C   . ASP A 1 163 ? 6.542   -15.741 -1.914  1.00 23.32 ? 163 ASP A C   1 
ATOM   1161 O  O   . ASP A 1 163 ? 6.516   -16.987 -1.954  1.00 23.81 ? 163 ASP A O   1 
ATOM   1162 C  CB  . ASP A 1 163 ? 8.085   -14.951 -0.144  1.00 26.76 ? 163 ASP A CB  1 
ATOM   1163 C  CG  . ASP A 1 163 ? 8.347   -14.102 1.071   1.00 28.46 ? 163 ASP A CG  1 
ATOM   1164 O  OD1 . ASP A 1 163 ? 9.418   -14.297 1.698   1.00 28.42 ? 163 ASP A OD1 1 
ATOM   1165 O  OD2 . ASP A 1 163 ? 7.526   -13.250 1.470   1.00 29.05 ? 163 ASP A OD2 1 
ATOM   1166 N  N   . GLY A 1 164 ? 6.599   -15.049 -3.047  1.00 21.66 ? 164 GLY A N   1 
ATOM   1167 C  CA  . GLY A 1 164 ? 6.573   -15.645 -4.348  1.00 20.27 ? 164 GLY A CA  1 
ATOM   1168 C  C   . GLY A 1 164 ? 5.344   -16.400 -4.788  1.00 21.27 ? 164 GLY A C   1 
ATOM   1169 O  O   . GLY A 1 164 ? 5.444   -17.268 -5.667  1.00 23.19 ? 164 GLY A O   1 
ATOM   1170 N  N   . ARG A 1 165 ? 4.162   -16.109 -4.230  1.00 20.33 ? 165 ARG A N   1 
ATOM   1171 C  CA  . ARG A 1 165 ? 2.938   -16.763 -4.668  1.00 20.28 ? 165 ARG A CA  1 
ATOM   1172 C  C   . ARG A 1 165 ? 2.066   -15.767 -5.458  1.00 20.49 ? 165 ARG A C   1 
ATOM   1173 O  O   . ARG A 1 165 ? 2.331   -14.568 -5.288  1.00 18.52 ? 165 ARG A O   1 
ATOM   1174 C  CB  . ARG A 1 165 ? 2.079   -17.262 -3.498  1.00 21.87 ? 165 ARG A CB  1 
ATOM   1175 C  CG  . ARG A 1 165 ? 2.780   -18.243 -2.559  1.00 25.32 ? 165 ARG A CG  1 
ATOM   1176 C  CD  . ARG A 1 165 ? 3.175   -19.560 -3.212  1.00 26.55 ? 165 ARG A CD  1 
ATOM   1177 N  NE  . ARG A 1 165 ? 3.876   -20.333 -2.166  1.00 27.94 ? 165 ARG A NE  1 
ATOM   1178 C  CZ  . ARG A 1 165 ? 3.275   -21.287 -1.450  1.00 28.57 ? 165 ARG A CZ  1 
ATOM   1179 N  NH1 . ARG A 1 165 ? 2.020   -21.636 -1.659  1.00 27.90 ? 165 ARG A NH1 1 
ATOM   1180 N  NH2 . ARG A 1 165 ? 4.015   -21.874 -0.521  1.00 30.26 ? 165 ARG A NH2 1 
ATOM   1181 N  N   . TYR A 1 166 ? 1.105   -16.282 -6.204  1.00 19.03 ? 166 TYR A N   1 
ATOM   1182 C  CA  . TYR A 1 166 ? 0.154   -15.386 -6.866  1.00 19.04 ? 166 TYR A CA  1 
ATOM   1183 C  C   . TYR A 1 166 ? -1.261  -15.813 -6.535  1.00 18.52 ? 166 TYR A C   1 
ATOM   1184 O  O   . TYR A 1 166 ? -1.602  -16.949 -6.133  1.00 16.00 ? 166 TYR A O   1 
ATOM   1185 C  CB  . TYR A 1 166 ? 0.399   -15.300 -8.354  1.00 19.50 ? 166 TYR A CB  1 
ATOM   1186 C  CG  . TYR A 1 166 ? 0.055   -16.499 -9.212  1.00 19.51 ? 166 TYR A CG  1 
ATOM   1187 C  CD1 . TYR A 1 166 ? -1.207  -16.650 -9.754  1.00 19.15 ? 166 TYR A CD1 1 
ATOM   1188 C  CD2 . TYR A 1 166 ? 1.028   -17.446 -9.505  1.00 21.04 ? 166 TYR A CD2 1 
ATOM   1189 C  CE1 . TYR A 1 166 ? -1.522  -17.711 -10.583 1.00 20.81 ? 166 TYR A CE1 1 
ATOM   1190 C  CE2 . TYR A 1 166 ? 0.727   -18.507 -10.350 1.00 22.10 ? 166 TYR A CE2 1 
ATOM   1191 C  CZ  . TYR A 1 166 ? -0.520  -18.648 -10.856 1.00 21.25 ? 166 TYR A CZ  1 
ATOM   1192 O  OH  . TYR A 1 166 ? -0.853  -19.701 -11.668 1.00 22.51 ? 166 TYR A OH  1 
ATOM   1193 N  N   . ILE A 1 167 ? -2.193  -14.849 -6.650  1.00 15.72 ? 167 ILE A N   1 
ATOM   1194 C  CA  . ILE A 1 167 ? -3.606  -15.076 -6.465  1.00 15.73 ? 167 ILE A CA  1 
ATOM   1195 C  C   . ILE A 1 167 ? -4.301  -14.861 -7.782  1.00 15.51 ? 167 ILE A C   1 
ATOM   1196 O  O   . ILE A 1 167 ? -4.384  -13.763 -8.389  1.00 15.36 ? 167 ILE A O   1 
ATOM   1197 C  CB  . ILE A 1 167 ? -4.273  -14.154 -5.414  1.00 14.14 ? 167 ILE A CB  1 
ATOM   1198 C  CG1 . ILE A 1 167 ? -3.517  -14.145 -4.076  1.00 14.98 ? 167 ILE A CG1 1 
ATOM   1199 C  CG2 . ILE A 1 167 ? -5.740  -14.588 -5.228  1.00 16.44 ? 167 ILE A CG2 1 
ATOM   1200 C  CD1 . ILE A 1 167 ? -4.240  -13.401 -2.941  1.00 14.35 ? 167 ILE A CD1 1 
ATOM   1201 N  N   . PRO A 1 168 ? -4.862  -15.901 -8.385  1.00 15.73 ? 168 PRO A N   1 
ATOM   1202 C  CA  . PRO A 1 168 ? -5.586  -15.841 -9.632  1.00 16.46 ? 168 PRO A CA  1 
ATOM   1203 C  C   . PRO A 1 168 ? -6.670  -14.770 -9.689  1.00 14.98 ? 168 PRO A C   1 
ATOM   1204 O  O   . PRO A 1 168 ? -7.357  -14.499 -8.703  1.00 15.15 ? 168 PRO A O   1 
ATOM   1205 C  CB  . PRO A 1 168 ? -6.215  -17.265 -9.801  1.00 18.51 ? 168 PRO A CB  1 
ATOM   1206 C  CG  . PRO A 1 168 ? -5.306  -18.075 -8.945  1.00 16.99 ? 168 PRO A CG  1 
ATOM   1207 C  CD  . PRO A 1 168 ? -4.766  -17.276 -7.782  1.00 15.72 ? 168 PRO A CD  1 
ATOM   1208 N  N   . ALA A 1 169 ? -6.894  -14.113 -10.842 1.00 14.59 ? 169 ALA A N   1 
ATOM   1209 C  CA  . ALA A 1 169 ? -7.912  -13.096 -11.008 1.00 16.52 ? 169 ALA A CA  1 
ATOM   1210 C  C   . ALA A 1 169 ? -9.258  -13.493 -10.433 1.00 15.83 ? 169 ALA A C   1 
ATOM   1211 O  O   . ALA A 1 169 ? -9.759  -14.628 -10.637 1.00 15.91 ? 169 ALA A O   1 
ATOM   1212 C  CB  . ALA A 1 169 ? -8.120  -12.789 -12.493 1.00 16.45 ? 169 ALA A CB  1 
ATOM   1213 N  N   . GLY A 1 170 ? -9.864  -12.611 -9.641  1.00 15.78 ? 170 GLY A N   1 
ATOM   1214 C  CA  . GLY A 1 170 ? -11.191 -12.831 -9.078  1.00 15.31 ? 170 GLY A CA  1 
ATOM   1215 C  C   . GLY A 1 170 ? -11.234 -13.652 -7.825  1.00 15.75 ? 170 GLY A C   1 
ATOM   1216 O  O   . GLY A 1 170 ? -12.293 -13.641 -7.136  1.00 19.21 ? 170 GLY A O   1 
ATOM   1217 N  N   . MET A 1 171 ? -10.159 -14.320 -7.426  1.00 15.80 ? 171 MET A N   1 
ATOM   1218 C  CA  . MET A 1 171 ? -10.189 -15.159 -6.239  1.00 17.12 ? 171 MET A CA  1 
ATOM   1219 C  C   . MET A 1 171 ? -10.103 -14.390 -4.925  1.00 18.54 ? 171 MET A C   1 
ATOM   1220 O  O   . MET A 1 171 ? -9.210  -13.546 -4.744  1.00 16.16 ? 171 MET A O   1 
ATOM   1221 C  CB  . MET A 1 171 ? -9.055  -16.197 -6.348  1.00 19.76 ? 171 MET A CB  1 
ATOM   1222 C  CG  . MET A 1 171 ? -9.148  -17.238 -5.226  1.00 21.70 ? 171 MET A CG  1 
ATOM   1223 S  SD  . MET A 1 171 ? -7.675  -18.313 -5.266  1.00 24.55 ? 171 MET A SD  1 
ATOM   1224 C  CE  . MET A 1 171 ? -8.045  -19.066 -6.857  1.00 23.92 ? 171 MET A CE  1 
ATOM   1225 N  N   . VAL A 1 172 ? -11.034 -14.686 -4.042  1.00 16.90 ? 172 VAL A N   1 
ATOM   1226 C  CA  . VAL A 1 172 ? -11.057 -14.010 -2.709  1.00 17.72 ? 172 VAL A CA  1 
ATOM   1227 C  C   . VAL A 1 172 ? -10.536 -14.961 -1.659  1.00 19.66 ? 172 VAL A C   1 
ATOM   1228 O  O   . VAL A 1 172 ? -11.183 -15.973 -1.322  1.00 21.80 ? 172 VAL A O   1 
ATOM   1229 C  CB  . VAL A 1 172 ? -12.482 -13.539 -2.405  1.00 18.76 ? 172 VAL A CB  1 
ATOM   1230 C  CG1 . VAL A 1 172 ? -12.530 -12.909 -1.025  1.00 18.62 ? 172 VAL A CG1 1 
ATOM   1231 C  CG2 . VAL A 1 172 ? -12.973 -12.532 -3.444  1.00 20.11 ? 172 VAL A CG2 1 
ATOM   1232 N  N   . VAL A 1 173 ? -9.340  -14.740 -1.162  1.00 19.18 ? 173 VAL A N   1 
ATOM   1233 C  CA  . VAL A 1 173 ? -8.682  -15.610 -0.204  1.00 17.29 ? 173 VAL A CA  1 
ATOM   1234 C  C   . VAL A 1 173 ? -8.953  -15.092 1.203   1.00 18.45 ? 173 VAL A C   1 
ATOM   1235 O  O   . VAL A 1 173 ? -8.550  -14.009 1.590   1.00 17.91 ? 173 VAL A O   1 
ATOM   1236 C  CB  . VAL A 1 173 ? -7.184  -15.722 -0.463  1.00 18.12 ? 173 VAL A CB  1 
ATOM   1237 C  CG1 . VAL A 1 173 ? -6.489  -16.607 0.581   1.00 19.13 ? 173 VAL A CG1 1 
ATOM   1238 C  CG2 . VAL A 1 173 ? -6.988  -16.229 -1.887  1.00 18.94 ? 173 VAL A CG2 1 
ATOM   1239 N  N   . THR A 1 174 ? -9.678  -15.896 1.971   1.00 18.73 ? 174 THR A N   1 
ATOM   1240 C  CA  . THR A 1 174 ? -10.069 -15.546 3.325   1.00 18.53 ? 174 THR A CA  1 
ATOM   1241 C  C   . THR A 1 174 ? -9.577  -16.528 4.393   1.00 22.16 ? 174 THR A C   1 
ATOM   1242 O  O   . THR A 1 174 ? -9.832  -16.287 5.569   1.00 21.00 ? 174 THR A O   1 
ATOM   1243 C  CB  . THR A 1 174 ? -11.599 -15.484 3.493   1.00 18.84 ? 174 THR A CB  1 
ATOM   1244 O  OG1 . THR A 1 174 ? -12.207 -16.717 3.098   1.00 21.22 ? 174 THR A OG1 1 
ATOM   1245 C  CG2 . THR A 1 174 ? -12.180 -14.368 2.633   1.00 19.29 ? 174 THR A CG2 1 
ATOM   1246 N  N   . SER A 1 175 ? -8.972  -17.641 3.979   1.00 24.78 ? 175 SER A N   1 
ATOM   1247 C  CA  . SER A 1 175 ? -8.479  -18.568 5.019   1.00 25.62 ? 175 SER A CA  1 
ATOM   1248 C  C   . SER A 1 175 ? -7.023  -18.896 4.804   1.00 26.47 ? 175 SER A C   1 
ATOM   1249 O  O   . SER A 1 175 ? -6.523  -18.968 3.667   1.00 24.88 ? 175 SER A O   1 
ATOM   1250 C  CB  . SER A 1 175 ? -9.320  -19.845 5.047   1.00 28.72 ? 175 SER A CB  1 
ATOM   1251 O  OG  . SER A 1 175 ? -8.786  -20.753 4.091   1.00 27.54 ? 175 SER A OG  1 
ATOM   1252 N  N   . GLN A 1 176 ? -6.303  -19.121 5.901   1.00 25.52 ? 176 GLN A N   1 
ATOM   1253 C  CA  . GLN A 1 176 ? -4.891  -19.426 5.869   1.00 24.78 ? 176 GLN A CA  1 
ATOM   1254 C  C   . GLN A 1 176 ? -4.614  -20.741 5.154   1.00 26.58 ? 176 GLN A C   1 
ATOM   1255 O  O   . GLN A 1 176 ? -3.549  -20.852 4.550   1.00 25.47 ? 176 GLN A O   1 
ATOM   1256 C  CB  . GLN A 1 176 ? -4.231  -19.413 7.251   1.00 25.48 ? 176 GLN A CB  1 
ATOM   1257 C  CG  . GLN A 1 176 ? -2.708  -19.366 7.211   1.00 25.20 ? 176 GLN A CG  1 
ATOM   1258 C  CD  . GLN A 1 176 ? -2.199  -18.122 6.472   1.00 26.34 ? 176 GLN A CD  1 
ATOM   1259 O  OE1 . GLN A 1 176 ? -2.747  -17.050 6.744   1.00 27.71 ? 176 GLN A OE1 1 
ATOM   1260 N  NE2 . GLN A 1 176 ? -1.227  -18.258 5.585   1.00 25.42 ? 176 GLN A NE2 1 
ATOM   1261 N  N   . ALA A 1 177 ? -5.563  -21.679 5.191   1.00 24.64 ? 177 ALA A N   1 
ATOM   1262 C  CA  . ALA A 1 177 ? -5.356  -22.933 4.468   1.00 26.44 ? 177 ALA A CA  1 
ATOM   1263 C  C   . ALA A 1 177 ? -5.280  -22.668 2.966   1.00 25.81 ? 177 ALA A C   1 
ATOM   1264 O  O   . ALA A 1 177 ? -4.412  -23.198 2.288   1.00 25.63 ? 177 ALA A O   1 
ATOM   1265 C  CB  . ALA A 1 177 ? -6.499  -23.899 4.759   1.00 24.58 ? 177 ALA A CB  1 
ATOM   1266 N  N   . GLU A 1 178 ? -6.189  -21.799 2.496   1.00 24.54 ? 178 GLU A N   1 
ATOM   1267 C  CA  . GLU A 1 178 ? -6.196  -21.432 1.078   1.00 24.79 ? 178 GLU A CA  1 
ATOM   1268 C  C   . GLU A 1 178 ? -4.932  -20.634 0.736   1.00 22.85 ? 178 GLU A C   1 
ATOM   1269 O  O   . GLU A 1 178 ? -4.348  -20.916 -0.301  1.00 23.47 ? 178 GLU A O   1 
ATOM   1270 C  CB  . GLU A 1 178 ? -7.397  -20.570 0.741   1.00 26.34 ? 178 GLU A CB  1 
ATOM   1271 C  CG  . GLU A 1 178 ? -8.791  -21.078 0.904   1.00 28.15 ? 178 GLU A CG  1 
ATOM   1272 C  CD  . GLU A 1 178 ? -9.889  -20.025 0.969   1.00 29.69 ? 178 GLU A CD  1 
ATOM   1273 O  OE1 . GLU A 1 178 ? -11.075 -20.447 0.964   1.00 31.03 ? 178 GLU A OE1 1 
ATOM   1274 O  OE2 . GLU A 1 178 ? -9.641  -18.802 1.050   1.00 28.11 ? 178 GLU A OE2 1 
ATOM   1275 N  N   . ALA A 1 179 ? -4.496  -19.684 1.543   1.00 21.97 ? 179 ALA A N   1 
ATOM   1276 C  CA  . ALA A 1 179 ? -3.301  -18.902 1.176   1.00 22.71 ? 179 ALA A CA  1 
ATOM   1277 C  C   . ALA A 1 179 ? -2.047  -19.773 1.140   1.00 24.79 ? 179 ALA A C   1 
ATOM   1278 O  O   . ALA A 1 179 ? -1.124  -19.566 0.363   1.00 23.48 ? 179 ALA A O   1 
ATOM   1279 C  CB  . ALA A 1 179 ? -3.107  -17.703 2.074   1.00 23.12 ? 179 ALA A CB  1 
ATOM   1280 N  N   . ASP A 1 180 ? -2.014  -20.794 1.995   1.00 26.47 ? 180 ASP A N   1 
ATOM   1281 C  CA  . ASP A 1 180 ? -0.900  -21.733 2.046   1.00 27.87 ? 180 ASP A CA  1 
ATOM   1282 C  C   . ASP A 1 180 ? -0.758  -22.559 0.780   1.00 26.10 ? 180 ASP A C   1 
ATOM   1283 O  O   . ASP A 1 180 ? 0.350   -22.987 0.439   1.00 26.00 ? 180 ASP A O   1 
ATOM   1284 C  CB  . ASP A 1 180 ? -1.109  -22.678 3.230   1.00 29.44 ? 180 ASP A CB  1 
ATOM   1285 C  CG  . ASP A 1 180 ? -0.648  -22.142 4.552   1.00 31.84 ? 180 ASP A CG  1 
ATOM   1286 O  OD1 . ASP A 1 180 ? -0.052  -21.055 4.649   1.00 32.23 ? 180 ASP A OD1 1 
ATOM   1287 O  OD2 . ASP A 1 180 ? -0.880  -22.856 5.560   1.00 34.17 ? 180 ASP A OD2 1 
ATOM   1288 N  N   . LYS A 1 181 ? -1.835  -22.764 0.034   1.00 24.10 ? 181 LYS A N   1 
ATOM   1289 C  CA  . LYS A 1 181 ? -1.840  -23.510 -1.197  1.00 24.89 ? 181 LYS A CA  1 
ATOM   1290 C  C   . LYS A 1 181 ? -1.876  -22.699 -2.480  1.00 23.17 ? 181 LYS A C   1 
ATOM   1291 O  O   . LYS A 1 181 ? -2.141  -23.212 -3.572  1.00 24.28 ? 181 LYS A O   1 
ATOM   1292 C  CB  . LYS A 1 181 ? -3.072  -24.448 -1.173  1.00 26.10 ? 181 LYS A CB  1 
ATOM   1293 C  CG  . LYS A 1 181 ? -2.719  -25.682 -0.326  1.00 28.93 ? 181 LYS A CG  1 
ATOM   1294 C  CD  . LYS A 1 181 ? -3.853  -26.693 -0.317  1.00 31.16 ? 181 LYS A CD  1 
ATOM   1295 C  CE  . LYS A 1 181 ? -3.362  -28.054 0.210   1.00 31.48 ? 181 LYS A CE  1 
ATOM   1296 N  NZ  . LYS A 1 181 ? -2.754  -27.859 1.554   1.00 33.56 ? 181 LYS A NZ  1 
ATOM   1297 N  N   . LEU A 1 182 ? -1.601  -21.384 -2.328  1.00 21.47 ? 182 LEU A N   1 
ATOM   1298 C  CA  . LEU A 1 182 ? -1.621  -20.567 -3.555  1.00 21.68 ? 182 LEU A CA  1 
ATOM   1299 C  C   . LEU A 1 182 ? -0.482  -21.047 -4.440  1.00 20.52 ? 182 LEU A C   1 
ATOM   1300 O  O   . LEU A 1 182 ? 0.568   -21.465 -3.931  1.00 22.05 ? 182 LEU A O   1 
ATOM   1301 C  CB  . LEU A 1 182 ? -1.470  -19.089 -3.178  1.00 20.82 ? 182 LEU A CB  1 
ATOM   1302 C  CG  . LEU A 1 182 ? -2.756  -18.464 -2.582  1.00 18.18 ? 182 LEU A CG  1 
ATOM   1303 C  CD1 . LEU A 1 182 ? -2.400  -17.127 -1.928  1.00 17.61 ? 182 LEU A CD1 1 
ATOM   1304 C  CD2 . LEU A 1 182 ? -3.805  -18.374 -3.663  1.00 18.34 ? 182 LEU A CD2 1 
ATOM   1305 N  N   . PRO A 1 183 ? -0.630  -20.897 -5.722  1.00 19.76 ? 183 PRO A N   1 
ATOM   1306 C  CA  . PRO A 1 183 ? 0.398   -21.231 -6.700  1.00 20.30 ? 183 PRO A CA  1 
ATOM   1307 C  C   . PRO A 1 183 ? 1.606   -20.314 -6.622  1.00 23.05 ? 183 PRO A C   1 
ATOM   1308 O  O   . PRO A 1 183 ? 1.561   -19.180 -6.139  1.00 23.18 ? 183 PRO A O   1 
ATOM   1309 C  CB  . PRO A 1 183 ? -0.295  -21.200 -8.064  1.00 19.81 ? 183 PRO A CB  1 
ATOM   1310 C  CG  . PRO A 1 183 ? -1.342  -20.105 -7.800  1.00 19.54 ? 183 PRO A CG  1 
ATOM   1311 C  CD  . PRO A 1 183 ? -1.811  -20.349 -6.377  1.00 18.28 ? 183 PRO A CD  1 
ATOM   1312 N  N   . GLU A 1 184 ? 2.762   -20.785 -7.119  1.00 24.59 ? 184 GLU A N   1 
ATOM   1313 C  CA  . GLU A 1 184 ? 3.978   -20.001 -7.095  1.00 23.79 ? 184 GLU A CA  1 
ATOM   1314 C  C   . GLU A 1 184 ? 4.261   -19.239 -8.378  1.00 23.38 ? 184 GLU A C   1 
ATOM   1315 O  O   . GLU A 1 184 ? 3.901   -19.702 -9.454  1.00 22.81 ? 184 GLU A O   1 
ATOM   1316 C  CB  . GLU A 1 184 ? 5.200   -20.915 -6.793  1.00 26.01 ? 184 GLU A CB  1 
ATOM   1317 C  CG  . GLU A 1 184 ? 5.223   -21.146 -5.282  1.00 28.00 ? 184 GLU A CG  1 
ATOM   1318 C  CD  . GLU A 1 184 ? 6.383   -22.001 -4.816  1.00 30.33 ? 184 GLU A CD  1 
ATOM   1319 O  OE1 . GLU A 1 184 ? 7.268   -22.297 -5.658  1.00 30.47 ? 184 GLU A OE1 1 
ATOM   1320 O  OE2 . GLU A 1 184 ? 6.375   -22.374 -3.615  1.00 31.30 ? 184 GLU A OE2 1 
ATOM   1321 N  N   . VAL A 1 185 ? 4.935   -18.091 -8.240  1.00 22.18 ? 185 VAL A N   1 
ATOM   1322 C  CA  . VAL A 1 185 ? 5.335   -17.376 -9.444  1.00 22.75 ? 185 VAL A CA  1 
ATOM   1323 C  C   . VAL A 1 185 ? 6.493   -18.125 -10.099 1.00 24.30 ? 185 VAL A C   1 
ATOM   1324 O  O   . VAL A 1 185 ? 7.391   -18.524 -9.359  1.00 24.55 ? 185 VAL A O   1 
ATOM   1325 C  CB  . VAL A 1 185 ? 5.773   -15.950 -9.080  1.00 25.42 ? 185 VAL A CB  1 
ATOM   1326 C  CG1 . VAL A 1 185 ? 6.421   -15.226 -10.248 1.00 24.59 ? 185 VAL A CG1 1 
ATOM   1327 C  CG2 . VAL A 1 185 ? 4.512   -15.177 -8.667  1.00 24.18 ? 185 VAL A CG2 1 
ATOM   1328 N  N   . THR A 1 186 ? 6.426   -18.398 -11.383 1.00 23.79 ? 186 THR A N   1 
ATOM   1329 C  CA  . THR A 1 186 ? 7.574   -19.029 -12.058 1.00 27.33 ? 186 THR A CA  1 
ATOM   1330 C  C   . THR A 1 186 ? 7.869   -18.160 -13.269 1.00 28.22 ? 186 THR A C   1 
ATOM   1331 O  O   . THR A 1 186 ? 7.000   -17.336 -13.598 1.00 26.15 ? 186 THR A O   1 
ATOM   1332 C  CB  . THR A 1 186 ? 7.314   -20.471 -12.524 1.00 27.65 ? 186 THR A CB  1 
ATOM   1333 O  OG1 . THR A 1 186 ? 6.122   -20.515 -13.306 1.00 30.31 ? 186 THR A OG1 1 
ATOM   1334 C  CG2 . THR A 1 186 ? 7.226   -21.394 -11.313 1.00 29.53 ? 186 THR A CG2 1 
ATOM   1335 N  N   . ASP A 1 187 ? 8.980   -18.356 -13.972 1.00 29.36 ? 187 ASP A N   1 
ATOM   1336 C  CA  . ASP A 1 187 ? 9.251   -17.541 -15.150 1.00 30.45 ? 187 ASP A CA  1 
ATOM   1337 C  C   . ASP A 1 187 ? 8.192   -17.580 -16.229 1.00 29.44 ? 187 ASP A C   1 
ATOM   1338 O  O   . ASP A 1 187 ? 7.903   -16.528 -16.838 1.00 27.73 ? 187 ASP A O   1 
ATOM   1339 C  CB  . ASP A 1 187 ? 10.630  -17.920 -15.738 1.00 33.07 ? 187 ASP A CB  1 
ATOM   1340 C  CG  . ASP A 1 187 ? 10.997  -16.974 -16.877 1.00 35.63 ? 187 ASP A CG  1 
ATOM   1341 O  OD1 . ASP A 1 187 ? 11.140  -17.448 -18.018 1.00 37.77 ? 187 ASP A OD1 1 
ATOM   1342 O  OD2 . ASP A 1 187 ? 11.124  -15.761 -16.636 1.00 36.53 ? 187 ASP A OD2 1 
ATOM   1343 N  N   . ASP A 1 188 ? 7.539   -18.709 -16.494 1.00 27.65 ? 188 ASP A N   1 
ATOM   1344 C  CA  . ASP A 1 188 ? 6.521   -18.807 -17.519 1.00 28.76 ? 188 ASP A CA  1 
ATOM   1345 C  C   . ASP A 1 188 ? 5.143   -18.305 -17.075 1.00 26.91 ? 188 ASP A C   1 
ATOM   1346 O  O   . ASP A 1 188 ? 4.235   -18.180 -17.919 1.00 26.46 ? 188 ASP A O   1 
ATOM   1347 C  CB  . ASP A 1 188 ? 6.416   -20.255 -18.018 1.00 33.54 ? 188 ASP A CB  1 
ATOM   1348 C  CG  . ASP A 1 188 ? 5.952   -21.214 -16.942 1.00 37.14 ? 188 ASP A CG  1 
ATOM   1349 O  OD1 . ASP A 1 188 ? 6.548   -21.231 -15.846 1.00 39.97 ? 188 ASP A OD1 1 
ATOM   1350 O  OD2 . ASP A 1 188 ? 4.987   -21.977 -17.169 1.00 40.00 ? 188 ASP A OD2 1 
ATOM   1351 N  N   . TYR A 1 189 ? 5.012   -17.986 -15.779 1.00 23.23 ? 189 TYR A N   1 
ATOM   1352 C  CA  . TYR A 1 189 ? 3.698   -17.447 -15.323 1.00 21.04 ? 189 TYR A CA  1 
ATOM   1353 C  C   . TYR A 1 189 ? 3.441   -16.114 -16.035 1.00 21.32 ? 189 TYR A C   1 
ATOM   1354 O  O   . TYR A 1 189 ? 4.373   -15.304 -16.194 1.00 21.09 ? 189 TYR A O   1 
ATOM   1355 C  CB  . TYR A 1 189 ? 3.755   -17.306 -13.824 1.00 20.29 ? 189 TYR A CB  1 
ATOM   1356 C  CG  . TYR A 1 189 ? 2.633   -16.477 -13.209 1.00 17.02 ? 189 TYR A CG  1 
ATOM   1357 C  CD1 . TYR A 1 189 ? 1.307   -16.771 -13.451 1.00 18.04 ? 189 TYR A CD1 1 
ATOM   1358 C  CD2 . TYR A 1 189 ? 2.995   -15.417 -12.386 1.00 17.79 ? 189 TYR A CD2 1 
ATOM   1359 C  CE1 . TYR A 1 189 ? 0.324   -15.988 -12.837 1.00 18.42 ? 189 TYR A CE1 1 
ATOM   1360 C  CE2 . TYR A 1 189 ? 2.006   -14.642 -11.791 1.00 16.63 ? 189 TYR A CE2 1 
ATOM   1361 C  CZ  . TYR A 1 189 ? 0.710   -14.914 -12.048 1.00 16.68 ? 189 TYR A CZ  1 
ATOM   1362 O  OH  . TYR A 1 189 ? -0.285  -14.166 -11.418 1.00 18.23 ? 189 TYR A OH  1 
ATOM   1363 N  N   . ALA A 1 190 ? 2.222   -15.858 -16.470 1.00 19.71 ? 190 ALA A N   1 
ATOM   1364 C  CA  . ALA A 1 190 ? 1.847   -14.691 -17.242 1.00 20.79 ? 190 ALA A CA  1 
ATOM   1365 C  C   . ALA A 1 190 ? 2.198   -13.360 -16.589 1.00 19.74 ? 190 ALA A C   1 
ATOM   1366 O  O   . ALA A 1 190 ? 2.614   -12.445 -17.322 1.00 20.78 ? 190 ALA A O   1 
ATOM   1367 C  CB  . ALA A 1 190 ? 0.356   -14.700 -17.595 1.00 19.72 ? 190 ALA A CB  1 
ATOM   1368 N  N   . TYR A 1 191 ? 2.125   -13.224 -15.288 1.00 19.98 ? 191 TYR A N   1 
ATOM   1369 C  CA  . TYR A 1 191 ? 2.486   -11.943 -14.643 1.00 18.95 ? 191 TYR A CA  1 
ATOM   1370 C  C   . TYR A 1 191 ? 3.853   -11.978 -13.994 1.00 20.79 ? 191 TYR A C   1 
ATOM   1371 O  O   . TYR A 1 191 ? 4.182   -11.102 -13.169 1.00 21.03 ? 191 TYR A O   1 
ATOM   1372 C  CB  . TYR A 1 191 ? 1.445   -11.627 -13.559 1.00 18.91 ? 191 TYR A CB  1 
ATOM   1373 C  CG  . TYR A 1 191 ? 0.063   -11.314 -14.041 1.00 18.01 ? 191 TYR A CG  1 
ATOM   1374 C  CD1 . TYR A 1 191 ? -0.884  -12.259 -14.381 1.00 18.81 ? 191 TYR A CD1 1 
ATOM   1375 C  CD2 . TYR A 1 191 ? -0.368  -9.972  -14.128 1.00 19.74 ? 191 TYR A CD2 1 
ATOM   1376 C  CE1 . TYR A 1 191 ? -2.148  -11.969 -14.821 1.00 18.11 ? 191 TYR A CE1 1 
ATOM   1377 C  CE2 . TYR A 1 191 ? -1.613  -9.666  -14.568 1.00 17.63 ? 191 TYR A CE2 1 
ATOM   1378 C  CZ  . TYR A 1 191 ? -2.534  -10.632 -14.916 1.00 17.12 ? 191 TYR A CZ  1 
ATOM   1379 O  OH  . TYR A 1 191 ? -3.782  -10.284 -15.316 1.00 18.93 ? 191 TYR A OH  1 
ATOM   1380 N  N   . SER A 1 192 ? 4.717   -12.939 -14.315 1.00 20.37 ? 192 SER A N   1 
ATOM   1381 C  CA  . SER A 1 192 ? 6.032   -13.038 -13.693 1.00 22.21 ? 192 SER A CA  1 
ATOM   1382 C  C   . SER A 1 192 ? 6.916   -11.809 -13.908 1.00 22.90 ? 192 SER A C   1 
ATOM   1383 O  O   . SER A 1 192 ? 7.698   -11.490 -13.005 1.00 23.72 ? 192 SER A O   1 
ATOM   1384 C  CB  . SER A 1 192 ? 6.809   -14.282 -14.159 1.00 23.43 ? 192 SER A CB  1 
ATOM   1385 O  OG  . SER A 1 192 ? 6.927   -14.211 -15.579 1.00 26.92 ? 192 SER A OG  1 
ATOM   1386 N  N   . HIS A 1 193 ? 6.862   -11.155 -15.049 1.00 22.97 ? 193 HIS A N   1 
ATOM   1387 C  CA  . HIS A 1 193 ? 7.660   -9.962  -15.308 1.00 26.50 ? 193 HIS A CA  1 
ATOM   1388 C  C   . HIS A 1 193 ? 6.891   -8.657  -15.197 1.00 26.22 ? 193 HIS A C   1 
ATOM   1389 O  O   . HIS A 1 193 ? 7.462   -7.599  -15.528 1.00 27.00 ? 193 HIS A O   1 
ATOM   1390 C  CB  . HIS A 1 193 ? 8.207   -10.041 -16.763 1.00 27.62 ? 193 HIS A CB  1 
ATOM   1391 C  CG  . HIS A 1 193 ? 9.045   -11.266 -17.005 1.00 30.52 ? 193 HIS A CG  1 
ATOM   1392 N  ND1 . HIS A 1 193 ? 9.377   -12.136 -15.990 1.00 34.07 ? 193 HIS A ND1 1 
ATOM   1393 C  CD2 . HIS A 1 193 ? 9.666   -11.741 -18.108 1.00 33.06 ? 193 HIS A CD2 1 
ATOM   1394 C  CE1 . HIS A 1 193 ? 10.113  -13.117 -16.473 1.00 33.69 ? 193 HIS A CE1 1 
ATOM   1395 N  NE2 . HIS A 1 193 ? 10.317  -12.905 -17.754 1.00 32.87 ? 193 HIS A NE2 1 
ATOM   1396 N  N   . THR A 1 194 ? 5.617   -8.684  -14.827 1.00 23.67 ? 194 THR A N   1 
ATOM   1397 C  CA  . THR A 1 194 ? 4.793   -7.482  -14.791 1.00 22.17 ? 194 THR A CA  1 
ATOM   1398 C  C   . THR A 1 194 ? 5.268   -6.442  -13.809 1.00 21.23 ? 194 THR A C   1 
ATOM   1399 O  O   . THR A 1 194 ? 5.404   -5.263  -14.189 1.00 20.94 ? 194 THR A O   1 
ATOM   1400 C  CB  . THR A 1 194 ? 3.344   -7.892  -14.445 1.00 22.81 ? 194 THR A CB  1 
ATOM   1401 O  OG1 . THR A 1 194 ? 2.838   -8.593  -15.610 1.00 24.01 ? 194 THR A OG1 1 
ATOM   1402 C  CG2 . THR A 1 194 ? 2.429   -6.725  -14.119 1.00 22.90 ? 194 THR A CG2 1 
ATOM   1403 N  N   . ASN A 1 195 ? 5.567   -6.828  -12.579 1.00 18.54 ? 195 ASN A N   1 
ATOM   1404 C  CA  . ASN A 1 195 ? 5.926   -5.768  -11.606 1.00 16.54 ? 195 ASN A CA  1 
ATOM   1405 C  C   . ASN A 1 195 ? 7.187   -5.017  -11.961 1.00 17.34 ? 195 ASN A C   1 
ATOM   1406 O  O   . ASN A 1 195 ? 7.284   -3.783  -11.787 1.00 16.20 ? 195 ASN A O   1 
ATOM   1407 C  CB  . ASN A 1 195 ? 6.020   -6.356  -10.189 1.00 16.28 ? 195 ASN A CB  1 
ATOM   1408 C  CG  . ASN A 1 195 ? 5.917   -5.184  -9.192  1.00 16.61 ? 195 ASN A CG  1 
ATOM   1409 O  OD1 . ASN A 1 195 ? 4.866   -4.534  -9.118  1.00 17.03 ? 195 ASN A OD1 1 
ATOM   1410 N  ND2 . ASN A 1 195 ? 6.997   -5.016  -8.467  1.00 16.03 ? 195 ASN A ND2 1 
ATOM   1411 N  N   . GLU A 1 196 ? 8.238   -5.715  -12.415 1.00 17.97 ? 196 GLU A N   1 
ATOM   1412 C  CA  . GLU A 1 196 ? 9.489   -5.002  -12.716 1.00 19.09 ? 196 GLU A CA  1 
ATOM   1413 C  C   . GLU A 1 196 ? 9.301   -4.032  -13.879 1.00 18.99 ? 196 GLU A C   1 
ATOM   1414 O  O   . GLU A 1 196 ? 9.895   -2.951  -13.870 1.00 17.03 ? 196 GLU A O   1 
ATOM   1415 C  CB  . GLU A 1 196 ? 10.626  -5.991  -12.968 1.00 23.02 ? 196 GLU A CB  1 
ATOM   1416 C  CG  . GLU A 1 196 ? 10.251  -7.072  -13.966 1.00 30.44 ? 196 GLU A CG  1 
ATOM   1417 C  CD  . GLU A 1 196 ? 11.234  -8.229  -13.994 1.00 33.15 ? 196 GLU A CD  1 
ATOM   1418 O  OE1 . GLU A 1 196 ? 12.361  -8.086  -13.460 1.00 35.42 ? 196 GLU A OE1 1 
ATOM   1419 O  OE2 . GLU A 1 196 ? 10.857  -9.274  -14.568 1.00 36.29 ? 196 GLU A OE2 1 
ATOM   1420 N  N   . ALA A 1 197 ? 8.442   -4.385  -14.827 1.00 17.44 ? 197 ALA A N   1 
ATOM   1421 C  CA  . ALA A 1 197 ? 8.172   -3.473  -15.938 1.00 18.50 ? 197 ALA A CA  1 
ATOM   1422 C  C   . ALA A 1 197 ? 7.408   -2.279  -15.399 1.00 17.66 ? 197 ALA A C   1 
ATOM   1423 O  O   . ALA A 1 197 ? 7.656   -1.111  -15.745 1.00 18.07 ? 197 ALA A O   1 
ATOM   1424 C  CB  . ALA A 1 197 ? 7.347   -4.191  -16.986 1.00 19.92 ? 197 ALA A CB  1 
ATOM   1425 N  N   . VAL A 1 198 ? 6.372   -2.533  -14.590 1.00 16.09 ? 198 VAL A N   1 
ATOM   1426 C  CA  . VAL A 1 198 ? 5.581   -1.467  -14.010 1.00 14.46 ? 198 VAL A CA  1 
ATOM   1427 C  C   . VAL A 1 198 ? 6.378   -0.477  -13.188 1.00 13.06 ? 198 VAL A C   1 
ATOM   1428 O  O   . VAL A 1 198 ? 6.196   0.767   -13.211 1.00 14.90 ? 198 VAL A O   1 
ATOM   1429 C  CB  . VAL A 1 198 ? 4.421   -2.059  -13.167 1.00 15.46 ? 198 VAL A CB  1 
ATOM   1430 C  CG1 . VAL A 1 198 ? 3.577   -0.993  -12.528 1.00 18.31 ? 198 VAL A CG1 1 
ATOM   1431 C  CG2 . VAL A 1 198 ? 3.573   -2.937  -14.106 1.00 14.15 ? 198 VAL A CG2 1 
ATOM   1432 N  N   . VAL A 1 199 ? 7.293   -0.971  -12.356 1.00 13.05 ? 199 VAL A N   1 
ATOM   1433 C  CA  . VAL A 1 199 ? 8.126   -0.125  -11.512 1.00 11.68 ? 199 VAL A CA  1 
ATOM   1434 C  C   . VAL A 1 199 ? 9.073   0.693   -12.399 1.00 13.28 ? 199 VAL A C   1 
ATOM   1435 O  O   . VAL A 1 199 ? 9.182   1.927   -12.217 1.00 12.85 ? 199 VAL A O   1 
ATOM   1436 C  CB  . VAL A 1 199 ? 8.941   -1.013  -10.537 1.00 11.68 ? 199 VAL A CB  1 
ATOM   1437 C  CG1 . VAL A 1 199 ? 10.043  -0.201  -9.878  1.00 13.15 ? 199 VAL A CG1 1 
ATOM   1438 C  CG2 . VAL A 1 199 ? 7.961   -1.532  -9.482  1.00 14.97 ? 199 VAL A CG2 1 
ATOM   1439 N  N   . TYR A 1 200 ? 9.623   0.070   -13.444 1.00 13.85 ? 200 TYR A N   1 
ATOM   1440 C  CA  . TYR A 1 200 ? 10.477  0.856   -14.347 1.00 17.12 ? 200 TYR A CA  1 
ATOM   1441 C  C   . TYR A 1 200 ? 9.709   2.021   -14.968 1.00 15.76 ? 200 TYR A C   1 
ATOM   1442 O  O   . TYR A 1 200 ? 10.120  3.208   -14.955 1.00 15.80 ? 200 TYR A O   1 
ATOM   1443 C  CB  . TYR A 1 200 ? 11.033  -0.039  -15.460 1.00 20.56 ? 200 TYR A CB  1 
ATOM   1444 C  CG  . TYR A 1 200 ? 11.414  0.698   -16.727 1.00 27.66 ? 200 TYR A CG  1 
ATOM   1445 C  CD1 . TYR A 1 200 ? 12.667  1.198   -16.933 1.00 30.13 ? 200 TYR A CD1 1 
ATOM   1446 C  CD2 . TYR A 1 200 ? 10.458  0.900   -17.715 1.00 29.56 ? 200 TYR A CD2 1 
ATOM   1447 C  CE1 . TYR A 1 200 ? 12.995  1.877   -18.097 1.00 30.05 ? 200 TYR A CE1 1 
ATOM   1448 C  CE2 . TYR A 1 200 ? 10.738  1.586   -18.882 1.00 32.86 ? 200 TYR A CE2 1 
ATOM   1449 C  CZ  . TYR A 1 200 ? 12.021  2.080   -19.052 1.00 32.96 ? 200 TYR A CZ  1 
ATOM   1450 O  OH  . TYR A 1 200 ? 12.335  2.777   -20.200 1.00 36.84 ? 200 TYR A OH  1 
ATOM   1451 N  N   . VAL A 1 201 ? 8.527   1.690   -15.462 1.00 16.14 ? 201 VAL A N   1 
ATOM   1452 C  CA  . VAL A 1 201 ? 7.670   2.732   -16.101 1.00 14.44 ? 201 VAL A CA  1 
ATOM   1453 C  C   . VAL A 1 201 ? 7.341   3.815   -15.121 1.00 15.87 ? 201 VAL A C   1 
ATOM   1454 O  O   . VAL A 1 201 ? 7.415   5.030   -15.334 1.00 15.29 ? 201 VAL A O   1 
ATOM   1455 C  CB  . VAL A 1 201 ? 6.380   2.082   -16.643 1.00 16.92 ? 201 VAL A CB  1 
ATOM   1456 C  CG1 . VAL A 1 201 ? 5.396   3.165   -17.108 1.00 18.43 ? 201 VAL A CG1 1 
ATOM   1457 C  CG2 . VAL A 1 201 ? 6.758   1.155   -17.780 1.00 17.63 ? 201 VAL A CG2 1 
ATOM   1458 N  N   . ASN A 1 202 ? 6.859   3.452   -13.928 1.00 14.78 ? 202 ASN A N   1 
ATOM   1459 C  CA  . ASN A 1 202 ? 6.400   4.391   -12.930 1.00 14.20 ? 202 ASN A CA  1 
ATOM   1460 C  C   . ASN A 1 202 ? 7.453   5.255   -12.304 1.00 14.07 ? 202 ASN A C   1 
ATOM   1461 O  O   . ASN A 1 202 ? 7.241   6.434   -12.044 1.00 13.77 ? 202 ASN A O   1 
ATOM   1462 C  CB  . ASN A 1 202 ? 5.518   3.726   -11.853 1.00 15.98 ? 202 ASN A CB  1 
ATOM   1463 C  CG  . ASN A 1 202 ? 4.092   3.506   -12.358 1.00 19.28 ? 202 ASN A CG  1 
ATOM   1464 O  OD1 . ASN A 1 202 ? 3.265   4.388   -12.074 1.00 19.17 ? 202 ASN A OD1 1 
ATOM   1465 N  ND2 . ASN A 1 202 ? 3.867   2.416   -13.070 1.00 18.98 ? 202 ASN A ND2 1 
ATOM   1466 N  N   . VAL A 1 203 ? 8.693   4.722   -12.146 1.00 14.39 ? 203 VAL A N   1 
ATOM   1467 C  CA  . VAL A 1 203 ? 9.783   5.615   -11.713 1.00 13.13 ? 203 VAL A CA  1 
ATOM   1468 C  C   . VAL A 1 203 ? 10.099  6.638   -12.794 1.00 13.71 ? 203 VAL A C   1 
ATOM   1469 O  O   . VAL A 1 203 ? 10.296  7.820   -12.470 1.00 13.80 ? 203 VAL A O   1 
ATOM   1470 C  CB  A VAL A 1 203 ? 10.997  4.686   -11.468 0.70 12.10 ? 203 VAL A CB  1 
ATOM   1471 C  CB  B VAL A 1 203 ? 11.035  4.817   -11.320 0.30 13.24 ? 203 VAL A CB  1 
ATOM   1472 C  CG1 A VAL A 1 203 ? 12.328  5.395   -11.465 0.70 12.23 ? 203 VAL A CG1 1 
ATOM   1473 C  CG1 B VAL A 1 203 ? 11.560  3.979   -12.471 0.30 13.82 ? 203 VAL A CG1 1 
ATOM   1474 C  CG2 A VAL A 1 203 ? 10.773  3.927   -10.177 0.70 11.36 ? 203 VAL A CG2 1 
ATOM   1475 C  CG2 B VAL A 1 203 ? 12.116  5.784   -10.854 0.30 13.48 ? 203 VAL A CG2 1 
ATOM   1476 N  N   . HIS A 1 204 ? 10.037  6.244   -14.057 1.00 14.53 ? 204 HIS A N   1 
ATOM   1477 C  CA  . HIS A 1 204 ? 10.213  7.235   -15.135 1.00 13.70 ? 204 HIS A CA  1 
ATOM   1478 C  C   . HIS A 1 204 ? 9.050   8.196   -15.216 1.00 15.68 ? 204 HIS A C   1 
ATOM   1479 O  O   . HIS A 1 204 ? 9.271   9.405   -15.471 1.00 14.25 ? 204 HIS A O   1 
ATOM   1480 C  CB  . HIS A 1 204 ? 10.458  6.525   -16.475 1.00 16.20 ? 204 HIS A CB  1 
ATOM   1481 C  CG  . HIS A 1 204 ? 11.856  5.957   -16.579 1.00 15.81 ? 204 HIS A CG  1 
ATOM   1482 N  ND1 . HIS A 1 204 ? 12.190  4.716   -16.062 1.00 16.80 ? 204 HIS A ND1 1 
ATOM   1483 C  CD2 . HIS A 1 204 ? 12.996  6.478   -17.103 1.00 17.62 ? 204 HIS A CD2 1 
ATOM   1484 C  CE1 . HIS A 1 204 ? 13.487  4.515   -16.290 1.00 18.80 ? 204 HIS A CE1 1 
ATOM   1485 N  NE2 . HIS A 1 204 ? 13.995  5.557   -16.942 1.00 17.25 ? 204 HIS A NE2 1 
ATOM   1486 N  N   . LEU A 1 205 ? 7.812   7.786   -14.970 1.00 14.54 ? 205 LEU A N   1 
ATOM   1487 C  CA  . LEU A 1 205 ? 6.687   8.720   -14.980 1.00 14.96 ? 205 LEU A CA  1 
ATOM   1488 C  C   . LEU A 1 205 ? 6.789   9.715   -13.844 1.00 13.75 ? 205 LEU A C   1 
ATOM   1489 O  O   . LEU A 1 205 ? 6.541   10.932  -14.002 1.00 13.48 ? 205 LEU A O   1 
ATOM   1490 C  CB  . LEU A 1 205 ? 5.366   7.933   -14.897 1.00 14.76 ? 205 LEU A CB  1 
ATOM   1491 C  CG  . LEU A 1 205 ? 4.870   7.298   -16.165 1.00 15.56 ? 205 LEU A CG  1 
ATOM   1492 C  CD1 . LEU A 1 205 ? 3.596   6.480   -15.841 1.00 17.38 ? 205 LEU A CD1 1 
ATOM   1493 C  CD2 . LEU A 1 205 ? 4.520   8.340   -17.239 1.00 16.28 ? 205 LEU A CD2 1 
ATOM   1494 N  N   . ALA A 1 206 ? 7.169   9.298   -12.631 1.00 13.43 ? 206 ALA A N   1 
ATOM   1495 C  CA  . ALA A 1 206 ? 7.318   10.213  -11.517 1.00 13.52 ? 206 ALA A CA  1 
ATOM   1496 C  C   . ALA A 1 206 ? 8.309   11.324  -11.916 1.00 13.86 ? 206 ALA A C   1 
ATOM   1497 O  O   . ALA A 1 206 ? 8.067   12.518  -11.694 1.00 16.78 ? 206 ALA A O   1 
ATOM   1498 C  CB  . ALA A 1 206 ? 7.814   9.512   -10.252 1.00 13.34 ? 206 ALA A CB  1 
ATOM   1499 N  N   . GLU A 1 207 ? 9.443   10.955  -12.501 1.00 13.79 ? 207 GLU A N   1 
ATOM   1500 C  CA  . GLU A 1 207 ? 10.435  11.974  -12.892 1.00 14.61 ? 207 GLU A CA  1 
ATOM   1501 C  C   . GLU A 1 207 ? 9.892   12.858  -14.016 1.00 14.14 ? 207 GLU A C   1 
ATOM   1502 O  O   . GLU A 1 207 ? 10.071  14.088  -13.944 1.00 15.57 ? 207 GLU A O   1 
ATOM   1503 C  CB  . GLU A 1 207 ? 11.730  11.297  -13.330 1.00 18.03 ? 207 GLU A CB  1 
ATOM   1504 C  CG  . GLU A 1 207 ? 12.760  12.271  -13.948 1.00 23.02 ? 207 GLU A CG  1 
ATOM   1505 C  CD  . GLU A 1 207 ? 13.231  13.282  -12.941 1.00 25.82 ? 207 GLU A CD  1 
ATOM   1506 O  OE1 . GLU A 1 207 ? 13.036  13.114  -11.723 1.00 28.18 ? 207 GLU A OE1 1 
ATOM   1507 O  OE2 . GLU A 1 207 ? 13.806  14.343  -13.316 1.00 26.81 ? 207 GLU A OE2 1 
ATOM   1508 N  N   . GLY A 1 208 ? 9.231   12.317  -15.027 1.00 14.02 ? 208 GLY A N   1 
ATOM   1509 C  CA  . GLY A 1 208 ? 8.664   13.168  -16.075 1.00 13.61 ? 208 GLY A CA  1 
ATOM   1510 C  C   . GLY A 1 208 ? 7.629   14.107  -15.498 1.00 13.77 ? 208 GLY A C   1 
ATOM   1511 O  O   . GLY A 1 208 ? 7.569   15.322  -15.772 1.00 13.17 ? 208 GLY A O   1 
ATOM   1512 N  N   . TYR A 1 209 ? 6.738   13.588  -14.617 1.00 12.92 ? 209 TYR A N   1 
ATOM   1513 C  CA  . TYR A 1 209 ? 5.730   14.464  -14.024 1.00 13.14 ? 209 TYR A CA  1 
ATOM   1514 C  C   . TYR A 1 209 ? 6.371   15.514  -13.117 1.00 14.38 ? 209 TYR A C   1 
ATOM   1515 O  O   . TYR A 1 209 ? 5.945   16.650  -13.030 1.00 16.62 ? 209 TYR A O   1 
ATOM   1516 C  CB  . TYR A 1 209 ? 4.676   13.675  -13.220 1.00 14.37 ? 209 TYR A CB  1 
ATOM   1517 C  CG  . TYR A 1 209 ? 3.599   13.086  -14.109 1.00 13.43 ? 209 TYR A CG  1 
ATOM   1518 C  CD1 . TYR A 1 209 ? 3.461   11.696  -14.214 1.00 12.70 ? 209 TYR A CD1 1 
ATOM   1519 C  CD2 . TYR A 1 209 ? 2.691   13.871  -14.776 1.00 13.33 ? 209 TYR A CD2 1 
ATOM   1520 C  CE1 . TYR A 1 209 ? 2.485   11.104  -15.009 1.00 13.17 ? 209 TYR A CE1 1 
ATOM   1521 C  CE2 . TYR A 1 209 ? 1.729   13.321  -15.589 1.00 14.27 ? 209 TYR A CE2 1 
ATOM   1522 C  CZ  . TYR A 1 209 ? 1.589   11.932  -15.663 1.00 12.31 ? 209 TYR A CZ  1 
ATOM   1523 O  OH  . TYR A 1 209 ? 0.608   11.410  -16.475 1.00 12.90 ? 209 TYR A OH  1 
ATOM   1524 N  N   . LYS A 1 210 ? 7.462   15.165  -12.406 1.00 13.40 ? 210 LYS A N   1 
ATOM   1525 C  CA  . LYS A 1 210 ? 8.112   16.132  -11.522 1.00 15.93 ? 210 LYS A CA  1 
ATOM   1526 C  C   . LYS A 1 210 ? 8.615   17.315  -12.377 1.00 15.79 ? 210 LYS A C   1 
ATOM   1527 O  O   . LYS A 1 210 ? 8.708   18.411  -11.818 1.00 17.14 ? 210 LYS A O   1 
ATOM   1528 C  CB  . LYS A 1 210 ? 9.291   15.545  -10.770 1.00 19.56 ? 210 LYS A CB  1 
ATOM   1529 C  CG  . LYS A 1 210 ? 9.036   14.618  -9.628  1.00 24.10 ? 210 LYS A CG  1 
ATOM   1530 C  CD  . LYS A 1 210 ? 8.315   15.278  -8.489  1.00 25.59 ? 210 LYS A CD  1 
ATOM   1531 C  CE  . LYS A 1 210 ? 9.017   16.361  -7.713  1.00 26.91 ? 210 LYS A CE  1 
ATOM   1532 N  NZ  . LYS A 1 210 ? 8.337   16.596  -6.399  1.00 28.83 ? 210 LYS A NZ  1 
ATOM   1533 N  N   . GLU A 1 211 ? 8.998   17.037  -13.621 1.00 15.30 ? 211 GLU A N   1 
ATOM   1534 C  CA  . GLU A 1 211 ? 9.540   18.092  -14.482 1.00 15.96 ? 211 GLU A CA  1 
ATOM   1535 C  C   . GLU A 1 211 ? 8.452   18.993  -15.032 1.00 19.34 ? 211 GLU A C   1 
ATOM   1536 O  O   . GLU A 1 211 ? 8.802   19.954  -15.710 1.00 20.09 ? 211 GLU A O   1 
ATOM   1537 C  CB  . GLU A 1 211 ? 10.394  17.473  -15.575 1.00 14.81 ? 211 GLU A CB  1 
ATOM   1538 C  CG  . GLU A 1 211 ? 11.644  16.792  -15.021 1.00 16.65 ? 211 GLU A CG  1 
ATOM   1539 C  CD  . GLU A 1 211 ? 12.407  15.978  -16.039 1.00 18.05 ? 211 GLU A CD  1 
ATOM   1540 O  OE1 . GLU A 1 211 ? 12.056  15.882  -17.227 1.00 18.90 ? 211 GLU A OE1 1 
ATOM   1541 O  OE2 . GLU A 1 211 ? 13.413  15.346  -15.649 1.00 20.94 ? 211 GLU A OE2 1 
ATOM   1542 N  N   . THR A 1 212 ? 7.195   18.808  -14.702 1.00 21.02 ? 212 THR A N   1 
ATOM   1543 C  CA  . THR A 1 212 ? 6.051   19.574  -15.132 1.00 23.47 ? 212 THR A CA  1 
ATOM   1544 C  C   . THR A 1 212 ? 5.538   20.415  -13.975 1.00 25.62 ? 212 THR A C   1 
ATOM   1545 O  O   . THR A 1 212 ? 4.641   21.200  -14.253 1.00 26.83 ? 212 THR A O   1 
ATOM   1546 C  CB  . THR A 1 212 ? 4.845   18.701  -15.544 1.00 25.83 ? 212 THR A CB  1 
ATOM   1547 O  OG1 . THR A 1 212 ? 4.155   18.188  -14.363 1.00 25.70 ? 212 THR A OG1 1 
ATOM   1548 C  CG2 . THR A 1 212 ? 5.282   17.499  -16.366 1.00 24.52 ? 212 THR A CG2 1 
ATOM   1549 N  N   . SER A 1 213 ? 6.061   20.226  -12.788 1.00 27.71 ? 213 SER A N   1 
ATOM   1550 C  CA  . SER A 1 213 ? 5.529   20.986  -11.658 1.00 31.44 ? 213 SER A CA  1 
ATOM   1551 C  C   . SER A 1 213 ? 6.417   22.124  -11.217 1.00 32.15 ? 213 SER A C   1 
ATOM   1552 O  O   . SER A 1 213 ? 6.083   22.805  -10.213 1.00 34.52 ? 213 SER A O   1 
ATOM   1553 C  CB  . SER A 1 213 ? 5.289   20.017  -10.490 1.00 33.84 ? 213 SER A CB  1 
ATOM   1554 O  OG  . SER A 1 213 ? 6.547   19.486  -10.086 1.00 36.10 ? 213 SER A OG  1 
ATOM   1555 O  OXT . SER A 1 213 ? 7.454   22.344  -11.859 1.00 32.07 ? 213 SER A OXT 1 
HETATM 1556 S  S   . SO4 B 2 .   ? -12.921 2.832   8.739   0.40 22.38 ? 215 SO4 A S   1 
HETATM 1557 O  O1  . SO4 B 2 .   ? -13.244 3.543   10.000  0.40 21.44 ? 215 SO4 A O1  1 
HETATM 1558 O  O2  . SO4 B 2 .   ? -13.862 1.731   8.404   0.40 22.37 ? 215 SO4 A O2  1 
HETATM 1559 O  O3  . SO4 B 2 .   ? -13.034 3.903   7.657   0.40 22.42 ? 215 SO4 A O3  1 
HETATM 1560 O  O4  . SO4 B 2 .   ? -11.490 2.307   8.849   0.40 18.91 ? 215 SO4 A O4  1 
HETATM 1561 CO CO  . CO  C 3 .   ? -11.045 2.570   6.475   1.00 12.41 ? 214 CO  A CO  1 
HETATM 1562 O  O   . HOH D 4 .   ? -6.546  11.226  1.563   1.00 11.12 ? 216 HOH A O   1 
HETATM 1563 O  O   . HOH D 4 .   ? -13.146 7.028   7.505   1.00 14.65 ? 217 HOH A O   1 
HETATM 1564 O  O   . HOH D 4 .   ? 7.072   5.246   -9.094  1.00 15.20 ? 218 HOH A O   1 
HETATM 1565 O  O   . HOH D 4 .   ? 7.140   2.421   -9.352  1.00 15.68 ? 219 HOH A O   1 
HETATM 1566 O  O   . HOH D 4 .   ? 12.458  -2.652  -12.876 1.00 17.71 ? 220 HOH A O   1 
HETATM 1567 O  O   . HOH D 4 .   ? -4.846  -0.656  11.083  1.00 15.64 ? 221 HOH A O   1 
HETATM 1568 O  O   . HOH D 4 .   ? -10.657 -18.895 -1.893  1.00 32.54 ? 222 HOH A O   1 
HETATM 1569 O  O   . HOH D 4 .   ? -6.397  12.042  12.630  1.00 21.44 ? 223 HOH A O   1 
HETATM 1570 O  O   . HOH D 4 .   ? -11.250 5.214   -5.365  1.00 17.81 ? 224 HOH A O   1 
HETATM 1571 O  O   . HOH D 4 .   ? -8.602  19.092  13.877  1.00 19.20 ? 225 HOH A O   1 
HETATM 1572 O  O   . HOH D 4 .   ? -0.068  9.197   -12.443 1.00 23.47 ? 226 HOH A O   1 
HETATM 1573 O  O   . HOH D 4 .   ? -0.374  11.924  -12.861 1.00 17.91 ? 227 HOH A O   1 
HETATM 1574 O  O   . HOH D 4 .   ? -8.603  15.918  0.058   1.00 21.02 ? 228 HOH A O   1 
HETATM 1575 O  O   . HOH D 4 .   ? 14.082  8.867   -11.691 1.00 19.91 ? 229 HOH A O   1 
HETATM 1576 O  O   . HOH D 4 .   ? -6.108  5.721   8.758   1.00 17.54 ? 230 HOH A O   1 
HETATM 1577 O  O   . HOH D 4 .   ? -5.483  -12.394 -14.898 1.00 17.24 ? 231 HOH A O   1 
HETATM 1578 O  O   . HOH D 4 .   ? 5.462   -9.407  -11.297 1.00 20.84 ? 232 HOH A O   1 
HETATM 1579 O  O   . HOH D 4 .   ? -0.463  -7.724  23.199  1.00 37.25 ? 233 HOH A O   1 
HETATM 1580 O  O   . HOH D 4 .   ? 11.697  9.065   -10.369 1.00 19.07 ? 234 HOH A O   1 
HETATM 1581 O  O   . HOH D 4 .   ? 2.056   18.558  -11.671 1.00 29.38 ? 235 HOH A O   1 
HETATM 1582 O  O   . HOH D 4 .   ? -12.826 -7.269  11.172  1.00 32.09 ? 236 HOH A O   1 
HETATM 1583 O  O   . HOH D 4 .   ? -0.664  11.786  13.653  1.00 22.51 ? 237 HOH A O   1 
HETATM 1584 O  O   . HOH D 4 .   ? 8.286   -8.702  -11.948 1.00 25.82 ? 238 HOH A O   1 
HETATM 1585 O  O   . HOH D 4 .   ? 10.371  -3.749  2.834   1.00 26.75 ? 239 HOH A O   1 
HETATM 1586 O  O   . HOH D 4 .   ? 11.191  11.623  -9.661  1.00 21.02 ? 240 HOH A O   1 
HETATM 1587 O  O   . HOH D 4 .   ? -12.124 -16.129 -10.068 1.00 28.23 ? 241 HOH A O   1 
HETATM 1588 O  O   . HOH D 4 .   ? -12.977 -16.656 -4.655  1.00 29.89 ? 242 HOH A O   1 
HETATM 1589 O  O   . HOH D 4 .   ? 4.736   16.279  -5.916  1.00 24.71 ? 243 HOH A O   1 
HETATM 1590 O  O   . HOH D 4 .   ? 5.668   -9.637  -8.440  1.00 19.56 ? 244 HOH A O   1 
HETATM 1591 O  O   . HOH D 4 .   ? 4.669   -13.649 3.613   1.00 32.29 ? 245 HOH A O   1 
HETATM 1592 O  O   . HOH D 4 .   ? -5.762  -21.855 -2.336  1.00 29.01 ? 246 HOH A O   1 
HETATM 1593 O  O   . HOH D 4 .   ? 15.287  5.663   -13.597 1.00 29.94 ? 247 HOH A O   1 
HETATM 1594 O  O   . HOH D 4 .   ? 1.168   5.613   -9.839  1.00 16.29 ? 248 HOH A O   1 
HETATM 1595 O  O   . HOH D 4 .   ? 14.999  4.134   -20.473 1.00 36.72 ? 249 HOH A O   1 
HETATM 1596 O  O   . HOH D 4 .   ? 16.175  2.682   -1.856  1.00 34.89 ? 250 HOH A O   1 
HETATM 1597 O  O   . HOH D 4 .   ? 12.188  2.071   2.362   1.00 32.01 ? 251 HOH A O   1 
HETATM 1598 O  O   . HOH D 4 .   ? -11.986 -1.296  -7.160  1.00 28.45 ? 252 HOH A O   1 
HETATM 1599 O  O   . HOH D 4 .   ? 10.374  10.307  2.885   1.00 24.38 ? 253 HOH A O   1 
HETATM 1600 O  O   . HOH D 4 .   ? -2.517  -10.896 9.435   1.00 36.60 ? 254 HOH A O   1 
HETATM 1601 O  O   . HOH D 4 .   ? 15.064  16.080  -8.860  1.00 28.41 ? 255 HOH A O   1 
HETATM 1602 O  O   . HOH D 4 .   ? 14.764  5.480   -8.607  1.00 26.27 ? 256 HOH A O   1 
HETATM 1603 O  O   . HOH D 4 .   ? 13.712  7.976   -14.270 1.00 27.09 ? 257 HOH A O   1 
HETATM 1604 O  O   . HOH D 4 .   ? -5.892  -14.282 -16.719 1.00 21.99 ? 258 HOH A O   1 
HETATM 1605 O  O   . HOH D 4 .   ? -12.901 -9.214  9.962   1.00 38.34 ? 259 HOH A O   1 
HETATM 1606 O  O   . HOH D 4 .   ? -11.344 3.756   -7.157  1.00 46.91 ? 260 HOH A O   1 
HETATM 1607 O  O   . HOH D 4 .   ? -11.232 -10.769 9.511   1.00 33.58 ? 261 HOH A O   1 
HETATM 1608 O  O   . HOH D 4 .   ? -12.903 1.775   12.026  1.00 32.62 ? 262 HOH A O   1 
HETATM 1609 O  O   . HOH D 4 .   ? 0.054   17.528  -5.134  1.00 26.98 ? 263 HOH A O   1 
HETATM 1610 O  O   . HOH D 4 .   ? 14.257  2.849   -13.723 1.00 28.47 ? 264 HOH A O   1 
HETATM 1611 O  O   . HOH D 4 .   ? -10.760 -13.725 6.593   1.00 23.68 ? 265 HOH A O   1 
HETATM 1612 O  O   . HOH D 4 .   ? -11.547 7.754   -8.806  1.00 20.62 ? 266 HOH A O   1 
HETATM 1613 O  O   . HOH D 4 .   ? -8.838  -16.468 -12.649 1.00 28.02 ? 267 HOH A O   1 
HETATM 1614 O  O   . HOH D 4 .   ? -12.238 1.617   16.507  1.00 30.52 ? 268 HOH A O   1 
HETATM 1615 O  O   . HOH D 4 .   ? -14.560 -3.690  -8.999  1.00 34.34 ? 269 HOH A O   1 
HETATM 1616 O  O   . HOH D 4 .   ? 10.801  10.450  -17.612 1.00 23.87 ? 270 HOH A O   1 
HETATM 1617 O  O   . HOH D 4 .   ? -3.004  -16.316 -14.777 1.00 42.20 ? 271 HOH A O   1 
HETATM 1618 O  O   . HOH D 4 .   ? -2.019  20.899  6.836   1.00 35.37 ? 272 HOH A O   1 
HETATM 1619 O  O   . HOH D 4 .   ? -13.691 -16.731 -0.342  1.00 32.15 ? 273 HOH A O   1 
HETATM 1620 O  O   . HOH D 4 .   ? 3.569   17.672  4.549   1.00 27.76 ? 274 HOH A O   1 
HETATM 1621 O  O   . HOH D 4 .   ? 16.372  8.810   -5.776  1.00 31.13 ? 275 HOH A O   1 
HETATM 1622 O  O   . HOH D 4 .   ? 4.616   9.215   9.013   1.00 33.24 ? 276 HOH A O   1 
HETATM 1623 O  O   . HOH D 4 .   ? -8.334  15.884  -5.467  1.00 24.47 ? 277 HOH A O   1 
HETATM 1624 O  O   . HOH D 4 .   ? -14.454 2.488   18.540  1.00 29.54 ? 278 HOH A O   1 
HETATM 1625 O  O   . HOH D 4 .   ? 4.002   11.864  9.226   1.00 26.62 ? 279 HOH A O   1 
HETATM 1626 O  O   . HOH D 4 .   ? -8.333  19.081  6.864   1.00 31.44 ? 280 HOH A O   1 
HETATM 1627 O  O   . HOH D 4 .   ? -7.570  -18.608 8.428   1.00 33.96 ? 281 HOH A O   1 
HETATM 1628 O  O   . HOH D 4 .   ? -3.108  -14.841 -16.953 1.00 27.67 ? 282 HOH A O   1 
HETATM 1629 O  O   . HOH D 4 .   ? 2.199   -4.729  24.539  1.00 36.81 ? 283 HOH A O   1 
HETATM 1630 O  O   . HOH D 4 .   ? 15.669  10.755  -11.500 1.00 36.98 ? 284 HOH A O   1 
HETATM 1631 O  O   . HOH D 4 .   ? 9.669   -7.285  1.851   1.00 29.10 ? 285 HOH A O   1 
HETATM 1632 O  O   . HOH D 4 .   ? 11.528  4.808   2.040   1.00 36.35 ? 286 HOH A O   1 
HETATM 1633 O  O   . HOH D 4 .   ? 16.329  5.740   -2.692  1.00 30.77 ? 287 HOH A O   1 
HETATM 1634 O  O   . HOH D 4 .   ? -8.230  -16.021 7.928   1.00 32.57 ? 288 HOH A O   1 
HETATM 1635 O  O   . HOH D 4 .   ? -4.171  20.054  -5.489  1.00 28.07 ? 289 HOH A O   1 
HETATM 1636 O  O   . HOH D 4 .   ? 11.928  12.517  3.101   1.00 33.08 ? 290 HOH A O   1 
HETATM 1637 O  O   . HOH D 4 .   ? 12.912  -1.016  15.949  1.00 38.79 ? 291 HOH A O   1 
HETATM 1638 O  O   . HOH D 4 .   ? -7.156  -21.907 7.870   1.00 30.98 ? 292 HOH A O   1 
HETATM 1639 O  O   . HOH D 4 .   ? 7.389   16.176  3.147   1.00 34.20 ? 293 HOH A O   1 
HETATM 1640 O  O   . HOH D 4 .   ? 12.937  -3.566  3.712   1.00 36.58 ? 294 HOH A O   1 
HETATM 1641 O  O   . HOH D 4 .   ? 4.628   -10.958 -17.289 1.00 36.81 ? 295 HOH A O   1 
HETATM 1642 O  O   . HOH D 4 .   ? 3.074   -7.887  12.324  1.00 37.49 ? 296 HOH A O   1 
HETATM 1643 O  O   . HOH D 4 .   ? 10.386  -0.735  8.925   1.00 34.82 ? 297 HOH A O   1 
HETATM 1644 O  O   . HOH D 4 .   ? -14.582 -13.013 -8.340  1.00 37.22 ? 298 HOH A O   1 
HETATM 1645 O  O   . HOH D 4 .   ? 7.610   1.467   15.454  1.00 38.80 ? 299 HOH A O   1 
HETATM 1646 O  O   . HOH D 4 .   ? -13.002 1.511   5.971   1.00 26.70 ? 300 HOH A O   1 
# 
